data_3RIT
#
_entry.id   3RIT
#
_cell.length_a   275.320
_cell.length_b   275.320
_cell.length_c   275.320
_cell.angle_alpha   90.00
_cell.angle_beta   90.00
_cell.angle_gamma   90.00
#
_symmetry.space_group_name_H-M   'I 21 3'
#
loop_
_entity.id
_entity.type
_entity.pdbx_description
1 polymer 'Dipeptide epimerase'
2 non-polymer 'SULFATE ION'
3 non-polymer ARGININE
4 non-polymer D-LYSINE
5 non-polymer 'MAGNESIUM ION'
6 non-polymer 'PENTAETHYLENE GLYCOL'
7 water water
#
_entity_poly.entity_id   1
_entity_poly.type   'polypeptide(L)'
_entity_poly.pdbx_seq_one_letter_code
;MKIADIQVRTEHFPLTRPYRIAFRSIEEIDNLIVEIRTADGLLGLGAASPERHVTGETLEACHAALDHDRLGWLMGRDIR
TLPRLCRELAERLPAAPAARAALDMALHDLVAQCLGLPLVEILGRAHDSLPTSVTIGIKPVEETLAEAREHLALGFRVLK
VKLCGDEEQDFERLRRLHETLAGRAVVRVDPNQSYDRDGLLRLDRLVQELGIEFIEQPFPAGRTDWLRALPKAIRRRIAA
DESLLGPADAFALAAPPAACGIFNIKLMKCGGLAPARRIATIAETAGIDLMWGCMDESRISIAAALHAALACPATRYLDL
DGSFDLARDVAEGGFILEDGRLRVTERPGLGLVYPD
;
_entity_poly.pdbx_strand_id   A,B,C,D,E
#
loop_
_chem_comp.id
_chem_comp.type
_chem_comp.name
_chem_comp.formula
1PE non-polymer 'PENTAETHYLENE GLYCOL' 'C10 H22 O6'
MG non-polymer 'MAGNESIUM ION' 'Mg 2'
SO4 non-polymer 'SULFATE ION' 'O4 S -2'
#
# COMPACT_ATOMS: atom_id res chain seq x y z
N MET A 1 -19.95 1.68 -6.75
CA MET A 1 -21.06 2.55 -7.12
C MET A 1 -20.68 3.85 -7.87
N LYS A 2 -19.41 4.24 -7.87
CA LYS A 2 -18.92 5.07 -8.99
C LYS A 2 -19.49 6.47 -9.25
N ILE A 3 -18.95 7.48 -8.57
CA ILE A 3 -19.23 8.88 -8.87
C ILE A 3 -19.08 9.24 -10.35
N ALA A 4 -20.05 9.98 -10.87
CA ALA A 4 -20.19 10.33 -12.29
C ALA A 4 -20.03 11.83 -12.52
N ASP A 5 -20.82 12.64 -11.82
CA ASP A 5 -20.70 14.08 -11.98
C ASP A 5 -20.68 14.80 -10.61
N ILE A 6 -20.10 15.99 -10.58
CA ILE A 6 -20.21 16.85 -9.40
C ILE A 6 -20.49 18.30 -9.80
N GLN A 7 -21.58 18.86 -9.26
CA GLN A 7 -21.97 20.25 -9.57
C GLN A 7 -21.98 21.09 -8.30
N VAL A 8 -21.60 22.35 -8.42
CA VAL A 8 -21.54 23.24 -7.28
C VAL A 8 -22.07 24.62 -7.61
N ARG A 9 -22.80 25.23 -6.71
CA ARG A 9 -23.34 26.56 -6.95
C ARG A 9 -23.49 27.38 -5.67
N THR A 10 -23.42 28.70 -5.81
CA THR A 10 -23.70 29.60 -4.70
C THR A 10 -25.20 29.83 -4.66
N GLU A 11 -25.77 29.86 -3.46
CA GLU A 11 -27.14 30.32 -3.24
C GLU A 11 -27.11 31.41 -2.19
N HIS A 12 -27.89 32.46 -2.40
CA HIS A 12 -28.01 33.53 -1.43
C HIS A 12 -29.37 33.43 -0.73
N PHE A 13 -29.35 33.26 0.59
CA PHE A 13 -30.55 33.16 1.40
C PHE A 13 -30.67 34.41 2.30
N PRO A 14 -31.74 35.19 2.12
CA PRO A 14 -31.95 36.23 3.13
C PRO A 14 -32.61 35.64 4.38
N LEU A 15 -32.37 36.24 5.55
CA LEU A 15 -33.06 35.80 6.75
C LEU A 15 -34.41 36.50 6.91
N THR A 16 -35.42 35.75 7.36
CA THR A 16 -36.69 36.38 7.75
C THR A 16 -36.52 37.13 9.08
N ARG A 17 -35.49 36.78 9.85
CA ARG A 17 -35.23 37.42 11.15
C ARG A 17 -33.74 37.74 11.43
N PRO A 18 -33.26 38.92 11.02
CA PRO A 18 -31.86 39.28 11.33
C PRO A 18 -31.61 39.30 12.84
N TYR A 19 -30.37 39.05 13.27
CA TYR A 19 -30.05 38.93 14.69
C TYR A 19 -28.59 39.32 14.98
N ARG A 20 -28.27 39.61 16.24
CA ARG A 20 -26.93 40.04 16.63
C ARG A 20 -26.25 39.01 17.52
N ILE A 21 -24.97 38.74 17.23
CA ILE A 21 -24.15 37.90 18.10
C ILE A 21 -23.08 38.82 18.65
N ALA A 22 -22.46 38.44 19.75
CA ALA A 22 -21.45 39.30 20.36
C ALA A 22 -20.38 39.67 19.32
N PHE A 23 -20.21 40.96 19.10
CA PHE A 23 -19.24 41.47 18.13
C PHE A 23 -19.64 41.31 16.63
N ARG A 24 -20.79 40.73 16.30
CA ARG A 24 -21.07 40.36 14.89
C ARG A 24 -22.26 40.93 14.03
N SER A 25 -23.52 40.66 14.38
CA SER A 25 -24.70 41.16 13.59
C SER A 25 -25.03 40.64 12.13
N ILE A 26 -25.69 39.47 12.01
CA ILE A 26 -26.10 38.80 10.73
C ILE A 26 -27.49 39.15 10.09
N GLU A 27 -27.49 39.71 8.87
CA GLU A 27 -28.75 39.90 8.08
C GLU A 27 -29.12 38.88 7.00
N GLU A 28 -28.18 38.04 6.59
CA GLU A 28 -28.40 37.09 5.50
C GLU A 28 -27.23 36.13 5.43
N ILE A 29 -27.31 35.14 4.54
CA ILE A 29 -26.25 34.14 4.46
C ILE A 29 -26.09 33.56 3.06
N ASP A 30 -24.86 33.24 2.69
CA ASP A 30 -24.61 32.51 1.45
C ASP A 30 -24.20 31.06 1.78
N ASN A 31 -24.66 30.11 0.98
CA ASN A 31 -24.28 28.70 1.11
C ASN A 31 -23.78 28.17 -0.22
N LEU A 32 -22.96 27.14 -0.20
CA LEU A 32 -22.57 26.48 -1.43
C LEU A 32 -23.34 25.19 -1.41
N ILE A 33 -23.95 24.84 -2.54
CA ILE A 33 -24.73 23.61 -2.64
C ILE A 33 -24.00 22.66 -3.55
N VAL A 34 -23.97 21.38 -3.19
CA VAL A 34 -23.13 20.41 -3.87
C VAL A 34 -23.96 19.19 -4.27
N GLU A 35 -23.88 18.84 -5.55
CA GLU A 35 -24.64 17.71 -6.09
C GLU A 35 -23.70 16.67 -6.65
N ILE A 36 -23.71 15.49 -6.05
CA ILE A 36 -22.92 14.39 -6.55
C ILE A 36 -23.84 13.34 -7.17
N ARG A 37 -23.70 13.11 -8.46
CA ARG A 37 -24.49 12.06 -9.10
C ARG A 37 -23.65 10.83 -9.38
N THR A 38 -24.31 9.69 -9.24
CA THR A 38 -23.70 8.40 -9.40
C THR A 38 -23.81 8.03 -10.87
N ALA A 39 -23.18 6.94 -11.29
CA ALA A 39 -23.28 6.54 -12.68
C ALA A 39 -24.66 5.94 -12.96
N ASP A 40 -25.29 5.44 -11.91
CA ASP A 40 -26.61 4.84 -11.98
C ASP A 40 -27.77 5.82 -11.87
N GLY A 41 -27.47 7.11 -11.71
CA GLY A 41 -28.51 8.11 -11.57
C GLY A 41 -28.76 8.69 -10.19
N LEU A 42 -28.27 8.04 -9.12
CA LEU A 42 -28.49 8.52 -7.74
C LEU A 42 -27.87 9.89 -7.47
N LEU A 43 -28.50 10.63 -6.56
CA LEU A 43 -28.09 12.00 -6.24
C LEU A 43 -27.75 12.19 -4.75
N GLY A 44 -26.50 12.57 -4.46
CA GLY A 44 -26.13 13.06 -3.13
C GLY A 44 -26.14 14.57 -2.96
N LEU A 45 -26.51 15.04 -1.79
CA LEU A 45 -26.55 16.48 -1.60
C LEU A 45 -25.68 16.91 -0.45
N GLY A 46 -25.04 18.06 -0.59
CA GLY A 46 -24.30 18.58 0.52
C GLY A 46 -24.42 20.08 0.50
N ALA A 47 -24.08 20.72 1.61
CA ALA A 47 -24.14 22.16 1.73
C ALA A 47 -23.01 22.66 2.62
N ALA A 48 -22.40 23.77 2.23
CA ALA A 48 -21.30 24.34 2.99
C ALA A 48 -21.66 25.74 3.48
N SER A 49 -21.38 26.02 4.74
CA SER A 49 -21.58 27.37 5.27
C SER A 49 -20.34 27.76 6.08
N PRO A 50 -19.33 28.30 5.40
CA PRO A 50 -18.05 28.53 6.06
C PRO A 50 -18.12 29.64 7.07
N GLU A 51 -17.49 29.44 8.23
CA GLU A 51 -17.46 30.46 9.29
C GLU A 51 -16.03 30.98 9.46
N ARG A 52 -15.73 32.15 8.93
CA ARG A 52 -14.32 32.56 8.81
C ARG A 52 -13.67 32.87 10.16
N HIS A 53 -14.43 33.44 11.09
CA HIS A 53 -13.86 33.83 12.36
C HIS A 53 -13.49 32.63 13.23
N VAL A 54 -14.25 31.56 13.09
CA VAL A 54 -13.93 30.32 13.77
C VAL A 54 -12.90 29.43 13.06
N THR A 55 -13.08 29.15 11.78
CA THR A 55 -12.20 28.21 11.07
C THR A 55 -11.13 28.81 10.17
N GLY A 56 -11.20 30.12 9.92
CA GLY A 56 -10.33 30.74 8.95
C GLY A 56 -10.76 30.56 7.51
N GLU A 57 -11.84 29.84 7.28
CA GLU A 57 -12.34 29.56 5.94
C GLU A 57 -13.29 30.68 5.46
N THR A 58 -12.95 31.34 4.35
CA THR A 58 -13.82 32.40 3.81
C THR A 58 -14.75 31.81 2.77
N LEU A 59 -15.72 32.59 2.30
CA LEU A 59 -16.64 32.09 1.27
C LEU A 59 -15.87 31.85 -0.03
N GLU A 60 -14.99 32.78 -0.35
CA GLU A 60 -14.16 32.70 -1.53
C GLU A 60 -13.28 31.42 -1.51
N ALA A 61 -12.61 31.17 -0.39
CA ALA A 61 -11.73 30.00 -0.29
C ALA A 61 -12.53 28.71 -0.42
N CYS A 62 -13.68 28.72 0.22
CA CYS A 62 -14.60 27.58 0.20
C CYS A 62 -15.03 27.29 -1.22
N HIS A 63 -15.47 28.33 -1.92
CA HIS A 63 -15.86 28.18 -3.31
C HIS A 63 -14.68 27.65 -4.14
N ALA A 64 -13.50 28.22 -3.90
CA ALA A 64 -12.33 27.84 -4.67
C ALA A 64 -12.02 26.37 -4.49
N ALA A 65 -12.18 25.87 -3.28
CA ALA A 65 -11.90 24.47 -2.99
C ALA A 65 -12.90 23.52 -3.67
N LEU A 66 -14.05 24.06 -4.06
CA LEU A 66 -15.07 23.31 -4.78
C LEU A 66 -15.11 23.52 -6.32
N ASP A 67 -14.15 24.28 -6.85
CA ASP A 67 -14.06 24.45 -8.30
C ASP A 67 -14.04 23.10 -8.99
N HIS A 68 -14.71 23.02 -10.13
CA HIS A 68 -14.87 21.77 -10.85
C HIS A 68 -13.52 21.16 -11.22
N ASP A 69 -12.50 21.99 -11.39
CA ASP A 69 -11.16 21.51 -11.78
C ASP A 69 -10.37 20.92 -10.61
N ARG A 70 -10.66 21.39 -9.40
CA ARG A 70 -10.00 20.84 -8.21
C ARG A 70 -10.64 19.53 -7.73
N LEU A 71 -11.79 19.19 -8.30
CA LEU A 71 -12.52 17.97 -7.92
C LEU A 71 -12.35 16.75 -8.82
N GLY A 72 -11.48 16.85 -9.82
CA GLY A 72 -11.33 15.78 -10.80
C GLY A 72 -10.97 14.44 -10.19
N TRP A 73 -10.26 14.46 -9.08
CA TRP A 73 -9.79 13.23 -8.48
C TRP A 73 -10.92 12.29 -8.01
N LEU A 74 -12.10 12.86 -7.76
CA LEU A 74 -13.26 12.11 -7.27
C LEU A 74 -14.01 11.33 -8.37
N MET A 75 -13.95 11.83 -9.59
CA MET A 75 -14.62 11.15 -10.71
C MET A 75 -14.22 9.68 -10.78
N GLY A 76 -15.21 8.82 -10.98
CA GLY A 76 -14.97 7.40 -11.11
C GLY A 76 -14.64 6.68 -9.82
N ARG A 77 -14.63 7.41 -8.70
CA ARG A 77 -14.30 6.78 -7.43
C ARG A 77 -15.52 6.03 -6.88
N ASP A 78 -15.26 4.94 -6.16
CA ASP A 78 -16.34 4.09 -5.63
C ASP A 78 -16.82 4.54 -4.24
N ILE A 79 -18.08 4.91 -4.14
CA ILE A 79 -18.57 5.48 -2.88
C ILE A 79 -18.65 4.44 -1.75
N ARG A 80 -18.56 3.16 -2.08
CA ARG A 80 -18.59 2.14 -1.03
C ARG A 80 -17.26 2.13 -0.25
N THR A 81 -16.29 2.88 -0.75
CA THR A 81 -14.99 3.08 -0.11
C THR A 81 -14.94 4.33 0.75
N LEU A 82 -16.11 4.82 1.13
CA LEU A 82 -16.30 6.12 1.79
C LEU A 82 -15.27 6.54 2.86
N PRO A 83 -14.90 5.66 3.78
CA PRO A 83 -13.95 6.16 4.79
C PRO A 83 -12.60 6.56 4.16
N ARG A 84 -12.14 5.78 3.18
CA ARG A 84 -10.94 6.16 2.45
C ARG A 84 -11.19 7.48 1.72
N LEU A 85 -12.32 7.60 1.03
CA LEU A 85 -12.62 8.86 0.35
C LEU A 85 -12.57 10.05 1.31
N CYS A 86 -12.98 9.86 2.55
CA CYS A 86 -13.00 10.97 3.51
C CYS A 86 -11.61 11.34 3.97
N ARG A 87 -10.76 10.32 4.18
CA ARG A 87 -9.36 10.57 4.49
C ARG A 87 -8.75 11.46 3.39
N GLU A 88 -9.08 11.16 2.13
CA GLU A 88 -8.52 11.95 1.05
C GLU A 88 -9.06 13.38 1.07
N LEU A 89 -10.35 13.56 1.33
CA LEU A 89 -10.88 14.91 1.47
C LEU A 89 -10.04 15.68 2.46
N ALA A 90 -9.67 15.03 3.56
CA ALA A 90 -8.89 15.71 4.58
C ALA A 90 -7.51 16.15 4.05
N GLU A 91 -6.84 15.32 3.25
CA GLU A 91 -5.57 15.70 2.65
C GLU A 91 -5.77 16.78 1.59
N ARG A 92 -6.78 16.62 0.74
CA ARG A 92 -6.94 17.52 -0.40
C ARG A 92 -7.64 18.85 -0.11
N LEU A 93 -8.42 18.91 0.97
CA LEU A 93 -9.07 20.17 1.39
C LEU A 93 -8.76 20.49 2.85
N PRO A 94 -7.48 20.57 3.18
CA PRO A 94 -7.10 20.66 4.60
C PRO A 94 -7.51 21.98 5.27
N ALA A 95 -7.62 23.06 4.50
CA ALA A 95 -7.96 24.38 5.04
C ALA A 95 -9.41 24.82 4.87
N ALA A 96 -10.24 23.96 4.29
CA ALA A 96 -11.63 24.34 4.00
C ALA A 96 -12.62 23.31 4.54
N PRO A 97 -12.84 23.31 5.86
CA PRO A 97 -13.73 22.34 6.49
C PRO A 97 -15.17 22.37 5.98
N ALA A 98 -15.72 23.55 5.69
CA ALA A 98 -17.10 23.62 5.19
C ALA A 98 -17.20 22.93 3.83
N ALA A 99 -16.30 23.27 2.92
CA ALA A 99 -16.30 22.60 1.63
C ALA A 99 -16.16 21.08 1.80
N ARG A 100 -15.34 20.69 2.78
CA ARG A 100 -15.07 19.27 3.01
C ARG A 100 -16.34 18.60 3.48
N ALA A 101 -17.02 19.27 4.41
CA ALA A 101 -18.25 18.74 4.98
C ALA A 101 -19.31 18.57 3.88
N ALA A 102 -19.43 19.57 3.03
CA ALA A 102 -20.39 19.52 1.93
C ALA A 102 -20.19 18.27 1.06
N LEU A 103 -18.93 17.89 0.82
CA LEU A 103 -18.66 16.69 0.02
C LEU A 103 -18.89 15.41 0.84
N ASP A 104 -18.52 15.48 2.12
CA ASP A 104 -18.60 14.36 3.04
C ASP A 104 -20.07 13.93 3.19
N MET A 105 -20.89 14.92 3.52
CA MET A 105 -22.34 14.85 3.57
C MET A 105 -22.90 14.11 2.37
N ALA A 106 -22.70 14.70 1.18
CA ALA A 106 -23.18 14.11 -0.06
C ALA A 106 -22.77 12.66 -0.23
N LEU A 107 -21.53 12.34 0.11
CA LEU A 107 -21.07 10.95 -0.03
C LEU A 107 -21.77 10.01 0.94
N HIS A 108 -21.99 10.45 2.19
CA HIS A 108 -22.71 9.62 3.15
C HIS A 108 -24.13 9.38 2.66
N ASP A 109 -24.72 10.43 2.09
CA ASP A 109 -26.04 10.36 1.54
C ASP A 109 -26.14 9.24 0.52
N LEU A 110 -25.13 9.13 -0.34
CA LEU A 110 -25.16 8.10 -1.39
C LEU A 110 -24.92 6.71 -0.85
N VAL A 111 -24.02 6.55 0.11
CA VAL A 111 -23.69 5.21 0.61
C VAL A 111 -24.92 4.64 1.28
N ALA A 112 -25.62 5.51 1.99
CA ALA A 112 -26.86 5.15 2.64
C ALA A 112 -27.90 4.76 1.60
N GLN A 113 -28.01 5.51 0.53
CA GLN A 113 -28.94 5.12 -0.53
C GLN A 113 -28.54 3.78 -1.17
N CYS A 114 -27.26 3.60 -1.39
CA CYS A 114 -26.73 2.34 -1.89
C CYS A 114 -27.21 1.15 -1.02
N LEU A 115 -27.02 1.27 0.28
CA LEU A 115 -27.51 0.25 1.20
C LEU A 115 -29.05 0.19 1.29
N GLY A 116 -29.71 1.32 1.03
CA GLY A 116 -31.17 1.37 1.03
C GLY A 116 -31.90 1.69 2.34
N LEU A 117 -31.25 2.45 3.22
CA LEU A 117 -31.80 2.83 4.52
C LEU A 117 -31.54 4.30 4.80
N PRO A 118 -32.27 4.90 5.76
CA PRO A 118 -31.91 6.25 6.20
C PRO A 118 -30.48 6.29 6.76
N LEU A 119 -29.76 7.38 6.51
CA LEU A 119 -28.34 7.43 6.90
C LEU A 119 -28.16 7.04 8.36
N VAL A 120 -29.01 7.57 9.25
CA VAL A 120 -28.89 7.29 10.67
C VAL A 120 -28.88 5.80 11.02
N GLU A 121 -29.62 4.97 10.29
CA GLU A 121 -29.64 3.53 10.57
C GLU A 121 -28.35 2.84 10.11
N ILE A 122 -27.72 3.43 9.10
CA ILE A 122 -26.46 2.93 8.56
C ILE A 122 -25.36 3.22 9.58
N LEU A 123 -25.48 4.36 10.26
CA LEU A 123 -24.53 4.76 11.28
C LEU A 123 -24.81 4.09 12.61
N GLY A 124 -25.96 3.45 12.69
CA GLY A 124 -26.45 2.74 13.86
C GLY A 124 -27.21 3.73 14.73
N ARG A 125 -28.43 3.37 15.12
CA ARG A 125 -29.32 4.38 15.66
C ARG A 125 -29.21 4.38 17.17
N ALA A 126 -28.86 5.53 17.74
CA ALA A 126 -28.90 5.69 19.19
C ALA A 126 -30.14 6.43 19.72
N HIS A 127 -30.86 7.11 18.85
CA HIS A 127 -31.95 7.99 19.31
C HIS A 127 -33.04 8.12 18.26
N ASP A 128 -34.29 8.20 18.71
CA ASP A 128 -35.41 8.43 17.82
C ASP A 128 -35.58 9.92 17.52
N SER A 129 -35.49 10.76 18.55
CA SER A 129 -35.66 12.20 18.37
C SER A 129 -35.09 12.95 19.56
N LEU A 130 -34.89 14.26 19.41
CA LEU A 130 -34.49 15.13 20.53
C LEU A 130 -35.06 16.53 20.41
N PRO A 131 -35.21 17.22 21.54
CA PRO A 131 -35.65 18.62 21.44
C PRO A 131 -34.52 19.49 20.86
N THR A 132 -34.86 20.50 20.07
CA THR A 132 -33.85 21.45 19.66
C THR A 132 -34.10 22.79 20.33
N SER A 133 -33.05 23.53 20.60
CA SER A 133 -33.21 24.93 20.98
C SER A 133 -33.47 25.76 19.74
N VAL A 134 -34.07 26.92 19.94
CA VAL A 134 -34.08 28.00 18.97
C VAL A 134 -33.34 29.16 19.61
N THR A 135 -32.89 30.10 18.78
CA THR A 135 -31.95 31.10 19.24
C THR A 135 -32.56 32.49 19.35
N ILE A 136 -32.26 33.13 20.46
CA ILE A 136 -32.55 34.54 20.60
C ILE A 136 -31.22 35.31 20.68
N GLY A 137 -30.98 36.19 19.71
CA GLY A 137 -29.78 36.99 19.69
C GLY A 137 -29.77 38.04 20.78
N ILE A 138 -28.76 38.91 20.75
CA ILE A 138 -28.69 39.99 21.72
C ILE A 138 -29.67 41.08 21.34
N LYS A 139 -30.43 41.53 22.33
CA LYS A 139 -31.45 42.55 22.14
C LYS A 139 -32.00 42.83 23.53
N PRO A 140 -32.73 43.95 23.70
CA PRO A 140 -33.16 44.41 25.03
C PRO A 140 -34.14 43.44 25.70
N VAL A 141 -34.55 43.74 26.93
CA VAL A 141 -35.42 42.85 27.68
C VAL A 141 -36.76 42.60 27.00
N GLU A 142 -37.46 43.67 26.62
CA GLU A 142 -38.80 43.51 26.07
C GLU A 142 -38.81 42.70 24.77
N GLU A 143 -37.95 43.07 23.82
CA GLU A 143 -37.91 42.32 22.57
C GLU A 143 -37.45 40.86 22.79
N THR A 144 -36.70 40.60 23.86
CA THR A 144 -36.31 39.23 24.20
C THR A 144 -37.54 38.42 24.64
N LEU A 145 -38.36 39.00 25.50
CA LEU A 145 -39.57 38.31 25.93
C LEU A 145 -40.52 38.13 24.75
N ALA A 146 -40.55 39.10 23.85
CA ALA A 146 -41.44 39.02 22.70
C ALA A 146 -41.04 37.84 21.80
N GLU A 147 -39.74 37.69 21.57
CA GLU A 147 -39.26 36.59 20.74
C GLU A 147 -39.44 35.26 21.44
N ALA A 148 -39.28 35.24 22.76
CA ALA A 148 -39.48 34.01 23.48
C ALA A 148 -40.90 33.54 23.22
N ARG A 149 -41.85 34.46 23.35
CA ARG A 149 -43.25 34.13 23.17
C ARG A 149 -43.60 33.66 21.76
N GLU A 150 -43.01 34.29 20.75
CA GLU A 150 -43.15 33.79 19.39
C GLU A 150 -42.72 32.32 19.27
N HIS A 151 -41.63 31.97 19.94
CA HIS A 151 -41.07 30.62 19.85
C HIS A 151 -41.92 29.62 20.60
N LEU A 152 -42.42 30.02 21.77
CA LEU A 152 -43.28 29.12 22.54
C LEU A 152 -44.49 28.77 21.69
N ALA A 153 -44.97 29.75 20.94
CA ALA A 153 -46.17 29.59 20.14
C ALA A 153 -45.92 28.56 19.06
N LEU A 154 -44.71 28.53 18.54
CA LEU A 154 -44.38 27.57 17.50
C LEU A 154 -44.00 26.21 18.07
N GLY A 155 -44.06 26.07 19.39
CA GLY A 155 -43.93 24.76 20.02
C GLY A 155 -42.58 24.34 20.58
N PHE A 156 -41.59 25.25 20.53
CA PHE A 156 -40.26 24.95 21.04
C PHE A 156 -40.22 24.94 22.56
N ARG A 157 -39.55 23.94 23.11
CA ARG A 157 -39.42 23.79 24.55
C ARG A 157 -38.06 24.21 25.11
N VAL A 158 -37.14 24.64 24.23
CA VAL A 158 -35.78 24.97 24.64
C VAL A 158 -35.29 26.26 23.97
N LEU A 159 -34.85 27.23 24.75
CA LEU A 159 -34.36 28.49 24.18
C LEU A 159 -32.87 28.71 24.46
N LYS A 160 -32.14 29.09 23.41
CA LYS A 160 -30.73 29.41 23.53
C LYS A 160 -30.57 30.91 23.47
N VAL A 161 -30.09 31.50 24.57
CA VAL A 161 -30.00 32.95 24.68
C VAL A 161 -28.57 33.47 24.55
N LYS A 162 -28.35 34.36 23.59
CA LYS A 162 -27.04 34.99 23.42
C LYS A 162 -26.83 36.05 24.49
N LEU A 163 -25.70 35.97 25.19
CA LEU A 163 -25.29 37.00 26.14
C LEU A 163 -24.16 37.83 25.52
N CYS A 164 -24.08 39.11 25.89
CA CYS A 164 -23.07 40.00 25.31
C CYS A 164 -21.85 40.27 26.18
N GLY A 165 -21.87 39.84 27.45
CA GLY A 165 -20.79 40.17 28.34
C GLY A 165 -21.06 41.31 29.31
N ASP A 166 -22.13 42.08 29.08
CA ASP A 166 -22.47 43.15 30.03
C ASP A 166 -23.43 42.55 31.07
N GLU A 167 -22.92 42.35 32.28
CA GLU A 167 -23.63 41.56 33.28
C GLU A 167 -24.96 42.17 33.71
N GLU A 168 -25.00 43.51 33.81
CA GLU A 168 -26.25 44.17 34.19
C GLU A 168 -27.34 43.80 33.19
N GLN A 169 -27.09 43.97 31.89
CA GLN A 169 -28.07 43.53 30.90
C GLN A 169 -28.26 42.00 30.84
N ASP A 170 -27.17 41.22 30.75
CA ASP A 170 -27.27 39.76 30.69
C ASP A 170 -28.15 39.21 31.83
N PHE A 171 -27.86 39.60 33.06
CA PHE A 171 -28.58 39.01 34.17
C PHE A 171 -30.04 39.43 34.21
N GLU A 172 -30.31 40.69 33.86
CA GLU A 172 -31.67 41.19 33.90
C GLU A 172 -32.53 40.40 32.91
N ARG A 173 -32.02 40.24 31.68
CA ARG A 173 -32.70 39.47 30.65
C ARG A 173 -33.04 38.06 31.12
N LEU A 174 -32.10 37.40 31.77
CA LEU A 174 -32.29 36.00 32.14
C LEU A 174 -33.30 35.87 33.26
N ARG A 175 -33.27 36.80 34.21
CA ARG A 175 -34.20 36.79 35.33
C ARG A 175 -35.63 36.97 34.85
N ARG A 176 -35.79 37.92 33.93
CA ARG A 176 -37.12 38.25 33.42
C ARG A 176 -37.67 37.08 32.61
N LEU A 177 -36.82 36.57 31.73
CA LEU A 177 -37.16 35.46 30.88
C LEU A 177 -37.62 34.29 31.72
N HIS A 178 -36.90 34.01 32.79
CA HIS A 178 -37.23 32.91 33.67
C HIS A 178 -38.67 33.05 34.18
N GLU A 179 -38.99 34.26 34.62
CA GLU A 179 -40.31 34.63 35.15
C GLU A 179 -41.42 34.48 34.10
N THR A 180 -41.21 35.06 32.93
CA THR A 180 -42.15 34.95 31.82
C THR A 180 -42.51 33.51 31.42
N LEU A 181 -41.51 32.68 31.16
CA LEU A 181 -41.77 31.26 30.91
C LEU A 181 -42.34 30.75 32.21
N ALA A 182 -43.13 29.68 32.23
CA ALA A 182 -43.45 29.23 33.58
C ALA A 182 -42.44 28.16 33.89
N GLY A 183 -42.75 26.94 33.49
CA GLY A 183 -41.76 25.89 33.36
C GLY A 183 -41.78 25.64 31.88
N ARG A 184 -42.37 26.58 31.16
CA ARG A 184 -42.72 26.33 29.78
C ARG A 184 -41.53 25.92 28.89
N ALA A 185 -40.33 26.43 29.17
CA ALA A 185 -39.12 26.04 28.43
C ALA A 185 -37.87 26.09 29.29
N VAL A 186 -36.92 25.18 29.05
CA VAL A 186 -35.59 25.36 29.64
C VAL A 186 -34.76 26.30 28.81
N VAL A 187 -33.81 26.95 29.46
CA VAL A 187 -32.96 27.93 28.81
C VAL A 187 -31.51 27.51 28.90
N ARG A 188 -30.78 27.68 27.79
CA ARG A 188 -29.33 27.52 27.78
C ARG A 188 -28.74 28.86 27.33
N VAL A 189 -27.53 29.19 27.76
CA VAL A 189 -26.95 30.51 27.43
C VAL A 189 -25.62 30.43 26.68
N ASP A 190 -25.34 31.46 25.89
CA ASP A 190 -24.16 31.49 25.04
C ASP A 190 -23.48 32.87 24.95
N PRO A 191 -22.57 33.17 25.90
CA PRO A 191 -21.82 34.43 26.03
C PRO A 191 -20.82 34.65 24.90
N ASN A 192 -20.54 33.59 24.15
CA ASN A 192 -19.58 33.69 23.05
C ASN A 192 -18.27 34.40 23.38
N GLN A 193 -17.50 33.86 24.32
CA GLN A 193 -16.16 34.35 24.69
C GLN A 193 -16.15 35.74 25.31
N SER A 194 -17.28 36.20 25.82
CA SER A 194 -17.37 37.59 26.25
C SER A 194 -17.17 37.80 27.76
N TYR A 195 -16.97 36.71 28.49
CA TYR A 195 -16.86 36.75 29.96
C TYR A 195 -15.43 36.66 30.50
N ASP A 196 -15.19 37.34 31.61
CA ASP A 196 -13.94 37.11 32.31
C ASP A 196 -14.14 36.09 33.43
N ARG A 197 -13.07 35.82 34.18
CA ARG A 197 -13.10 34.78 35.19
C ARG A 197 -14.02 35.09 36.38
N ASP A 198 -14.00 36.34 36.84
CA ASP A 198 -14.81 36.72 38.01
C ASP A 198 -16.28 36.78 37.63
N GLY A 199 -16.55 37.29 36.43
CA GLY A 199 -17.92 37.34 35.93
C GLY A 199 -18.54 35.98 35.69
N LEU A 200 -17.77 35.01 35.21
CA LEU A 200 -18.35 33.71 34.96
C LEU A 200 -18.82 33.07 36.27
N LEU A 201 -18.09 33.26 37.35
CA LEU A 201 -18.55 32.72 38.62
C LEU A 201 -19.88 33.34 39.01
N ARG A 202 -20.03 34.63 38.73
CA ARG A 202 -21.29 35.31 38.96
C ARG A 202 -22.39 34.71 38.10
N LEU A 203 -22.08 34.48 36.82
CA LEU A 203 -23.06 33.95 35.87
C LEU A 203 -23.53 32.56 36.27
N ASP A 204 -22.58 31.76 36.76
CA ASP A 204 -22.87 30.38 37.11
C ASP A 204 -23.75 30.28 38.33
N ARG A 205 -23.62 31.24 39.25
CA ARG A 205 -24.53 31.27 40.39
C ARG A 205 -25.95 31.56 39.94
N LEU A 206 -26.09 32.51 39.03
CA LEU A 206 -27.38 32.80 38.46
C LEU A 206 -27.93 31.55 37.79
N VAL A 207 -27.10 30.94 36.95
CA VAL A 207 -27.52 29.81 36.15
C VAL A 207 -28.07 28.67 37.02
N GLN A 208 -27.40 28.39 38.13
CA GLN A 208 -27.87 27.38 39.07
C GLN A 208 -29.23 27.78 39.68
N GLU A 209 -29.35 29.04 40.08
CA GLU A 209 -30.55 29.53 40.74
C GLU A 209 -31.73 29.50 39.76
N LEU A 210 -31.48 29.93 38.53
CA LEU A 210 -32.51 30.00 37.50
C LEU A 210 -32.75 28.66 36.78
N GLY A 211 -32.04 27.60 37.16
CA GLY A 211 -32.20 26.32 36.49
C GLY A 211 -31.82 26.29 35.01
N ILE A 212 -30.91 27.20 34.60
CA ILE A 212 -30.40 27.22 33.23
C ILE A 212 -29.52 25.98 32.98
N GLU A 213 -29.64 25.33 31.83
CA GLU A 213 -28.99 24.01 31.70
C GLU A 213 -27.46 24.04 31.54
N PHE A 214 -26.95 25.07 30.88
CA PHE A 214 -25.50 25.16 30.75
C PHE A 214 -25.06 26.44 30.09
N ILE A 215 -23.76 26.64 30.08
CA ILE A 215 -23.15 27.84 29.58
C ILE A 215 -22.22 27.46 28.45
N GLU A 216 -22.43 28.08 27.31
CA GLU A 216 -21.66 27.77 26.13
C GLU A 216 -20.51 28.77 25.93
N GLN A 217 -19.28 28.26 25.88
CA GLN A 217 -18.09 29.07 25.60
C GLN A 217 -18.00 30.43 26.32
N PRO A 218 -17.91 30.42 27.66
CA PRO A 218 -17.82 31.70 28.36
C PRO A 218 -16.58 32.51 28.00
N PHE A 219 -15.48 31.85 27.65
CA PHE A 219 -14.19 32.51 27.56
C PHE A 219 -13.65 32.44 26.14
N PRO A 220 -12.64 33.26 25.83
CA PRO A 220 -12.00 33.22 24.52
C PRO A 220 -11.55 31.82 24.19
N ALA A 221 -11.67 31.44 22.92
CA ALA A 221 -11.31 30.09 22.48
C ALA A 221 -9.92 29.61 22.96
N GLY A 222 -8.98 30.53 23.10
CA GLY A 222 -7.62 30.16 23.46
C GLY A 222 -7.38 30.00 24.95
N ARG A 223 -8.35 30.46 25.74
CA ARG A 223 -8.27 30.53 27.20
C ARG A 223 -8.66 29.23 27.93
N THR A 224 -8.50 28.12 27.26
CA THR A 224 -8.74 26.81 27.83
C THR A 224 -8.19 26.67 29.24
N ASP A 225 -7.05 27.29 29.49
CA ASP A 225 -6.53 27.23 30.85
C ASP A 225 -7.47 27.86 31.92
N TRP A 226 -8.25 28.87 31.54
CA TRP A 226 -9.26 29.43 32.43
C TRP A 226 -10.33 28.42 32.86
N LEU A 227 -10.71 27.55 31.94
CA LEU A 227 -11.69 26.51 32.20
C LEU A 227 -11.14 25.54 33.24
N ARG A 228 -9.92 25.06 33.03
CA ARG A 228 -9.38 24.04 33.91
C ARG A 228 -9.16 24.55 35.33
N ALA A 229 -9.09 25.87 35.50
CA ALA A 229 -8.87 26.45 36.82
C ALA A 229 -10.18 26.59 37.61
N LEU A 230 -11.29 26.20 36.97
CA LEU A 230 -12.60 26.22 37.60
C LEU A 230 -12.84 24.92 38.40
N PRO A 231 -13.66 25.01 39.45
CA PRO A 231 -14.11 23.78 40.11
C PRO A 231 -14.74 22.83 39.08
N LYS A 232 -14.59 21.52 39.28
CA LYS A 232 -15.06 20.53 38.33
C LYS A 232 -16.59 20.63 38.10
N ALA A 233 -17.36 20.89 39.16
CA ALA A 233 -18.82 20.95 39.07
C ALA A 233 -19.26 22.05 38.14
N ILE A 234 -18.52 23.15 38.11
CA ILE A 234 -18.83 24.25 37.21
C ILE A 234 -18.43 23.89 35.77
N ARG A 235 -17.25 23.29 35.62
CA ARG A 235 -16.78 22.84 34.32
C ARG A 235 -17.77 21.91 33.63
N ARG A 236 -18.51 21.12 34.40
CA ARG A 236 -19.48 20.17 33.84
C ARG A 236 -20.67 20.87 33.16
N ARG A 237 -21.00 22.06 33.63
CA ARG A 237 -22.11 22.85 33.08
C ARG A 237 -21.64 23.76 31.93
N ILE A 238 -20.39 23.61 31.50
CA ILE A 238 -19.90 24.42 30.38
C ILE A 238 -19.74 23.64 29.08
N ALA A 239 -20.17 24.24 27.96
CA ALA A 239 -19.93 23.61 26.68
C ALA A 239 -18.84 24.32 25.88
N ALA A 240 -18.07 23.54 25.13
CA ALA A 240 -17.04 24.09 24.27
C ALA A 240 -17.57 24.29 22.85
N ASP A 241 -17.42 25.48 22.30
CA ASP A 241 -17.78 25.67 20.90
C ASP A 241 -16.58 26.14 20.07
N GLU A 242 -16.25 27.42 20.17
CA GLU A 242 -15.18 27.98 19.34
C GLU A 242 -13.80 27.36 19.69
N SER A 243 -13.71 26.79 20.88
CA SER A 243 -12.53 26.06 21.34
C SER A 243 -12.42 24.67 20.73
N LEU A 244 -13.48 24.20 20.09
CA LEU A 244 -13.48 22.83 19.59
C LEU A 244 -13.71 22.81 18.10
N LEU A 245 -12.67 22.52 17.33
CA LEU A 245 -12.87 22.38 15.90
C LEU A 245 -12.95 20.91 15.51
N GLY A 246 -11.83 20.22 15.56
CA GLY A 246 -11.78 18.80 15.23
C GLY A 246 -11.45 17.85 16.37
N PRO A 247 -11.14 16.61 16.01
CA PRO A 247 -10.76 15.59 17.00
C PRO A 247 -9.55 15.99 17.84
N ALA A 248 -8.57 16.66 17.24
CA ALA A 248 -7.39 17.12 17.98
C ALA A 248 -7.78 17.99 19.18
N ASP A 249 -8.60 19.02 18.94
CA ASP A 249 -9.18 19.84 20.02
C ASP A 249 -9.99 19.00 21.02
N ALA A 250 -10.79 18.09 20.50
CA ALA A 250 -11.60 17.21 21.33
C ALA A 250 -10.74 16.50 22.37
N PHE A 251 -9.72 15.79 21.90
CA PHE A 251 -8.78 15.11 22.80
C PHE A 251 -8.13 16.09 23.78
N ALA A 252 -7.63 17.21 23.27
CA ALA A 252 -7.02 18.20 24.15
C ALA A 252 -7.96 18.66 25.29
N LEU A 253 -9.20 18.98 24.96
CA LEU A 253 -10.18 19.40 25.99
C LEU A 253 -10.59 18.24 26.91
N ALA A 254 -10.54 17.02 26.39
CA ALA A 254 -11.01 15.86 27.12
C ALA A 254 -10.00 15.27 28.12
N ALA A 255 -8.72 15.44 27.81
CA ALA A 255 -7.66 14.85 28.62
C ALA A 255 -7.67 15.48 30.00
N PRO A 256 -7.50 14.66 31.04
CA PRO A 256 -7.50 15.10 32.44
C PRO A 256 -6.40 16.13 32.75
N PRO A 257 -6.75 17.20 33.49
CA PRO A 257 -8.13 17.54 33.89
C PRO A 257 -8.96 18.05 32.72
N ALA A 258 -10.16 17.50 32.53
CA ALA A 258 -10.99 17.90 31.40
C ALA A 258 -11.45 19.35 31.52
N ALA A 259 -11.47 20.07 30.40
CA ALA A 259 -11.79 21.49 30.41
C ALA A 259 -13.27 21.77 30.66
N CYS A 260 -14.14 20.91 30.15
CA CYS A 260 -15.57 21.19 30.19
C CYS A 260 -16.37 19.88 30.10
N GLY A 261 -17.69 19.97 30.22
CA GLY A 261 -18.52 18.78 30.25
C GLY A 261 -19.30 18.46 28.98
N ILE A 262 -19.31 19.39 28.03
CA ILE A 262 -20.09 19.24 26.81
C ILE A 262 -19.31 19.77 25.60
N PHE A 263 -19.35 19.05 24.48
CA PHE A 263 -18.79 19.54 23.23
C PHE A 263 -19.90 19.98 22.29
N ASN A 264 -19.71 21.13 21.64
CA ASN A 264 -20.64 21.53 20.61
C ASN A 264 -20.00 21.20 19.26
N ILE A 265 -20.49 20.15 18.61
CA ILE A 265 -19.97 19.73 17.32
C ILE A 265 -20.73 20.44 16.20
N LYS A 266 -19.99 20.92 15.20
CA LYS A 266 -20.60 21.49 14.00
C LYS A 266 -19.86 20.98 12.77
N LEU A 267 -20.60 20.39 11.84
CA LEU A 267 -20.01 19.91 10.61
C LEU A 267 -19.11 20.97 9.94
N MET A 268 -19.53 22.24 9.96
CA MET A 268 -18.74 23.31 9.32
C MET A 268 -17.41 23.62 10.03
N LYS A 269 -17.23 23.10 11.23
CA LYS A 269 -15.97 23.23 11.97
C LYS A 269 -15.02 22.06 11.72
N CYS A 270 -15.52 20.85 11.97
CA CYS A 270 -14.67 19.68 11.90
C CYS A 270 -14.39 19.16 10.48
N GLY A 271 -15.23 19.51 9.52
CA GLY A 271 -15.09 19.01 8.16
C GLY A 271 -15.96 17.83 7.75
N GLY A 272 -17.08 17.63 8.42
CA GLY A 272 -18.03 16.59 8.04
C GLY A 272 -18.23 15.41 8.99
N LEU A 273 -19.09 14.46 8.61
CA LEU A 273 -19.48 13.39 9.51
C LEU A 273 -18.32 12.50 9.92
N ALA A 274 -17.34 12.32 9.03
CA ALA A 274 -16.24 11.44 9.35
C ALA A 274 -15.43 11.98 10.56
N PRO A 275 -14.95 13.22 10.49
CA PRO A 275 -14.28 13.73 11.71
C PRO A 275 -15.23 13.90 12.91
N ALA A 276 -16.49 14.25 12.65
CA ALA A 276 -17.48 14.43 13.72
C ALA A 276 -17.60 13.15 14.54
N ARG A 277 -17.66 12.01 13.87
CA ARG A 277 -17.74 10.75 14.57
C ARG A 277 -16.48 10.42 15.39
N ARG A 278 -15.35 10.97 14.98
CA ARG A 278 -14.11 10.80 15.73
C ARG A 278 -14.19 11.59 17.05
N ILE A 279 -14.73 12.80 16.98
CA ILE A 279 -14.99 13.56 18.19
C ILE A 279 -15.90 12.79 19.14
N ALA A 280 -16.94 12.16 18.60
CA ALA A 280 -17.92 11.46 19.43
C ALA A 280 -17.29 10.33 20.21
N THR A 281 -16.42 9.57 19.55
CA THR A 281 -15.67 8.49 20.19
C THR A 281 -14.86 9.02 21.37
N ILE A 282 -14.11 10.09 21.14
CA ILE A 282 -13.35 10.70 22.21
C ILE A 282 -14.28 11.18 23.33
N ALA A 283 -15.37 11.85 22.98
CA ALA A 283 -16.25 12.41 23.98
C ALA A 283 -16.90 11.31 24.82
N GLU A 284 -17.38 10.27 24.17
CA GLU A 284 -17.98 9.16 24.90
C GLU A 284 -17.03 8.51 25.89
N THR A 285 -15.81 8.23 25.46
CA THR A 285 -14.86 7.62 26.35
C THR A 285 -14.55 8.55 27.50
N ALA A 286 -14.45 9.85 27.22
CA ALA A 286 -14.09 10.80 28.28
C ALA A 286 -15.27 11.14 29.18
N GLY A 287 -16.46 10.66 28.81
CA GLY A 287 -17.68 10.97 29.54
C GLY A 287 -18.13 12.42 29.35
N ILE A 288 -17.93 12.93 28.14
CA ILE A 288 -18.32 14.28 27.77
C ILE A 288 -19.64 14.20 26.99
N ASP A 289 -20.59 15.08 27.28
CA ASP A 289 -21.83 15.09 26.53
C ASP A 289 -21.67 15.81 25.21
N LEU A 290 -22.36 15.31 24.21
CA LEU A 290 -22.37 15.92 22.88
C LEU A 290 -23.60 16.80 22.65
N MET A 291 -23.38 17.93 22.01
CA MET A 291 -24.44 18.80 21.54
C MET A 291 -24.13 19.07 20.08
N TRP A 292 -25.13 18.95 19.21
CA TRP A 292 -24.89 19.23 17.78
C TRP A 292 -25.42 20.59 17.36
N GLY A 293 -24.52 21.47 16.97
CA GLY A 293 -24.90 22.85 16.68
C GLY A 293 -24.83 23.15 15.20
N CYS A 294 -24.86 24.43 14.86
CA CYS A 294 -24.86 24.80 13.44
C CYS A 294 -24.64 26.29 13.20
N MET A 295 -24.54 26.62 11.91
CA MET A 295 -24.53 27.99 11.41
C MET A 295 -25.88 28.26 10.80
N ASP A 296 -26.02 29.40 10.14
CA ASP A 296 -27.16 29.58 9.24
C ASP A 296 -26.91 28.69 8.02
N GLU A 297 -27.84 27.78 7.76
CA GLU A 297 -27.59 26.70 6.80
C GLU A 297 -28.91 26.22 6.21
N SER A 298 -28.81 25.69 4.99
CA SER A 298 -29.89 25.01 4.33
C SER A 298 -30.30 23.73 5.09
N ARG A 299 -31.53 23.26 4.89
CA ARG A 299 -31.99 22.00 5.46
C ARG A 299 -31.01 20.86 5.19
N ILE A 300 -30.31 20.97 4.07
CA ILE A 300 -29.40 19.90 3.66
C ILE A 300 -28.38 19.55 4.75
N SER A 301 -27.63 20.53 5.23
CA SER A 301 -26.59 20.23 6.21
C SER A 301 -27.17 20.04 7.61
N ILE A 302 -28.24 20.75 7.92
CA ILE A 302 -28.99 20.50 9.15
C ILE A 302 -29.41 19.05 9.22
N ALA A 303 -29.96 18.55 8.12
CA ALA A 303 -30.36 17.16 8.06
C ALA A 303 -29.19 16.20 8.32
N ALA A 304 -28.05 16.55 7.74
CA ALA A 304 -26.89 15.68 7.86
C ALA A 304 -26.39 15.65 9.32
N ALA A 305 -26.33 16.82 9.94
CA ALA A 305 -25.99 16.92 11.36
C ALA A 305 -26.96 16.06 12.16
N LEU A 306 -28.25 16.13 11.81
CA LEU A 306 -29.27 15.38 12.53
C LEU A 306 -29.08 13.85 12.46
N HIS A 307 -28.81 13.32 11.27
CA HIS A 307 -28.56 11.88 11.15
C HIS A 307 -27.37 11.48 12.00
N ALA A 308 -26.32 12.30 11.96
CA ALA A 308 -25.12 11.94 12.69
C ALA A 308 -25.40 11.97 14.19
N ALA A 309 -26.09 13.01 14.64
CA ALA A 309 -26.44 13.16 16.05
C ALA A 309 -27.29 12.00 16.58
N LEU A 310 -28.29 11.58 15.80
CA LEU A 310 -29.15 10.50 16.26
C LEU A 310 -28.42 9.15 16.28
N ALA A 311 -27.24 9.11 15.67
CA ALA A 311 -26.40 7.90 15.63
C ALA A 311 -25.36 7.79 16.73
N CYS A 312 -25.22 8.81 17.59
CA CYS A 312 -24.19 8.75 18.65
C CYS A 312 -24.81 8.66 20.04
N PRO A 313 -24.52 7.58 20.75
CA PRO A 313 -25.08 7.39 22.10
C PRO A 313 -24.75 8.56 23.03
N ALA A 314 -23.66 9.29 22.75
CA ALA A 314 -23.23 10.38 23.61
C ALA A 314 -24.03 11.67 23.43
N THR A 315 -24.76 11.78 22.31
CA THR A 315 -25.54 12.98 22.04
C THR A 315 -26.55 13.25 23.16
N ARG A 316 -26.45 14.40 23.82
CA ARG A 316 -27.52 14.85 24.72
C ARG A 316 -28.35 16.07 24.29
N TYR A 317 -27.91 16.80 23.27
CA TYR A 317 -28.54 18.09 22.96
C TYR A 317 -28.47 18.42 21.48
N LEU A 318 -29.47 19.11 20.98
CA LEU A 318 -29.45 19.62 19.61
C LEU A 318 -29.57 21.13 19.64
N ASP A 319 -28.70 21.85 18.94
CA ASP A 319 -29.04 23.21 18.55
C ASP A 319 -28.98 23.26 17.03
N LEU A 320 -30.09 22.85 16.43
CA LEU A 320 -30.30 22.67 15.00
C LEU A 320 -31.22 23.65 14.25
N ASP A 321 -31.42 24.83 14.80
CA ASP A 321 -32.37 25.79 14.25
C ASP A 321 -31.84 26.59 13.05
N GLY A 322 -30.69 26.20 12.51
CA GLY A 322 -30.01 26.99 11.49
C GLY A 322 -30.75 27.25 10.19
N SER A 323 -31.69 26.37 9.86
CA SER A 323 -32.48 26.55 8.65
C SER A 323 -33.88 27.15 8.84
N PHE A 324 -34.29 27.42 10.08
CA PHE A 324 -35.67 27.87 10.32
C PHE A 324 -35.94 29.28 9.79
N ASP A 325 -34.99 30.18 9.99
CA ASP A 325 -35.20 31.59 9.66
C ASP A 325 -34.77 31.96 8.24
N LEU A 326 -34.43 30.96 7.43
CA LEU A 326 -34.14 31.22 6.02
C LEU A 326 -35.41 31.58 5.23
N ALA A 327 -35.31 32.62 4.42
CA ALA A 327 -36.45 33.12 3.64
C ALA A 327 -36.81 32.17 2.51
N ARG A 328 -35.81 31.46 2.00
CA ARG A 328 -36.04 30.38 1.04
C ARG A 328 -34.99 29.28 1.24
N ASP A 329 -35.21 28.12 0.63
CA ASP A 329 -34.22 27.06 0.66
C ASP A 329 -34.26 26.37 -0.69
N VAL A 330 -33.32 25.44 -0.91
CA VAL A 330 -33.24 24.67 -2.14
C VAL A 330 -33.75 23.25 -1.98
N ALA A 331 -34.22 22.90 -0.79
CA ALA A 331 -34.64 21.51 -0.54
C ALA A 331 -35.69 21.37 0.55
N GLU A 332 -36.35 20.21 0.54
CA GLU A 332 -37.38 19.94 1.53
C GLU A 332 -37.05 18.59 2.08
N GLY A 333 -37.67 18.24 3.21
CA GLY A 333 -37.44 16.94 3.81
C GLY A 333 -36.18 16.92 4.65
N GLY A 334 -35.65 15.71 4.78
CA GLY A 334 -34.42 15.40 5.49
C GLY A 334 -34.62 15.29 7.00
N PHE A 335 -35.46 16.15 7.57
CA PHE A 335 -35.81 16.07 8.98
C PHE A 335 -37.23 16.56 9.13
N ILE A 336 -37.88 16.14 10.21
CA ILE A 336 -39.21 16.61 10.57
C ILE A 336 -39.17 17.28 11.93
N LEU A 337 -39.78 18.45 12.01
CA LEU A 337 -39.93 19.14 13.27
C LEU A 337 -41.32 18.87 13.85
N GLU A 338 -41.39 18.30 15.05
CA GLU A 338 -42.65 18.26 15.79
C GLU A 338 -42.54 18.64 17.27
N ASP A 339 -43.25 19.69 17.67
CA ASP A 339 -43.29 20.10 19.07
C ASP A 339 -41.88 20.25 19.66
N GLY A 340 -41.05 20.99 18.93
CA GLY A 340 -39.72 21.31 19.39
C GLY A 340 -38.72 20.21 19.12
N ARG A 341 -39.22 19.07 18.68
CA ARG A 341 -38.35 17.91 18.50
C ARG A 341 -37.98 17.69 17.04
N LEU A 342 -36.74 17.30 16.79
CA LEU A 342 -36.29 16.97 15.44
C LEU A 342 -36.16 15.47 15.29
N ARG A 343 -36.44 14.99 14.09
CA ARG A 343 -36.55 13.57 13.84
C ARG A 343 -36.24 13.42 12.36
N VAL A 344 -35.85 12.23 11.92
CA VAL A 344 -35.61 12.04 10.49
C VAL A 344 -36.77 11.30 9.84
N THR A 345 -36.97 11.54 8.55
CA THR A 345 -38.00 10.84 7.79
C THR A 345 -37.56 9.40 7.60
N GLU A 346 -38.42 8.63 6.91
CA GLU A 346 -38.18 7.21 6.66
C GLU A 346 -37.47 6.94 5.34
N ARG A 347 -37.31 7.98 4.53
CA ARG A 347 -36.62 7.85 3.26
C ARG A 347 -35.15 7.44 3.40
N PRO A 348 -34.61 6.80 2.35
CA PRO A 348 -33.20 6.37 2.45
C PRO A 348 -32.24 7.54 2.21
N GLY A 349 -31.01 7.38 2.68
CA GLY A 349 -30.02 8.44 2.63
C GLY A 349 -30.36 9.58 3.57
N LEU A 350 -29.99 10.79 3.15
CA LEU A 350 -30.36 11.97 3.92
C LEU A 350 -31.89 12.18 3.97
N GLY A 351 -32.61 11.67 2.97
CA GLY A 351 -34.06 11.81 2.92
C GLY A 351 -34.49 13.19 2.44
N LEU A 352 -33.61 13.86 1.72
CA LEU A 352 -33.94 15.15 1.11
C LEU A 352 -34.73 14.97 -0.19
N VAL A 353 -35.45 16.02 -0.56
CA VAL A 353 -36.34 16.04 -1.72
C VAL A 353 -36.13 17.33 -2.51
N TYR A 354 -36.06 17.21 -3.83
CA TYR A 354 -35.61 18.31 -4.69
C TYR A 354 -36.69 19.13 -5.41
N MET B 1 3.10 66.27 31.80
CA MET B 1 3.57 66.57 30.45
C MET B 1 2.44 66.74 29.38
N LYS B 2 1.31 66.05 29.50
CA LYS B 2 0.10 66.52 28.75
C LYS B 2 0.02 66.45 27.22
N ILE B 3 -0.47 65.33 26.69
CA ILE B 3 -0.76 65.22 25.27
C ILE B 3 -1.62 66.39 24.76
N ALA B 4 -1.15 67.08 23.72
CA ALA B 4 -1.95 68.11 23.04
C ALA B 4 -2.57 67.77 21.68
N ASP B 5 -2.03 66.76 20.98
CA ASP B 5 -2.50 66.47 19.63
C ASP B 5 -2.17 65.04 19.22
N ILE B 6 -2.99 64.41 18.39
CA ILE B 6 -2.65 63.10 17.83
C ILE B 6 -3.05 63.02 16.37
N GLN B 7 -2.10 62.59 15.53
CA GLN B 7 -2.30 62.55 14.08
C GLN B 7 -1.98 61.16 13.55
N VAL B 8 -2.74 60.68 12.58
CA VAL B 8 -2.58 59.32 12.08
C VAL B 8 -2.67 59.26 10.56
N ARG B 9 -1.77 58.57 9.90
CA ARG B 9 -1.86 58.47 8.45
C ARG B 9 -1.45 57.09 7.96
N THR B 10 -2.02 56.66 6.83
CA THR B 10 -1.55 55.43 6.19
C THR B 10 -0.34 55.76 5.34
N GLU B 11 0.59 54.82 5.26
CA GLU B 11 1.73 54.92 4.37
C GLU B 11 1.83 53.62 3.60
N HIS B 12 2.21 53.70 2.32
CA HIS B 12 2.42 52.51 1.53
C HIS B 12 3.91 52.30 1.23
N PHE B 13 4.45 51.16 1.70
CA PHE B 13 5.85 50.79 1.50
C PHE B 13 5.92 49.57 0.61
N PRO B 14 6.41 49.74 -0.63
CA PRO B 14 6.68 48.55 -1.45
C PRO B 14 8.01 47.90 -1.03
N LEU B 15 8.16 46.61 -1.28
CA LEU B 15 9.40 45.90 -0.91
C LEU B 15 10.45 45.84 -2.03
N THR B 16 11.71 46.14 -1.68
CA THR B 16 12.83 45.93 -2.61
C THR B 16 13.08 44.44 -2.87
N ARG B 17 12.59 43.58 -1.97
CA ARG B 17 12.72 42.11 -2.13
C ARG B 17 11.46 41.31 -1.75
N PRO B 18 10.53 41.10 -2.69
CA PRO B 18 9.36 40.28 -2.37
C PRO B 18 9.76 38.88 -1.93
N TYR B 19 8.91 38.22 -1.15
CA TYR B 19 9.24 36.91 -0.58
C TYR B 19 7.98 36.09 -0.28
N ARG B 20 8.16 34.79 -0.03
CA ARG B 20 7.05 33.86 0.18
C ARG B 20 7.09 33.15 1.55
N ILE B 21 6.00 33.24 2.32
CA ILE B 21 5.92 32.49 3.59
C ILE B 21 5.09 31.25 3.36
N ALA B 22 4.97 30.38 4.35
CA ALA B 22 4.15 29.19 4.15
C ALA B 22 2.70 29.66 3.96
N PHE B 23 2.12 29.31 2.82
CA PHE B 23 0.74 29.69 2.49
C PHE B 23 0.49 31.16 2.10
N ARG B 24 1.51 32.03 2.11
CA ARG B 24 1.22 33.47 2.00
C ARG B 24 1.70 34.35 0.79
N SER B 25 3.00 34.55 0.57
CA SER B 25 3.49 35.45 -0.52
C SER B 25 3.31 37.03 -0.51
N ILE B 26 4.17 37.73 0.23
CA ILE B 26 4.17 39.21 0.39
C ILE B 26 4.99 40.07 -0.62
N GLU B 27 4.36 40.98 -1.37
CA GLU B 27 5.10 41.96 -2.22
C GLU B 27 5.27 43.40 -1.72
N GLU B 28 4.62 43.75 -0.61
CA GLU B 28 4.54 45.15 -0.15
C GLU B 28 3.69 45.23 1.09
N ILE B 29 3.78 46.33 1.82
CA ILE B 29 3.08 46.44 3.10
C ILE B 29 2.55 47.83 3.37
N ASP B 30 1.47 47.89 4.15
CA ASP B 30 0.93 49.17 4.62
C ASP B 30 1.14 49.28 6.13
N ASN B 31 1.55 50.47 6.59
CA ASN B 31 1.69 50.75 8.02
C ASN B 31 0.86 51.97 8.37
N LEU B 32 0.45 52.09 9.62
CA LEU B 32 -0.18 53.31 10.10
C LEU B 32 0.84 54.01 10.98
N ILE B 33 1.05 55.31 10.74
CA ILE B 33 2.04 56.06 11.51
C ILE B 33 1.32 56.98 12.44
N VAL B 34 1.74 56.98 13.71
CA VAL B 34 1.10 57.80 14.74
C VAL B 34 2.06 58.87 15.27
N GLU B 35 1.58 60.10 15.37
CA GLU B 35 2.38 61.18 15.93
C GLU B 35 1.65 61.77 17.13
N ILE B 36 2.25 61.67 18.31
CA ILE B 36 1.66 62.26 19.50
C ILE B 36 2.48 63.46 19.91
N ARG B 37 1.84 64.61 19.91
CA ARG B 37 2.55 65.82 20.23
C ARG B 37 2.09 66.33 21.57
N THR B 38 3.02 66.94 22.27
CA THR B 38 2.84 67.33 23.66
C THR B 38 2.48 68.83 23.71
N ALA B 39 2.18 69.35 24.90
CA ALA B 39 1.83 70.76 25.02
C ALA B 39 3.06 71.64 24.82
N ASP B 40 4.18 71.17 25.36
CA ASP B 40 5.43 71.93 25.33
C ASP B 40 6.27 71.66 24.05
N GLY B 41 5.69 70.93 23.09
CA GLY B 41 6.29 70.75 21.78
C GLY B 41 6.91 69.40 21.40
N LEU B 42 7.15 68.52 22.38
CA LEU B 42 7.80 67.23 22.10
C LEU B 42 6.98 66.30 21.19
N LEU B 43 7.67 65.42 20.45
CA LEU B 43 7.03 64.50 19.52
C LEU B 43 7.34 63.01 19.79
N GLY B 44 6.31 62.21 20.10
CA GLY B 44 6.46 60.77 20.10
C GLY B 44 6.00 60.14 18.80
N LEU B 45 6.65 59.06 18.37
CA LEU B 45 6.26 58.39 17.13
C LEU B 45 5.83 56.96 17.37
N GLY B 46 4.97 56.44 16.50
CA GLY B 46 4.58 55.04 16.61
C GLY B 46 4.17 54.50 15.27
N ALA B 47 4.25 53.18 15.11
CA ALA B 47 3.87 52.53 13.86
C ALA B 47 3.10 51.25 14.15
N ALA B 48 2.12 50.97 13.30
CA ALA B 48 1.29 49.79 13.45
C ALA B 48 1.42 48.95 12.19
N SER B 49 1.56 47.63 12.37
CA SER B 49 1.55 46.73 11.23
C SER B 49 0.75 45.49 11.59
N PRO B 50 -0.57 45.54 11.39
CA PRO B 50 -1.44 44.48 11.89
C PRO B 50 -1.27 43.20 11.10
N GLU B 51 -1.24 42.06 11.79
CA GLU B 51 -1.14 40.78 11.12
C GLU B 51 -2.43 40.01 11.37
N ARG B 52 -3.33 40.00 10.39
CA ARG B 52 -4.69 39.60 10.65
C ARG B 52 -4.80 38.09 10.80
N HIS B 53 -3.90 37.36 10.15
CA HIS B 53 -3.94 35.90 10.26
C HIS B 53 -3.48 35.46 11.64
N VAL B 54 -2.60 36.22 12.27
CA VAL B 54 -2.23 35.94 13.65
C VAL B 54 -3.13 36.54 14.74
N THR B 55 -3.47 37.81 14.63
CA THR B 55 -4.24 38.47 15.70
C THR B 55 -5.72 38.73 15.45
N GLY B 56 -6.17 38.48 14.23
CA GLY B 56 -7.52 38.85 13.84
C GLY B 56 -7.70 40.31 13.42
N GLU B 57 -6.65 41.11 13.56
CA GLU B 57 -6.72 42.55 13.32
C GLU B 57 -6.38 42.92 11.87
N THR B 58 -7.37 43.42 11.15
CA THR B 58 -7.18 43.89 9.78
C THR B 58 -6.66 45.30 9.77
N LEU B 59 -6.01 45.66 8.68
CA LEU B 59 -5.57 47.03 8.46
C LEU B 59 -6.74 48.00 8.60
N GLU B 60 -7.90 47.62 8.07
CA GLU B 60 -9.10 48.47 8.14
C GLU B 60 -9.54 48.68 9.59
N ALA B 61 -9.55 47.60 10.37
CA ALA B 61 -9.95 47.66 11.77
C ALA B 61 -8.96 48.50 12.58
N CYS B 62 -7.68 48.33 12.26
CA CYS B 62 -6.60 49.05 12.91
C CYS B 62 -6.77 50.55 12.67
N HIS B 63 -7.03 50.91 11.41
CA HIS B 63 -7.25 52.30 11.04
C HIS B 63 -8.44 52.89 11.82
N ALA B 64 -9.55 52.15 11.86
CA ALA B 64 -10.72 52.59 12.62
C ALA B 64 -10.41 52.81 14.09
N ALA B 65 -9.64 51.89 14.67
CA ALA B 65 -9.32 51.97 16.10
C ALA B 65 -8.47 53.20 16.40
N LEU B 66 -7.80 53.71 15.37
CA LEU B 66 -6.96 54.91 15.46
C LEU B 66 -7.64 56.20 15.01
N ASP B 67 -8.94 56.12 14.71
CA ASP B 67 -9.66 57.27 14.20
C ASP B 67 -9.64 58.44 15.17
N HIS B 68 -9.44 59.63 14.63
CA HIS B 68 -9.28 60.85 15.43
C HIS B 68 -10.35 60.95 16.52
N ASP B 69 -11.59 60.65 16.17
CA ASP B 69 -12.70 60.83 17.10
C ASP B 69 -12.73 59.80 18.22
N ARG B 70 -12.13 58.64 18.00
CA ARG B 70 -12.00 57.66 19.08
C ARG B 70 -10.78 57.88 19.99
N LEU B 71 -9.91 58.83 19.65
CA LEU B 71 -8.74 59.08 20.47
C LEU B 71 -8.88 60.28 21.39
N GLY B 72 -10.01 60.96 21.31
CA GLY B 72 -10.25 62.14 22.11
C GLY B 72 -9.93 61.98 23.60
N TRP B 73 -10.19 60.81 24.15
CA TRP B 73 -10.00 60.58 25.58
C TRP B 73 -8.55 60.72 26.03
N LEU B 74 -7.61 60.65 25.09
CA LEU B 74 -6.19 60.78 25.43
C LEU B 74 -5.76 62.22 25.56
N MET B 75 -6.52 63.11 24.94
CA MET B 75 -6.24 64.54 24.98
C MET B 75 -6.18 65.06 26.41
N GLY B 76 -5.09 65.74 26.74
CA GLY B 76 -4.98 66.36 28.04
C GLY B 76 -4.36 65.45 29.09
N ARG B 77 -4.18 64.17 28.75
CA ARG B 77 -3.62 63.21 29.69
C ARG B 77 -2.12 63.41 29.92
N ASP B 78 -1.68 63.15 31.14
CA ASP B 78 -0.28 63.29 31.55
C ASP B 78 0.57 62.05 31.17
N ILE B 79 1.61 62.25 30.37
CA ILE B 79 2.43 61.09 29.98
C ILE B 79 3.23 60.48 31.13
N ARG B 80 3.43 61.20 32.22
CA ARG B 80 4.12 60.65 33.38
C ARG B 80 3.28 59.57 34.07
N THR B 81 1.99 59.49 33.72
CA THR B 81 1.08 58.45 34.21
C THR B 81 1.08 57.22 33.29
N LEU B 82 2.13 57.09 32.48
CA LEU B 82 2.21 56.10 31.41
C LEU B 82 1.64 54.70 31.67
N PRO B 83 1.96 54.09 32.82
CA PRO B 83 1.45 52.71 32.97
C PRO B 83 -0.08 52.64 33.08
N ARG B 84 -0.69 53.65 33.70
CA ARG B 84 -2.15 53.78 33.73
C ARG B 84 -2.74 54.00 32.33
N LEU B 85 -2.08 54.83 31.52
CA LEU B 85 -2.55 55.02 30.14
C LEU B 85 -2.50 53.72 29.35
N CYS B 86 -1.46 52.90 29.57
CA CYS B 86 -1.38 51.63 28.83
C CYS B 86 -2.51 50.68 29.22
N ARG B 87 -2.83 50.67 30.51
CA ARG B 87 -3.98 49.91 30.98
C ARG B 87 -5.22 50.34 30.21
N GLU B 88 -5.41 51.65 30.07
CA GLU B 88 -6.57 52.17 29.37
C GLU B 88 -6.54 51.84 27.88
N LEU B 89 -5.35 51.78 27.29
CA LEU B 89 -5.25 51.40 25.88
C LEU B 89 -5.78 49.99 25.71
N ALA B 90 -5.53 49.14 26.70
CA ALA B 90 -5.96 47.74 26.61
C ALA B 90 -7.49 47.65 26.72
N GLU B 91 -8.08 48.48 27.57
CA GLU B 91 -9.54 48.49 27.68
C GLU B 91 -10.17 48.98 26.40
N ARG B 92 -9.61 50.07 25.86
CA ARG B 92 -10.26 50.77 24.76
C ARG B 92 -9.91 50.27 23.37
N LEU B 93 -8.83 49.51 23.24
CA LEU B 93 -8.50 48.87 21.97
C LEU B 93 -8.21 47.39 22.18
N PRO B 94 -9.19 46.67 22.71
CA PRO B 94 -9.05 45.27 23.11
C PRO B 94 -8.72 44.39 21.92
N ALA B 95 -9.29 44.71 20.76
CA ALA B 95 -9.15 43.83 19.59
C ALA B 95 -8.13 44.27 18.56
N ALA B 96 -7.45 45.39 18.83
CA ALA B 96 -6.49 45.94 17.87
C ALA B 96 -5.08 46.13 18.45
N PRO B 97 -4.34 45.02 18.61
CA PRO B 97 -3.00 45.04 19.21
C PRO B 97 -1.99 45.92 18.47
N ALA B 98 -2.06 45.97 17.14
CA ALA B 98 -1.11 46.79 16.40
C ALA B 98 -1.38 48.27 16.64
N ALA B 99 -2.65 48.67 16.59
CA ALA B 99 -3.01 50.04 16.91
C ALA B 99 -2.58 50.40 18.32
N ARG B 100 -2.87 49.50 19.25
CA ARG B 100 -2.55 49.74 20.65
C ARG B 100 -1.04 49.92 20.75
N ALA B 101 -0.28 49.03 20.10
CA ALA B 101 1.17 49.11 20.11
C ALA B 101 1.69 50.45 19.59
N ALA B 102 1.07 50.95 18.52
CA ALA B 102 1.55 52.20 17.93
C ALA B 102 1.40 53.35 18.91
N LEU B 103 0.38 53.29 19.75
CA LEU B 103 0.16 54.37 20.70
C LEU B 103 1.11 54.24 21.86
N ASP B 104 1.25 53.01 22.33
CA ASP B 104 2.03 52.69 23.50
C ASP B 104 3.50 53.04 23.21
N MET B 105 3.95 52.64 22.04
CA MET B 105 5.27 52.94 21.50
C MET B 105 5.53 54.44 21.60
N ALA B 106 4.60 55.22 21.05
CA ALA B 106 4.73 56.68 21.00
C ALA B 106 4.75 57.34 22.38
N LEU B 107 4.00 56.78 23.33
CA LEU B 107 3.99 57.31 24.69
C LEU B 107 5.30 57.00 25.39
N HIS B 108 5.83 55.79 25.17
CA HIS B 108 7.15 55.43 25.74
C HIS B 108 8.20 56.39 25.21
N ASP B 109 8.15 56.66 23.90
CA ASP B 109 9.02 57.65 23.28
C ASP B 109 8.99 58.95 24.09
N LEU B 110 7.80 59.51 24.31
CA LEU B 110 7.67 60.76 25.07
C LEU B 110 8.17 60.71 26.51
N VAL B 111 7.81 59.67 27.27
CA VAL B 111 8.22 59.61 28.68
C VAL B 111 9.73 59.67 28.79
N ALA B 112 10.40 58.91 27.93
CA ALA B 112 11.85 58.91 27.93
C ALA B 112 12.41 60.31 27.68
N GLN B 113 11.90 60.99 26.64
CA GLN B 113 12.38 62.33 26.30
C GLN B 113 12.19 63.29 27.47
N CYS B 114 11.07 63.11 28.15
CA CYS B 114 10.74 63.86 29.35
C CYS B 114 11.83 63.68 30.40
N LEU B 115 12.19 62.42 30.65
CA LEU B 115 13.21 62.10 31.63
C LEU B 115 14.62 62.48 31.11
N GLY B 116 14.78 62.53 29.79
CA GLY B 116 16.03 62.95 29.18
C GLY B 116 17.04 61.87 28.79
N LEU B 117 16.59 60.63 28.67
CA LEU B 117 17.49 59.53 28.34
C LEU B 117 16.93 58.67 27.20
N PRO B 118 17.78 57.87 26.55
CA PRO B 118 17.26 56.92 25.56
C PRO B 118 16.29 55.94 26.24
N LEU B 119 15.27 55.50 25.51
CA LEU B 119 14.23 54.65 26.12
C LEU B 119 14.80 53.44 26.86
N VAL B 120 15.72 52.70 26.25
CA VAL B 120 16.29 51.52 26.88
C VAL B 120 16.81 51.79 28.29
N GLU B 121 17.38 52.96 28.53
CA GLU B 121 18.03 53.18 29.83
C GLU B 121 17.02 53.45 30.91
N ILE B 122 15.89 54.00 30.50
CA ILE B 122 14.75 54.24 31.37
C ILE B 122 14.07 52.93 31.75
N LEU B 123 14.04 51.98 30.81
CA LEU B 123 13.50 50.65 31.09
C LEU B 123 14.51 49.80 31.86
N GLY B 124 15.74 50.28 31.87
CA GLY B 124 16.92 49.70 32.51
C GLY B 124 17.68 48.80 31.54
N ARG B 125 18.98 49.03 31.40
CA ARG B 125 19.69 48.39 30.29
C ARG B 125 20.21 47.05 30.73
N ALA B 126 19.79 46.00 30.02
CA ALA B 126 20.39 44.69 30.21
C ALA B 126 21.45 44.33 29.16
N HIS B 127 21.51 45.08 28.07
CA HIS B 127 22.34 44.72 26.90
C HIS B 127 22.78 45.95 26.11
N ASP B 128 23.98 45.87 25.53
CA ASP B 128 24.48 46.89 24.61
C ASP B 128 24.03 46.67 23.16
N SER B 129 24.10 45.42 22.71
CA SER B 129 23.65 45.06 21.36
C SER B 129 23.48 43.57 21.24
N LEU B 130 22.92 43.13 20.12
CA LEU B 130 22.76 41.71 19.83
C LEU B 130 22.77 41.49 18.32
N PRO B 131 23.10 40.28 17.89
CA PRO B 131 22.98 39.99 16.45
C PRO B 131 21.51 39.87 16.07
N THR B 132 21.15 40.35 14.88
CA THR B 132 19.82 40.07 14.36
C THR B 132 19.91 39.09 13.19
N SER B 133 18.92 38.24 13.05
CA SER B 133 18.82 37.42 11.84
C SER B 133 18.28 38.27 10.71
N VAL B 134 18.52 37.82 9.49
CA VAL B 134 17.77 38.29 8.34
C VAL B 134 17.09 37.09 7.73
N THR B 135 16.01 37.33 7.01
CA THR B 135 15.13 36.26 6.65
C THR B 135 15.26 35.88 5.20
N ILE B 136 15.35 34.58 4.95
CA ILE B 136 15.24 34.04 3.62
C ILE B 136 13.90 33.31 3.47
N GLY B 137 13.06 33.73 2.54
CA GLY B 137 11.78 33.09 2.35
C GLY B 137 11.89 31.69 1.76
N ILE B 138 10.73 31.08 1.51
CA ILE B 138 10.64 29.82 0.79
C ILE B 138 11.02 30.06 -0.66
N LYS B 139 11.94 29.24 -1.17
CA LYS B 139 12.44 29.38 -2.53
C LYS B 139 13.44 28.25 -2.76
N PRO B 140 13.74 27.94 -4.03
CA PRO B 140 14.55 26.75 -4.38
C PRO B 140 15.98 26.82 -3.85
N VAL B 141 16.75 25.76 -4.03
CA VAL B 141 18.08 25.67 -3.43
C VAL B 141 19.04 26.75 -3.90
N GLU B 142 19.15 26.94 -5.21
CA GLU B 142 20.15 27.85 -5.76
C GLU B 142 19.88 29.32 -5.40
N GLU B 143 18.61 29.68 -5.43
CA GLU B 143 18.19 31.03 -5.05
C GLU B 143 18.39 31.25 -3.55
N THR B 144 18.27 30.17 -2.78
CA THR B 144 18.46 30.25 -1.34
C THR B 144 19.92 30.56 -1.07
N LEU B 145 20.81 29.87 -1.77
CA LEU B 145 22.23 30.07 -1.57
C LEU B 145 22.65 31.46 -2.02
N ALA B 146 21.96 31.97 -3.05
CA ALA B 146 22.28 33.29 -3.60
C ALA B 146 21.92 34.41 -2.63
N GLU B 147 20.70 34.34 -2.07
CA GLU B 147 20.30 35.32 -1.07
C GLU B 147 21.22 35.26 0.14
N ALA B 148 21.55 34.04 0.57
CA ALA B 148 22.45 33.87 1.69
C ALA B 148 23.75 34.64 1.46
N ARG B 149 24.34 34.47 0.29
CA ARG B 149 25.59 35.14 0.00
C ARG B 149 25.46 36.68 0.04
N GLU B 150 24.36 37.21 -0.51
CA GLU B 150 24.06 38.64 -0.40
C GLU B 150 24.02 39.08 1.05
N HIS B 151 23.40 38.28 1.91
CA HIS B 151 23.31 38.66 3.31
C HIS B 151 24.66 38.65 4.00
N LEU B 152 25.51 37.68 3.66
CA LEU B 152 26.82 37.60 4.30
C LEU B 152 27.65 38.83 3.94
N ALA B 153 27.44 39.33 2.72
CA ALA B 153 28.26 40.43 2.21
C ALA B 153 27.87 41.73 2.88
N LEU B 154 26.63 41.80 3.36
CA LEU B 154 26.15 42.99 4.05
C LEU B 154 26.43 42.95 5.55
N GLY B 155 27.07 41.88 6.01
CA GLY B 155 27.59 41.80 7.36
C GLY B 155 26.85 40.90 8.35
N PHE B 156 25.80 40.24 7.91
CA PHE B 156 24.98 39.44 8.82
C PHE B 156 25.63 38.12 9.21
N ARG B 157 25.55 37.80 10.48
CA ARG B 157 26.07 36.56 11.00
C ARG B 157 25.00 35.50 11.32
N VAL B 158 23.74 35.86 11.11
CA VAL B 158 22.62 34.97 11.48
C VAL B 158 21.55 34.97 10.39
N LEU B 159 21.15 33.78 9.95
CA LEU B 159 20.13 33.67 8.89
C LEU B 159 18.94 32.88 9.39
N LYS B 160 17.76 33.39 9.07
CA LYS B 160 16.52 32.71 9.43
C LYS B 160 15.87 32.23 8.15
N VAL B 161 15.68 30.92 8.05
CA VAL B 161 15.18 30.28 6.83
C VAL B 161 13.77 29.76 7.02
N LYS B 162 12.85 30.20 6.16
CA LYS B 162 11.47 29.71 6.16
C LYS B 162 11.40 28.34 5.50
N LEU B 163 10.82 27.39 6.21
CA LEU B 163 10.59 26.04 5.68
C LEU B 163 9.12 25.85 5.28
N CYS B 164 8.88 25.07 4.23
CA CYS B 164 7.50 24.90 3.75
C CYS B 164 6.75 23.66 4.25
N GLY B 165 7.47 22.72 4.87
CA GLY B 165 6.84 21.50 5.33
C GLY B 165 7.04 20.29 4.41
N ASP B 166 7.68 20.51 3.28
CA ASP B 166 8.07 19.43 2.38
C ASP B 166 9.48 19.02 2.78
N GLU B 167 9.61 17.86 3.39
CA GLU B 167 10.87 17.50 4.03
C GLU B 167 12.00 17.37 3.03
N GLU B 168 11.68 16.88 1.84
CA GLU B 168 12.71 16.71 0.82
C GLU B 168 13.31 18.06 0.44
N GLN B 169 12.46 19.03 0.11
CA GLN B 169 12.95 20.39 -0.16
C GLN B 169 13.59 21.07 1.08
N ASP B 170 12.91 21.02 2.23
CA ASP B 170 13.42 21.66 3.44
C ASP B 170 14.81 21.11 3.79
N PHE B 171 14.94 19.80 3.89
CA PHE B 171 16.20 19.22 4.34
C PHE B 171 17.34 19.54 3.38
N GLU B 172 17.05 19.50 2.07
CA GLU B 172 18.09 19.69 1.07
C GLU B 172 18.61 21.11 1.15
N ARG B 173 17.69 22.07 1.29
CA ARG B 173 18.07 23.47 1.41
C ARG B 173 18.95 23.67 2.62
N LEU B 174 18.60 23.03 3.73
CA LEU B 174 19.37 23.22 4.94
C LEU B 174 20.74 22.58 4.83
N ARG B 175 20.85 21.46 4.13
CA ARG B 175 22.15 20.79 4.02
C ARG B 175 23.08 21.62 3.12
N ARG B 176 22.55 22.02 1.97
CA ARG B 176 23.31 22.84 1.04
C ARG B 176 23.78 24.14 1.71
N LEU B 177 22.85 24.82 2.37
CA LEU B 177 23.12 26.11 3.01
C LEU B 177 24.24 26.00 4.03
N HIS B 178 24.18 24.99 4.89
CA HIS B 178 25.20 24.73 5.90
C HIS B 178 26.59 24.47 5.31
N GLU B 179 26.63 23.73 4.21
CA GLU B 179 27.85 23.48 3.46
C GLU B 179 28.46 24.77 2.85
N THR B 180 27.65 25.52 2.11
CA THR B 180 28.05 26.81 1.58
C THR B 180 28.54 27.82 2.64
N LEU B 181 27.87 27.84 3.79
CA LEU B 181 28.19 28.84 4.82
C LEU B 181 29.57 28.59 5.43
N ALA B 182 29.99 27.33 5.47
CA ALA B 182 31.29 27.01 6.04
C ALA B 182 31.47 27.74 7.36
N GLY B 183 30.43 27.75 8.19
CA GLY B 183 30.52 28.29 9.53
C GLY B 183 30.58 29.80 9.69
N ARG B 184 30.36 30.57 8.62
CA ARG B 184 30.40 32.02 8.82
C ARG B 184 29.05 32.67 9.16
N ALA B 185 28.02 31.84 9.31
CA ALA B 185 26.73 32.27 9.86
C ALA B 185 26.04 31.13 10.58
N VAL B 186 25.39 31.41 11.71
CA VAL B 186 24.49 30.43 12.31
C VAL B 186 23.12 30.52 11.66
N VAL B 187 22.39 29.41 11.71
CA VAL B 187 21.08 29.31 11.07
C VAL B 187 19.96 28.98 12.05
N ARG B 188 18.78 29.50 11.71
CA ARG B 188 17.58 29.56 12.51
C ARG B 188 16.48 29.18 11.56
N VAL B 189 15.63 28.20 11.87
CA VAL B 189 14.58 27.85 10.91
C VAL B 189 13.15 28.08 11.40
N ASP B 190 12.25 28.33 10.44
CA ASP B 190 10.86 28.71 10.74
C ASP B 190 9.83 28.02 9.84
N PRO B 191 9.35 26.82 10.23
CA PRO B 191 8.39 25.99 9.49
C PRO B 191 7.00 26.60 9.46
N ASN B 192 6.75 27.56 10.33
CA ASN B 192 5.46 28.24 10.38
C ASN B 192 4.25 27.34 10.38
N GLN B 193 4.23 26.36 11.28
CA GLN B 193 3.05 25.54 11.52
C GLN B 193 2.90 24.35 10.57
N SER B 194 3.84 24.17 9.66
CA SER B 194 3.66 23.21 8.58
C SER B 194 4.17 21.81 8.88
N TYR B 195 4.80 21.61 10.04
CA TYR B 195 5.20 20.25 10.42
C TYR B 195 4.15 19.36 11.11
N ASP B 196 4.30 18.05 10.95
CA ASP B 196 3.56 17.12 11.81
C ASP B 196 4.49 16.52 12.85
N ARG B 197 3.98 15.61 13.66
CA ARG B 197 4.74 15.12 14.80
C ARG B 197 5.97 14.30 14.44
N ASP B 198 5.81 13.34 13.52
CA ASP B 198 6.93 12.50 13.08
C ASP B 198 7.94 13.34 12.30
N GLY B 199 7.44 14.23 11.43
CA GLY B 199 8.29 15.10 10.66
C GLY B 199 9.20 16.00 11.49
N LEU B 200 8.69 16.48 12.62
CA LEU B 200 9.48 17.34 13.48
C LEU B 200 10.63 16.60 14.17
N LEU B 201 10.40 15.36 14.56
CA LEU B 201 11.47 14.60 15.18
C LEU B 201 12.63 14.46 14.19
N ARG B 202 12.30 14.29 12.91
CA ARG B 202 13.30 14.25 11.87
C ARG B 202 14.00 15.58 11.65
N LEU B 203 13.22 16.66 11.58
CA LEU B 203 13.79 17.99 11.40
C LEU B 203 14.79 18.24 12.51
N ASP B 204 14.40 17.86 13.73
CA ASP B 204 15.21 18.10 14.90
C ASP B 204 16.52 17.30 14.91
N ARG B 205 16.53 16.11 14.32
CA ARG B 205 17.78 15.35 14.26
C ARG B 205 18.76 16.07 13.34
N LEU B 206 18.24 16.50 12.19
CA LEU B 206 19.00 17.32 11.25
C LEU B 206 19.50 18.59 11.93
N VAL B 207 18.59 19.26 12.63
CA VAL B 207 18.92 20.50 13.30
C VAL B 207 20.10 20.33 14.25
N GLN B 208 20.15 19.19 14.92
CA GLN B 208 21.26 18.95 15.82
C GLN B 208 22.57 18.68 15.08
N GLU B 209 22.47 17.88 14.02
CA GLU B 209 23.59 17.56 13.12
C GLU B 209 24.18 18.82 12.46
N LEU B 210 23.33 19.74 12.02
CA LEU B 210 23.80 20.92 11.27
C LEU B 210 24.11 22.12 12.17
N GLY B 211 23.89 21.97 13.46
CA GLY B 211 24.15 23.07 14.39
C GLY B 211 23.21 24.26 14.27
N ILE B 212 21.98 24.00 13.81
CA ILE B 212 20.93 25.01 13.75
C ILE B 212 20.46 25.41 15.17
N GLU B 213 20.30 26.70 15.44
CA GLU B 213 20.05 27.22 16.81
C GLU B 213 18.77 26.70 17.46
N PHE B 214 17.66 26.85 16.74
CA PHE B 214 16.37 26.42 17.23
C PHE B 214 15.34 26.35 16.11
N ILE B 215 14.13 25.89 16.45
CA ILE B 215 13.05 25.72 15.49
C ILE B 215 11.86 26.54 15.95
N GLU B 216 11.35 27.37 15.05
CA GLU B 216 10.27 28.28 15.38
C GLU B 216 8.88 27.78 14.95
N GLN B 217 7.97 27.59 15.91
CA GLN B 217 6.59 27.20 15.63
C GLN B 217 6.48 26.10 14.57
N PRO B 218 6.90 24.89 14.89
CA PRO B 218 6.74 23.78 13.94
C PRO B 218 5.27 23.31 13.75
N PHE B 219 4.45 23.51 14.76
CA PHE B 219 3.11 22.95 14.77
C PHE B 219 2.07 24.06 14.68
N PRO B 220 0.88 23.71 14.25
CA PRO B 220 -0.21 24.71 14.23
C PRO B 220 -0.36 25.39 15.60
N ALA B 221 -0.76 26.65 15.58
CA ALA B 221 -0.83 27.46 16.79
C ALA B 221 -1.55 26.80 17.98
N GLY B 222 -2.65 26.10 17.72
CA GLY B 222 -3.43 25.53 18.80
C GLY B 222 -3.03 24.13 19.23
N ARG B 223 -2.00 23.61 18.59
CA ARG B 223 -1.50 22.25 18.80
C ARG B 223 -0.45 22.22 19.92
N THR B 224 -0.55 23.20 20.80
CA THR B 224 0.32 23.28 21.94
C THR B 224 0.50 21.96 22.70
N ASP B 225 -0.47 21.06 22.66
CA ASP B 225 -0.28 19.76 23.31
C ASP B 225 0.76 18.86 22.61
N TRP B 226 0.91 19.01 21.30
CA TRP B 226 1.93 18.30 20.54
C TRP B 226 3.33 18.65 21.06
N LEU B 227 3.51 19.91 21.46
CA LEU B 227 4.78 20.38 21.99
C LEU B 227 5.06 19.73 23.33
N ARG B 228 4.09 19.76 24.22
CA ARG B 228 4.30 19.18 25.53
C ARG B 228 4.57 17.68 25.47
N ALA B 229 4.13 17.03 24.42
CA ALA B 229 4.31 15.57 24.27
C ALA B 229 5.71 15.18 23.83
N LEU B 230 6.50 16.18 23.47
CA LEU B 230 7.88 16.00 23.06
C LEU B 230 8.81 15.88 24.26
N PRO B 231 9.96 15.22 24.08
CA PRO B 231 11.00 15.17 25.13
C PRO B 231 11.46 16.58 25.49
N LYS B 232 11.77 16.81 26.76
CA LYS B 232 12.09 18.14 27.25
C LYS B 232 13.24 18.81 26.49
N ALA B 233 14.28 18.04 26.14
CA ALA B 233 15.44 18.61 25.47
C ALA B 233 15.11 19.19 24.09
N ILE B 234 14.17 18.55 23.39
CA ILE B 234 13.66 19.06 22.12
C ILE B 234 12.84 20.35 22.31
N ARG B 235 11.94 20.34 23.30
CA ARG B 235 11.14 21.53 23.62
C ARG B 235 12.05 22.73 23.87
N ARG B 236 13.23 22.49 24.43
CA ARG B 236 14.13 23.59 24.79
C ARG B 236 14.61 24.35 23.57
N ARG B 237 14.74 23.65 22.46
CA ARG B 237 15.18 24.25 21.22
C ARG B 237 14.03 24.65 20.29
N ILE B 238 12.83 24.66 20.84
CA ILE B 238 11.67 25.16 20.11
C ILE B 238 11.18 26.54 20.58
N ALA B 239 10.85 27.41 19.63
CA ALA B 239 10.34 28.74 19.96
C ALA B 239 8.88 28.90 19.56
N ALA B 240 8.11 29.58 20.42
CA ALA B 240 6.70 29.84 20.15
C ALA B 240 6.53 31.20 19.48
N ASP B 241 5.81 31.25 18.38
CA ASP B 241 5.48 32.53 17.80
C ASP B 241 3.96 32.70 17.72
N GLU B 242 3.33 32.05 16.74
CA GLU B 242 1.88 32.18 16.54
C GLU B 242 1.06 31.65 17.72
N SER B 243 1.71 30.86 18.57
CA SER B 243 1.10 30.34 19.80
C SER B 243 1.17 31.36 20.92
N LEU B 244 2.01 32.37 20.77
CA LEU B 244 2.19 33.36 21.81
C LEU B 244 1.79 34.79 21.37
N LEU B 245 0.64 35.26 21.84
CA LEU B 245 0.24 36.64 21.54
C LEU B 245 0.55 37.53 22.73
N GLY B 246 -0.18 37.37 23.82
CA GLY B 246 0.08 38.11 25.04
C GLY B 246 0.55 37.35 26.27
N PRO B 247 0.54 38.04 27.43
CA PRO B 247 0.89 37.46 28.72
C PRO B 247 0.11 36.19 29.02
N ALA B 248 -1.16 36.18 28.70
CA ALA B 248 -2.01 35.03 28.96
C ALA B 248 -1.42 33.79 28.30
N ASP B 249 -1.03 33.91 27.03
CA ASP B 249 -0.41 32.80 26.30
C ASP B 249 0.93 32.42 26.93
N ALA B 250 1.71 33.45 27.26
CA ALA B 250 2.98 33.27 27.93
C ALA B 250 2.86 32.39 29.18
N PHE B 251 1.97 32.76 30.09
CA PHE B 251 1.77 31.97 31.30
C PHE B 251 1.33 30.54 30.94
N ALA B 252 0.45 30.42 29.95
CA ALA B 252 -0.04 29.08 29.61
C ALA B 252 1.08 28.22 29.03
N LEU B 253 1.96 28.83 28.23
CA LEU B 253 3.08 28.10 27.66
C LEU B 253 4.16 27.77 28.69
N ALA B 254 4.34 28.66 29.66
CA ALA B 254 5.42 28.52 30.61
C ALA B 254 5.10 27.54 31.72
N ALA B 255 3.80 27.36 31.97
CA ALA B 255 3.34 26.57 33.11
C ALA B 255 3.78 25.13 32.93
N PRO B 256 4.28 24.50 34.01
CA PRO B 256 4.75 23.10 33.94
C PRO B 256 3.66 22.13 33.58
N PRO B 257 3.93 21.18 32.69
CA PRO B 257 5.18 21.09 31.93
C PRO B 257 5.23 22.13 30.81
N ALA B 258 6.33 22.87 30.68
CA ALA B 258 6.36 23.98 29.73
C ALA B 258 6.34 23.46 28.32
N ALA B 259 5.76 24.23 27.41
CA ALA B 259 5.63 23.82 26.02
C ALA B 259 6.90 24.00 25.23
N CYS B 260 7.73 24.96 25.60
CA CYS B 260 8.89 25.30 24.78
C CYS B 260 9.90 26.13 25.56
N GLY B 261 11.03 26.43 24.92
CA GLY B 261 12.16 27.05 25.57
C GLY B 261 12.43 28.48 25.21
N ILE B 262 11.74 28.98 24.18
CA ILE B 262 11.95 30.33 23.68
C ILE B 262 10.62 30.97 23.31
N PHE B 263 10.46 32.26 23.63
CA PHE B 263 9.28 33.02 23.24
C PHE B 263 9.64 34.06 22.18
N ASN B 264 8.88 34.12 21.10
CA ASN B 264 9.11 35.17 20.13
C ASN B 264 8.08 36.25 20.35
N ILE B 265 8.50 37.36 20.94
CA ILE B 265 7.61 38.48 21.22
C ILE B 265 7.57 39.44 20.04
N LYS B 266 6.36 39.86 19.67
CA LYS B 266 6.21 40.92 18.69
C LYS B 266 5.25 41.96 19.19
N LEU B 267 5.67 43.22 19.18
CA LEU B 267 4.79 44.31 19.59
C LEU B 267 3.41 44.23 18.90
N MET B 268 3.37 43.87 17.62
CA MET B 268 2.09 43.88 16.90
C MET B 268 1.19 42.74 17.32
N LYS B 269 1.76 41.72 17.96
CA LYS B 269 0.96 40.65 18.56
C LYS B 269 0.42 40.95 19.96
N CYS B 270 1.27 41.50 20.82
CA CYS B 270 0.85 41.71 22.20
C CYS B 270 0.22 43.08 22.52
N GLY B 271 0.46 44.08 21.66
CA GLY B 271 -0.11 45.40 21.83
C GLY B 271 0.76 46.46 22.49
N GLY B 272 2.06 46.25 22.61
CA GLY B 272 2.94 47.35 22.99
C GLY B 272 4.03 46.94 23.96
N LEU B 273 4.81 47.92 24.44
CA LEU B 273 5.90 47.64 25.37
C LEU B 273 5.36 47.17 26.71
N ALA B 274 4.23 47.73 27.13
CA ALA B 274 3.70 47.37 28.43
C ALA B 274 3.35 45.87 28.52
N PRO B 275 2.56 45.35 27.56
CA PRO B 275 2.32 43.91 27.67
C PRO B 275 3.59 43.05 27.45
N ALA B 276 4.45 43.46 26.52
CA ALA B 276 5.74 42.79 26.31
C ALA B 276 6.53 42.59 27.60
N ARG B 277 6.63 43.64 28.41
CA ARG B 277 7.31 43.53 29.68
C ARG B 277 6.65 42.48 30.57
N ARG B 278 5.34 42.37 30.48
CA ARG B 278 4.65 41.37 31.27
C ARG B 278 5.04 39.96 30.81
N ILE B 279 5.04 39.74 29.50
CA ILE B 279 5.54 38.48 28.95
C ILE B 279 6.95 38.20 29.45
N ALA B 280 7.81 39.21 29.40
CA ALA B 280 9.20 39.02 29.80
C ALA B 280 9.36 38.58 31.25
N THR B 281 8.53 39.12 32.14
CA THR B 281 8.60 38.73 33.53
C THR B 281 8.26 37.26 33.70
N ILE B 282 7.23 36.81 33.01
CA ILE B 282 6.82 35.44 33.09
C ILE B 282 7.91 34.54 32.48
N ALA B 283 8.39 34.88 31.30
CA ALA B 283 9.44 34.11 30.67
C ALA B 283 10.67 33.99 31.60
N GLU B 284 11.18 35.12 32.06
CA GLU B 284 12.32 35.09 32.93
C GLU B 284 12.10 34.19 34.14
N THR B 285 10.98 34.38 34.82
CA THR B 285 10.74 33.61 36.02
C THR B 285 10.74 32.11 35.71
N ALA B 286 10.27 31.73 34.54
CA ALA B 286 10.15 30.33 34.18
C ALA B 286 11.36 29.80 33.39
N GLY B 287 12.37 30.65 33.21
CA GLY B 287 13.59 30.25 32.55
C GLY B 287 13.42 30.03 31.06
N ILE B 288 12.57 30.83 30.43
CA ILE B 288 12.34 30.78 29.00
C ILE B 288 13.16 31.90 28.37
N ASP B 289 13.87 31.61 27.28
CA ASP B 289 14.65 32.65 26.59
C ASP B 289 13.74 33.52 25.69
N LEU B 290 14.10 34.80 25.60
CA LEU B 290 13.32 35.77 24.85
C LEU B 290 13.90 35.99 23.46
N MET B 291 13.04 36.09 22.44
CA MET B 291 13.45 36.46 21.09
C MET B 291 12.49 37.53 20.63
N TRP B 292 13.01 38.62 20.08
CA TRP B 292 12.15 39.72 19.64
C TRP B 292 12.07 39.76 18.13
N GLY B 293 10.89 39.50 17.60
CA GLY B 293 10.71 39.45 16.16
C GLY B 293 9.87 40.61 15.66
N CYS B 294 9.41 40.52 14.43
CA CYS B 294 8.67 41.61 13.83
C CYS B 294 7.84 41.15 12.65
N MET B 295 7.06 42.08 12.10
CA MET B 295 6.45 41.96 10.79
C MET B 295 7.26 42.88 9.87
N ASP B 296 6.83 43.04 8.62
CA ASP B 296 7.41 44.10 7.81
C ASP B 296 6.94 45.44 8.38
N GLU B 297 7.88 46.26 8.81
CA GLU B 297 7.51 47.48 9.55
C GLU B 297 8.52 48.59 9.34
N SER B 298 8.03 49.82 9.50
CA SER B 298 8.86 51.00 9.54
C SER B 298 9.93 50.92 10.62
N ARG B 299 11.06 51.60 10.41
CA ARG B 299 12.11 51.76 11.42
C ARG B 299 11.55 52.12 12.80
N ILE B 300 10.43 52.85 12.81
CA ILE B 300 9.86 53.34 14.08
C ILE B 300 9.55 52.20 15.06
N SER B 301 8.86 51.16 14.59
CA SER B 301 8.46 50.11 15.52
C SER B 301 9.61 49.16 15.78
N ILE B 302 10.47 48.97 14.77
CA ILE B 302 11.69 48.19 14.96
C ILE B 302 12.50 48.79 16.10
N ALA B 303 12.70 50.10 16.07
CA ALA B 303 13.42 50.78 17.16
C ALA B 303 12.79 50.49 18.50
N ALA B 304 11.46 50.60 18.54
CA ALA B 304 10.75 50.47 19.80
C ALA B 304 10.95 49.07 20.36
N ALA B 305 10.84 48.09 19.48
CA ALA B 305 11.11 46.71 19.85
C ALA B 305 12.54 46.56 20.36
N LEU B 306 13.49 47.17 19.65
CA LEU B 306 14.89 47.06 20.06
C LEU B 306 15.15 47.61 21.47
N HIS B 307 14.59 48.78 21.79
CA HIS B 307 14.76 49.34 23.12
C HIS B 307 14.18 48.40 24.17
N ALA B 308 13.03 47.80 23.86
CA ALA B 308 12.41 46.89 24.83
C ALA B 308 13.31 45.67 24.99
N ALA B 309 13.80 45.15 23.86
CA ALA B 309 14.67 43.98 23.86
C ALA B 309 15.94 44.22 24.69
N LEU B 310 16.59 45.36 24.49
CA LEU B 310 17.84 45.62 25.21
C LEU B 310 17.62 45.96 26.69
N ALA B 311 16.36 46.11 27.10
CA ALA B 311 16.04 46.29 28.52
C ALA B 311 15.66 45.02 29.30
N CYS B 312 15.65 43.87 28.62
CA CYS B 312 15.25 42.62 29.29
C CYS B 312 16.41 41.65 29.48
N PRO B 313 16.75 41.37 30.75
CA PRO B 313 17.79 40.38 31.03
C PRO B 313 17.56 39.05 30.27
N ALA B 314 16.30 38.69 30.07
CA ALA B 314 15.99 37.41 29.47
C ALA B 314 16.12 37.40 27.95
N THR B 315 16.33 38.57 27.34
CA THR B 315 16.54 38.63 25.89
C THR B 315 17.81 37.86 25.49
N ARG B 316 17.67 37.08 24.43
CA ARG B 316 18.68 36.14 23.98
C ARG B 316 18.90 36.34 22.49
N TYR B 317 17.80 36.38 21.74
CA TYR B 317 17.84 36.57 20.29
C TYR B 317 17.06 37.78 19.80
N LEU B 318 17.51 38.34 18.67
CA LEU B 318 16.78 39.38 17.94
C LEU B 318 16.46 38.87 16.55
N ASP B 319 15.20 38.96 16.13
CA ASP B 319 14.98 38.92 14.70
C ASP B 319 14.25 40.20 14.32
N LEU B 320 14.97 41.30 14.12
CA LEU B 320 14.26 42.52 13.76
C LEU B 320 14.75 43.03 12.43
N ASP B 321 14.28 42.40 11.37
CA ASP B 321 14.76 42.72 10.05
C ASP B 321 13.73 43.43 9.21
N GLY B 322 12.58 43.67 9.82
CA GLY B 322 11.39 44.01 9.07
C GLY B 322 11.43 45.34 8.37
N SER B 323 12.39 46.18 8.71
CA SER B 323 12.49 47.47 8.04
C SER B 323 13.54 47.52 6.92
N PHE B 324 14.33 46.44 6.77
CA PHE B 324 15.50 46.49 5.86
C PHE B 324 15.14 46.47 4.38
N ASP B 325 14.09 45.73 4.04
CA ASP B 325 13.67 45.58 2.63
C ASP B 325 12.58 46.59 2.20
N LEU B 326 12.29 47.55 3.06
CA LEU B 326 11.39 48.65 2.71
C LEU B 326 12.02 49.55 1.65
N ALA B 327 11.29 49.79 0.55
CA ALA B 327 11.78 50.65 -0.53
C ALA B 327 11.94 52.10 -0.09
N ARG B 328 11.00 52.56 0.75
CA ARG B 328 11.16 53.84 1.46
C ARG B 328 10.74 53.70 2.92
N ASP B 329 11.06 54.69 3.73
CA ASP B 329 10.54 54.72 5.09
C ASP B 329 10.19 56.17 5.41
N VAL B 330 9.57 56.40 6.56
CA VAL B 330 9.22 57.75 6.96
C VAL B 330 10.11 58.37 8.02
N ALA B 331 11.13 57.64 8.46
CA ALA B 331 12.01 58.18 9.49
C ALA B 331 13.38 57.54 9.48
N GLU B 332 14.33 58.22 10.10
CA GLU B 332 15.70 57.74 10.21
C GLU B 332 16.08 57.61 11.68
N GLY B 333 17.18 56.94 11.95
CA GLY B 333 17.67 56.83 13.30
C GLY B 333 17.03 55.67 14.03
N GLY B 334 16.93 55.82 15.34
CA GLY B 334 16.26 54.89 16.24
C GLY B 334 17.12 53.68 16.60
N PHE B 335 17.87 53.18 15.63
CA PHE B 335 18.77 52.06 15.87
C PHE B 335 19.91 52.16 14.88
N ILE B 336 21.05 51.54 15.21
CA ILE B 336 22.19 51.46 14.30
C ILE B 336 22.51 50.02 14.00
N LEU B 337 22.66 49.69 12.71
CA LEU B 337 23.13 48.37 12.29
C LEU B 337 24.64 48.39 12.06
N GLU B 338 25.36 47.53 12.78
CA GLU B 338 26.80 47.37 12.52
C GLU B 338 27.24 45.92 12.56
N ASP B 339 27.75 45.43 11.43
CA ASP B 339 28.18 44.03 11.31
C ASP B 339 27.11 43.06 11.80
N GLY B 340 25.88 43.27 11.35
CA GLY B 340 24.78 42.39 11.69
C GLY B 340 24.31 42.54 13.13
N ARG B 341 24.82 43.54 13.83
CA ARG B 341 24.35 43.78 15.19
C ARG B 341 23.52 45.04 15.24
N LEU B 342 22.49 45.02 16.09
CA LEU B 342 21.64 46.20 16.30
C LEU B 342 21.92 46.81 17.65
N ARG B 343 21.83 48.13 17.69
CA ARG B 343 22.28 48.92 18.82
C ARG B 343 21.30 50.11 18.81
N VAL B 344 21.17 50.83 19.92
CA VAL B 344 20.41 52.08 19.89
C VAL B 344 21.39 53.25 19.90
N THR B 345 20.95 54.37 19.33
CA THR B 345 21.71 55.61 19.39
C THR B 345 21.67 56.19 20.80
N GLU B 346 22.31 57.34 20.98
CA GLU B 346 22.38 58.00 22.28
C GLU B 346 21.34 59.09 22.46
N ARG B 347 20.51 59.29 21.45
CA ARG B 347 19.46 60.31 21.51
C ARG B 347 18.34 59.95 22.50
N PRO B 348 17.75 60.96 23.14
CA PRO B 348 16.69 60.58 24.09
C PRO B 348 15.44 59.98 23.40
N GLY B 349 14.73 59.13 24.14
CA GLY B 349 13.52 58.54 23.64
C GLY B 349 13.80 57.39 22.69
N LEU B 350 12.97 57.25 21.66
CA LEU B 350 13.21 56.23 20.67
C LEU B 350 14.45 56.59 19.83
N GLY B 351 14.81 57.87 19.83
CA GLY B 351 15.95 58.34 19.07
C GLY B 351 15.68 58.41 17.58
N LEU B 352 14.45 58.77 17.22
CA LEU B 352 14.07 58.85 15.81
C LEU B 352 14.21 60.27 15.26
N VAL B 353 14.54 60.35 13.98
CA VAL B 353 14.73 61.64 13.32
C VAL B 353 13.77 61.74 12.15
N TYR B 354 13.10 62.89 12.07
CA TYR B 354 12.00 63.08 11.13
C TYR B 354 12.31 63.85 9.85
N MET C 1 -30.92 -6.87 5.09
CA MET C 1 -30.28 -8.16 4.87
C MET C 1 -30.70 -9.28 5.83
N LYS C 2 -31.04 -8.98 7.08
CA LYS C 2 -31.79 -10.01 7.87
C LYS C 2 -31.14 -11.34 8.31
N ILE C 3 -30.48 -11.35 9.47
CA ILE C 3 -30.00 -12.61 10.03
C ILE C 3 -31.10 -13.69 10.13
N ALA C 4 -30.88 -14.83 9.48
CA ALA C 4 -31.73 -16.00 9.59
C ALA C 4 -31.35 -16.94 10.72
N ASP C 5 -30.06 -17.20 10.86
CA ASP C 5 -29.63 -18.33 11.69
C ASP C 5 -28.19 -18.22 12.20
N ILE C 6 -27.93 -18.83 13.35
CA ILE C 6 -26.61 -18.79 13.98
C ILE C 6 -26.21 -20.14 14.61
N GLN C 7 -25.02 -20.63 14.25
CA GLN C 7 -24.51 -21.90 14.77
C GLN C 7 -23.17 -21.67 15.48
N VAL C 8 -22.95 -22.38 16.57
CA VAL C 8 -21.74 -22.24 17.34
C VAL C 8 -21.20 -23.61 17.74
N ARG C 9 -19.90 -23.84 17.55
CA ARG C 9 -19.31 -25.13 17.91
C ARG C 9 -17.87 -25.05 18.42
N THR C 10 -17.46 -26.04 19.21
CA THR C 10 -16.08 -26.09 19.70
C THR C 10 -15.19 -26.85 18.73
N GLU C 11 -13.96 -26.37 18.60
CA GLU C 11 -12.99 -26.97 17.72
C GLU C 11 -11.71 -27.09 18.50
N HIS C 12 -11.08 -28.26 18.43
CA HIS C 12 -9.82 -28.47 19.11
C HIS C 12 -8.66 -28.48 18.10
N PHE C 13 -7.70 -27.55 18.28
CA PHE C 13 -6.52 -27.44 17.42
C PHE C 13 -5.22 -27.68 18.17
N PRO C 14 -4.55 -28.81 17.91
CA PRO C 14 -3.23 -28.97 18.52
C PRO C 14 -2.20 -28.15 17.75
N LEU C 15 -1.16 -27.71 18.44
CA LEU C 15 -0.11 -26.95 17.78
C LEU C 15 0.95 -27.90 17.22
N THR C 16 1.43 -27.61 16.02
CA THR C 16 2.59 -28.32 15.50
C THR C 16 3.85 -27.99 16.30
N ARG C 17 3.87 -26.80 16.92
CA ARG C 17 5.04 -26.35 17.68
C ARG C 17 4.72 -25.75 19.05
N PRO C 18 4.69 -26.58 20.11
CA PRO C 18 4.47 -26.12 21.48
C PRO C 18 5.53 -25.08 21.90
N TYR C 19 5.16 -24.17 22.79
CA TYR C 19 6.07 -23.10 23.16
C TYR C 19 5.81 -22.56 24.56
N ARG C 20 6.79 -21.83 25.08
CA ARG C 20 6.77 -21.30 26.45
C ARG C 20 6.55 -19.79 26.49
N ILE C 21 5.66 -19.34 27.36
CA ILE C 21 5.54 -17.90 27.63
C ILE C 21 5.80 -17.68 29.10
N ALA C 22 6.03 -16.43 29.51
CA ALA C 22 6.37 -16.13 30.92
C ALA C 22 5.32 -16.68 31.89
N PHE C 23 5.79 -17.49 32.84
CA PHE C 23 4.94 -18.27 33.75
C PHE C 23 3.71 -18.92 33.07
N ARG C 24 3.98 -19.78 32.08
CA ARG C 24 2.95 -20.49 31.30
C ARG C 24 3.56 -21.59 30.39
N SER C 25 2.73 -22.16 29.52
CA SER C 25 3.19 -23.00 28.41
C SER C 25 1.97 -23.44 27.60
N ILE C 26 2.15 -23.75 26.30
CA ILE C 26 1.00 -24.04 25.43
C ILE C 26 1.26 -25.17 24.40
N GLU C 27 0.56 -26.31 24.53
CA GLU C 27 0.63 -27.34 23.48
C GLU C 27 -0.55 -27.39 22.50
N GLU C 28 -1.66 -26.76 22.86
CA GLU C 28 -2.87 -26.86 22.05
C GLU C 28 -3.85 -25.74 22.37
N ILE C 29 -4.78 -25.48 21.46
CA ILE C 29 -5.76 -24.43 21.72
C ILE C 29 -7.18 -24.77 21.26
N ASP C 30 -8.17 -24.37 22.05
CA ASP C 30 -9.57 -24.48 21.65
C ASP C 30 -10.06 -23.11 21.14
N ASN C 31 -10.79 -23.10 20.03
CA ASN C 31 -11.50 -21.91 19.57
C ASN C 31 -12.99 -22.21 19.53
N LEU C 32 -13.82 -21.17 19.57
CA LEU C 32 -15.23 -21.32 19.24
C LEU C 32 -15.43 -20.80 17.81
N ILE C 33 -16.09 -21.58 16.96
CA ILE C 33 -16.38 -21.11 15.60
C ILE C 33 -17.83 -20.66 15.48
N VAL C 34 -18.04 -19.51 14.87
CA VAL C 34 -19.37 -18.93 14.78
C VAL C 34 -19.76 -18.83 13.32
N GLU C 35 -20.98 -19.25 13.02
CA GLU C 35 -21.54 -19.18 11.67
C GLU C 35 -22.86 -18.43 11.66
N ILE C 36 -22.90 -17.30 10.97
CA ILE C 36 -24.12 -16.49 10.93
C ILE C 36 -24.62 -16.49 9.51
N ARG C 37 -25.84 -16.97 9.33
CA ARG C 37 -26.39 -17.06 7.99
C ARG C 37 -27.52 -16.07 7.71
N THR C 38 -27.54 -15.61 6.48
CA THR C 38 -28.44 -14.58 6.04
C THR C 38 -29.71 -15.20 5.45
N ALA C 39 -30.83 -14.51 5.57
CA ALA C 39 -32.09 -14.99 5.01
C ALA C 39 -31.88 -15.48 3.57
N ASP C 40 -31.16 -14.68 2.79
CA ASP C 40 -30.96 -14.98 1.38
C ASP C 40 -29.74 -15.89 1.10
N GLY C 41 -29.15 -16.44 2.15
CA GLY C 41 -28.14 -17.50 2.01
C GLY C 41 -26.67 -17.22 2.33
N LEU C 42 -26.29 -15.95 2.48
CA LEU C 42 -24.90 -15.60 2.77
C LEU C 42 -24.42 -16.06 4.16
N LEU C 43 -23.12 -16.35 4.25
CA LEU C 43 -22.51 -16.84 5.48
C LEU C 43 -21.39 -15.92 5.99
N GLY C 44 -21.57 -15.35 7.18
CA GLY C 44 -20.47 -14.69 7.87
C GLY C 44 -19.76 -15.63 8.83
N LEU C 45 -18.44 -15.47 8.96
CA LEU C 45 -17.68 -16.34 9.84
C LEU C 45 -17.02 -15.56 10.97
N GLY C 46 -16.92 -16.17 12.14
CA GLY C 46 -16.21 -15.57 13.25
C GLY C 46 -15.59 -16.64 14.11
N ALA C 47 -14.56 -16.27 14.87
CA ALA C 47 -13.88 -17.23 15.71
C ALA C 47 -13.46 -16.58 17.02
N ALA C 48 -13.54 -17.34 18.11
CA ALA C 48 -13.25 -16.82 19.44
C ALA C 48 -12.10 -17.57 20.07
N SER C 49 -11.19 -16.83 20.72
CA SER C 49 -10.08 -17.43 21.45
C SER C 49 -9.86 -16.69 22.78
N PRO C 50 -10.69 -17.01 23.77
CA PRO C 50 -10.70 -16.29 25.05
C PRO C 50 -9.37 -16.43 25.78
N GLU C 51 -8.87 -15.33 26.34
CA GLU C 51 -7.64 -15.37 27.09
C GLU C 51 -7.92 -14.94 28.53
N ARG C 52 -7.92 -15.90 29.46
CA ARG C 52 -8.51 -15.64 30.76
C ARG C 52 -7.60 -14.80 31.66
N HIS C 53 -6.30 -15.01 31.57
CA HIS C 53 -5.37 -14.27 32.41
C HIS C 53 -5.26 -12.79 32.01
N VAL C 54 -5.82 -12.46 30.85
CA VAL C 54 -5.82 -11.09 30.37
C VAL C 54 -7.18 -10.42 30.53
N THR C 55 -8.21 -10.98 29.92
CA THR C 55 -9.55 -10.40 30.01
C THR C 55 -10.44 -10.93 31.13
N GLY C 56 -10.04 -12.04 31.76
CA GLY C 56 -10.89 -12.67 32.76
C GLY C 56 -11.93 -13.63 32.19
N GLU C 57 -11.88 -13.86 30.88
CA GLU C 57 -12.89 -14.66 30.17
C GLU C 57 -12.45 -16.10 29.96
N THR C 58 -13.11 -17.04 30.64
CA THR C 58 -12.81 -18.47 30.48
C THR C 58 -13.47 -19.06 29.24
N LEU C 59 -12.91 -20.15 28.72
CA LEU C 59 -13.55 -20.88 27.62
C LEU C 59 -14.99 -21.29 27.97
N GLU C 60 -15.19 -21.71 29.21
CA GLU C 60 -16.52 -22.06 29.67
C GLU C 60 -17.46 -20.85 29.49
N ALA C 61 -16.99 -19.69 29.94
CA ALA C 61 -17.82 -18.49 29.90
C ALA C 61 -18.04 -18.05 28.46
N CYS C 62 -17.02 -18.22 27.65
CA CYS C 62 -17.08 -17.76 26.29
C CYS C 62 -18.18 -18.54 25.58
N HIS C 63 -18.13 -19.85 25.79
CA HIS C 63 -19.07 -20.76 25.18
C HIS C 63 -20.47 -20.52 25.71
N ALA C 64 -20.55 -20.18 26.98
CA ALA C 64 -21.84 -19.91 27.60
C ALA C 64 -22.49 -18.72 26.92
N ALA C 65 -21.69 -17.69 26.66
CA ALA C 65 -22.21 -16.42 26.16
C ALA C 65 -22.73 -16.55 24.75
N LEU C 66 -22.25 -17.58 24.07
CA LEU C 66 -22.63 -17.91 22.69
C LEU C 66 -23.71 -18.99 22.58
N ASP C 67 -24.24 -19.42 23.72
CA ASP C 67 -25.30 -20.43 23.74
C ASP C 67 -26.51 -20.03 22.91
N HIS C 68 -27.04 -20.98 22.14
CA HIS C 68 -28.12 -20.70 21.21
C HIS C 68 -29.25 -19.89 21.85
N ASP C 69 -29.57 -20.21 23.09
CA ASP C 69 -30.67 -19.55 23.77
C ASP C 69 -30.39 -18.07 23.99
N ARG C 70 -29.15 -17.75 24.35
CA ARG C 70 -28.78 -16.37 24.66
C ARG C 70 -28.62 -15.48 23.44
N LEU C 71 -28.68 -16.07 22.24
CA LEU C 71 -28.53 -15.30 21.01
C LEU C 71 -29.83 -14.91 20.29
N GLY C 72 -30.97 -15.34 20.81
CA GLY C 72 -32.24 -15.17 20.10
C GLY C 72 -32.54 -13.77 19.61
N TRP C 73 -32.13 -12.79 20.40
CA TRP C 73 -32.37 -11.39 20.08
C TRP C 73 -31.75 -10.93 18.75
N LEU C 74 -30.76 -11.68 18.26
CA LEU C 74 -30.13 -11.36 16.98
C LEU C 74 -30.94 -11.83 15.75
N MET C 75 -31.83 -12.78 15.97
CA MET C 75 -32.62 -13.32 14.86
C MET C 75 -33.47 -12.24 14.20
N GLY C 76 -33.34 -12.14 12.89
CA GLY C 76 -34.18 -11.26 12.12
C GLY C 76 -33.72 -9.82 12.14
N ARG C 77 -32.60 -9.55 12.82
CA ARG C 77 -32.02 -8.21 12.83
C ARG C 77 -31.33 -7.93 11.49
N ASP C 78 -31.36 -6.68 11.06
CA ASP C 78 -30.84 -6.25 9.76
C ASP C 78 -29.34 -5.90 9.84
N ILE C 79 -28.50 -6.65 9.13
CA ILE C 79 -27.05 -6.42 9.24
C ILE C 79 -26.60 -5.03 8.76
N ARG C 80 -27.41 -4.34 7.97
CA ARG C 80 -27.06 -3.00 7.52
C ARG C 80 -27.06 -1.98 8.68
N THR C 81 -27.55 -2.41 9.82
CA THR C 81 -27.57 -1.60 11.04
C THR C 81 -26.37 -1.90 11.93
N LEU C 82 -25.35 -2.51 11.33
CA LEU C 82 -24.19 -3.06 12.04
C LEU C 82 -23.68 -2.27 13.27
N PRO C 83 -23.54 -0.94 13.16
CA PRO C 83 -23.00 -0.31 14.38
C PRO C 83 -23.98 -0.38 15.57
N ARG C 84 -25.29 -0.34 15.30
CA ARG C 84 -26.25 -0.53 16.38
C ARG C 84 -26.10 -1.94 16.99
N LEU C 85 -26.00 -2.95 16.13
CA LEU C 85 -25.78 -4.31 16.59
C LEU C 85 -24.52 -4.42 17.43
N CYS C 86 -23.44 -3.77 17.01
CA CYS C 86 -22.22 -3.85 17.80
C CYS C 86 -22.36 -3.25 19.20
N ARG C 87 -23.05 -2.11 19.30
CA ARG C 87 -23.35 -1.52 20.59
C ARG C 87 -24.13 -2.52 21.46
N GLU C 88 -25.11 -3.21 20.87
CA GLU C 88 -25.92 -4.16 21.63
C GLU C 88 -25.12 -5.38 22.06
N LEU C 89 -24.14 -5.80 21.25
CA LEU C 89 -23.22 -6.87 21.64
C LEU C 89 -22.51 -6.49 22.94
N ALA C 90 -22.01 -5.26 22.98
CA ALA C 90 -21.31 -4.75 24.16
C ALA C 90 -22.21 -4.79 25.40
N GLU C 91 -23.50 -4.55 25.21
CA GLU C 91 -24.44 -4.53 26.32
C GLU C 91 -24.82 -5.95 26.75
N ARG C 92 -24.97 -6.87 25.81
CA ARG C 92 -25.42 -8.23 26.16
C ARG C 92 -24.29 -9.24 26.43
N LEU C 93 -23.07 -8.88 26.06
CA LEU C 93 -21.90 -9.74 26.29
C LEU C 93 -20.80 -8.88 26.88
N PRO C 94 -21.10 -8.26 28.04
CA PRO C 94 -20.17 -7.30 28.67
C PRO C 94 -18.88 -7.93 29.18
N ALA C 95 -18.92 -9.17 29.66
CA ALA C 95 -17.74 -9.86 30.19
C ALA C 95 -17.04 -10.88 29.27
N ALA C 96 -17.48 -11.00 28.03
CA ALA C 96 -16.90 -11.99 27.12
C ALA C 96 -16.41 -11.40 25.77
N PRO C 97 -15.34 -10.60 25.82
CA PRO C 97 -14.80 -9.95 24.60
C PRO C 97 -14.51 -10.93 23.46
N ALA C 98 -14.03 -12.14 23.74
CA ALA C 98 -13.71 -13.05 22.64
C ALA C 98 -14.98 -13.50 21.94
N ALA C 99 -15.96 -13.92 22.73
CA ALA C 99 -17.28 -14.28 22.18
C ALA C 99 -17.87 -13.11 21.39
N ARG C 100 -17.90 -11.93 22.01
CA ARG C 100 -18.37 -10.71 21.35
C ARG C 100 -17.63 -10.45 20.03
N ALA C 101 -16.32 -10.67 20.02
CA ALA C 101 -15.51 -10.43 18.83
C ALA C 101 -15.90 -11.38 17.69
N ALA C 102 -16.11 -12.65 18.03
CA ALA C 102 -16.57 -13.66 17.08
C ALA C 102 -17.83 -13.21 16.32
N LEU C 103 -18.88 -12.83 17.05
CA LEU C 103 -20.08 -12.30 16.39
C LEU C 103 -19.79 -11.01 15.62
N ASP C 104 -19.04 -10.10 16.23
CA ASP C 104 -18.70 -8.86 15.58
C ASP C 104 -18.03 -9.10 14.22
N MET C 105 -16.99 -9.94 14.17
CA MET C 105 -16.33 -10.31 12.90
C MET C 105 -17.34 -10.75 11.88
N ALA C 106 -18.18 -11.71 12.26
CA ALA C 106 -19.11 -12.34 11.34
C ALA C 106 -20.06 -11.33 10.72
N LEU C 107 -20.54 -10.38 11.53
CA LEU C 107 -21.38 -9.33 11.00
C LEU C 107 -20.60 -8.45 10.04
N HIS C 108 -19.34 -8.12 10.38
CA HIS C 108 -18.54 -7.32 9.45
C HIS C 108 -18.33 -8.11 8.15
N ASP C 109 -18.08 -9.42 8.28
CA ASP C 109 -18.00 -10.30 7.13
C ASP C 109 -19.22 -10.14 6.22
N LEU C 110 -20.43 -10.21 6.81
CA LEU C 110 -21.67 -10.13 6.04
C LEU C 110 -21.97 -8.77 5.44
N VAL C 111 -21.71 -7.70 6.20
CA VAL C 111 -22.02 -6.36 5.69
C VAL C 111 -21.17 -6.06 4.48
N ALA C 112 -19.93 -6.56 4.48
CA ALA C 112 -19.03 -6.31 3.36
C ALA C 112 -19.48 -7.12 2.15
N GLN C 113 -19.92 -8.35 2.38
CA GLN C 113 -20.46 -9.16 1.28
C GLN C 113 -21.70 -8.50 0.67
N CYS C 114 -22.57 -7.99 1.53
CA CYS C 114 -23.73 -7.26 1.09
C CYS C 114 -23.32 -6.10 0.17
N LEU C 115 -22.32 -5.34 0.60
CA LEU C 115 -21.86 -4.19 -0.19
C LEU C 115 -21.09 -4.61 -1.45
N GLY C 116 -20.45 -5.78 -1.38
CA GLY C 116 -19.81 -6.39 -2.53
C GLY C 116 -18.29 -6.32 -2.67
N LEU C 117 -17.60 -5.83 -1.63
CA LEU C 117 -16.16 -5.65 -1.68
C LEU C 117 -15.45 -6.37 -0.53
N PRO C 118 -14.12 -6.53 -0.64
CA PRO C 118 -13.36 -7.02 0.54
C PRO C 118 -13.56 -6.09 1.75
N LEU C 119 -13.69 -6.67 2.95
CA LEU C 119 -13.99 -5.90 4.15
C LEU C 119 -13.13 -4.65 4.31
N VAL C 120 -11.83 -4.81 4.09
CA VAL C 120 -10.90 -3.70 4.19
C VAL C 120 -11.32 -2.50 3.34
N GLU C 121 -11.79 -2.73 2.11
CA GLU C 121 -12.15 -1.60 1.23
C GLU C 121 -13.35 -0.83 1.79
N ILE C 122 -14.18 -1.54 2.52
CA ILE C 122 -15.41 -1.02 3.13
C ILE C 122 -15.06 -0.18 4.35
N LEU C 123 -14.08 -0.63 5.14
CA LEU C 123 -13.58 0.12 6.28
C LEU C 123 -12.66 1.26 5.85
N GLY C 124 -12.34 1.26 4.56
CA GLY C 124 -11.50 2.26 3.90
C GLY C 124 -10.05 1.79 3.96
N ARG C 125 -9.34 1.81 2.84
CA ARG C 125 -8.08 1.10 2.80
C ARG C 125 -6.95 2.05 3.08
N ALA C 126 -6.25 1.79 4.18
CA ALA C 126 -5.03 2.51 4.49
C ALA C 126 -3.72 1.84 3.98
N HIS C 127 -3.75 0.54 3.69
CA HIS C 127 -2.51 -0.19 3.40
C HIS C 127 -2.77 -1.37 2.47
N ASP C 128 -1.80 -1.67 1.60
CA ASP C 128 -1.87 -2.89 0.79
C ASP C 128 -1.39 -4.15 1.49
N SER C 129 -0.26 -4.05 2.20
CA SER C 129 0.30 -5.17 2.96
C SER C 129 1.30 -4.68 4.01
N LEU C 130 1.62 -5.55 4.98
CA LEU C 130 2.64 -5.25 5.97
C LEU C 130 3.38 -6.51 6.37
N PRO C 131 4.64 -6.37 6.79
CA PRO C 131 5.40 -7.48 7.35
C PRO C 131 4.74 -7.97 8.63
N THR C 132 4.79 -9.26 8.89
CA THR C 132 4.32 -9.76 10.17
C THR C 132 5.48 -10.44 10.88
N SER C 133 5.51 -10.34 12.20
CA SER C 133 6.50 -11.07 12.99
C SER C 133 6.02 -12.50 13.14
N VAL C 134 6.95 -13.40 13.41
CA VAL C 134 6.61 -14.71 13.96
C VAL C 134 7.24 -14.80 15.33
N THR C 135 6.69 -15.67 16.16
CA THR C 135 7.09 -15.68 17.55
C THR C 135 8.06 -16.79 17.93
N ILE C 136 9.10 -16.43 18.64
CA ILE C 136 9.95 -17.41 19.31
C ILE C 136 9.68 -17.34 20.81
N GLY C 137 9.22 -18.46 21.39
CA GLY C 137 8.94 -18.53 22.81
C GLY C 137 10.19 -18.48 23.68
N ILE C 138 10.02 -18.70 24.97
CA ILE C 138 11.18 -18.83 25.87
C ILE C 138 11.90 -20.18 25.69
N LYS C 139 13.23 -20.13 25.55
CA LYS C 139 14.04 -21.31 25.30
C LYS C 139 15.53 -20.93 25.24
N PRO C 140 16.44 -21.92 25.47
CA PRO C 140 17.90 -21.71 25.52
C PRO C 140 18.46 -21.17 24.21
N VAL C 141 19.66 -20.60 24.23
CA VAL C 141 20.25 -19.96 23.06
C VAL C 141 20.26 -20.81 21.79
N GLU C 142 20.81 -22.02 21.86
CA GLU C 142 20.90 -22.87 20.67
C GLU C 142 19.55 -23.09 19.97
N GLU C 143 18.54 -23.45 20.76
CA GLU C 143 17.18 -23.66 20.25
C GLU C 143 16.63 -22.39 19.60
N THR C 144 16.91 -21.23 20.22
CA THR C 144 16.45 -19.95 19.71
C THR C 144 16.99 -19.65 18.31
N LEU C 145 18.31 -19.79 18.14
CA LEU C 145 18.92 -19.59 16.83
C LEU C 145 18.37 -20.64 15.86
N ALA C 146 18.08 -21.83 16.37
CA ALA C 146 17.56 -22.90 15.52
C ALA C 146 16.21 -22.53 14.92
N GLU C 147 15.32 -22.00 15.76
CA GLU C 147 14.00 -21.57 15.30
C GLU C 147 14.15 -20.35 14.40
N ALA C 148 15.04 -19.44 14.79
CA ALA C 148 15.31 -18.24 14.01
C ALA C 148 15.58 -18.58 12.55
N ARG C 149 16.40 -19.60 12.33
CA ARG C 149 16.79 -19.96 10.97
C ARG C 149 15.64 -20.61 10.19
N GLU C 150 14.88 -21.48 10.87
CA GLU C 150 13.68 -22.06 10.24
C GLU C 150 12.78 -20.96 9.69
N HIS C 151 12.56 -19.92 10.51
CA HIS C 151 11.67 -18.81 10.15
C HIS C 151 12.21 -17.98 9.00
N LEU C 152 13.52 -17.72 9.02
CA LEU C 152 14.15 -16.99 7.92
C LEU C 152 13.88 -17.70 6.59
N ALA C 153 13.89 -19.03 6.63
CA ALA C 153 13.81 -19.85 5.42
C ALA C 153 12.39 -19.84 4.90
N LEU C 154 11.44 -19.63 5.80
CA LEU C 154 10.03 -19.55 5.40
C LEU C 154 9.75 -18.14 4.92
N GLY C 155 10.75 -17.28 4.99
CA GLY C 155 10.72 -16.00 4.33
C GLY C 155 10.31 -14.81 5.20
N PHE C 156 10.24 -15.01 6.51
CA PHE C 156 9.89 -13.94 7.45
C PHE C 156 11.03 -12.95 7.66
N ARG C 157 10.70 -11.66 7.69
CA ARG C 157 11.67 -10.59 7.90
C ARG C 157 11.65 -9.96 9.29
N VAL C 158 10.80 -10.47 10.18
CA VAL C 158 10.62 -9.89 11.52
C VAL C 158 10.41 -10.98 12.56
N LEU C 159 11.15 -10.93 13.66
CA LEU C 159 10.99 -11.93 14.72
C LEU C 159 10.63 -11.27 16.02
N LYS C 160 9.66 -11.87 16.69
CA LYS C 160 9.26 -11.42 18.02
C LYS C 160 9.77 -12.42 19.04
N VAL C 161 10.60 -11.96 19.96
CA VAL C 161 11.27 -12.85 20.90
C VAL C 161 10.72 -12.68 22.32
N LYS C 162 10.29 -13.77 22.91
CA LYS C 162 9.80 -13.70 24.28
C LYS C 162 10.95 -13.76 25.29
N LEU C 163 10.93 -12.84 26.25
CA LEU C 163 11.95 -12.79 27.28
C LEU C 163 11.32 -13.20 28.62
N CYS C 164 12.10 -13.81 29.50
CA CYS C 164 11.58 -14.28 30.79
C CYS C 164 11.87 -13.39 32.01
N GLY C 165 12.67 -12.35 31.84
CA GLY C 165 12.99 -11.52 32.98
C GLY C 165 14.32 -11.85 33.65
N ASP C 166 14.95 -12.94 33.24
CA ASP C 166 16.28 -13.23 33.74
C ASP C 166 17.24 -12.55 32.78
N GLU C 167 17.84 -11.46 33.23
CA GLU C 167 18.61 -10.61 32.33
C GLU C 167 19.77 -11.34 31.68
N GLU C 168 20.44 -12.23 32.42
CA GLU C 168 21.57 -12.95 31.85
C GLU C 168 21.13 -13.78 30.64
N GLN C 169 20.13 -14.63 30.83
CA GLN C 169 19.62 -15.39 29.69
C GLN C 169 19.04 -14.49 28.59
N ASP C 170 18.14 -13.56 28.96
CA ASP C 170 17.53 -12.65 27.98
C ASP C 170 18.59 -11.94 27.12
N PHE C 171 19.58 -11.33 27.74
CA PHE C 171 20.56 -10.55 26.99
C PHE C 171 21.43 -11.39 26.06
N GLU C 172 21.87 -12.56 26.50
CA GLU C 172 22.76 -13.37 25.66
C GLU C 172 21.98 -13.88 24.45
N ARG C 173 20.72 -14.27 24.66
CA ARG C 173 19.84 -14.64 23.55
C ARG C 173 19.75 -13.52 22.52
N LEU C 174 19.62 -12.27 22.97
CA LEU C 174 19.46 -11.18 22.03
C LEU C 174 20.75 -10.84 21.29
N ARG C 175 21.89 -11.02 21.95
CA ARG C 175 23.17 -10.70 21.33
C ARG C 175 23.54 -11.74 20.28
N ARG C 176 23.34 -13.00 20.64
CA ARG C 176 23.67 -14.10 19.76
C ARG C 176 22.82 -14.02 18.50
N LEU C 177 21.52 -13.90 18.73
CA LEU C 177 20.55 -13.73 17.66
C LEU C 177 20.91 -12.59 16.72
N HIS C 178 21.21 -11.42 17.27
CA HIS C 178 21.54 -10.26 16.44
C HIS C 178 22.70 -10.59 15.52
N GLU C 179 23.69 -11.30 16.08
CA GLU C 179 24.87 -11.76 15.37
C GLU C 179 24.51 -12.71 14.23
N THR C 180 23.84 -13.81 14.58
CA THR C 180 23.34 -14.81 13.65
C THR C 180 22.42 -14.29 12.53
N LEU C 181 21.65 -13.24 12.80
CA LEU C 181 20.76 -12.71 11.76
C LEU C 181 21.52 -11.88 10.73
N ALA C 182 22.59 -11.22 11.16
CA ALA C 182 23.36 -10.34 10.28
C ALA C 182 22.42 -9.51 9.40
N GLY C 183 21.58 -8.70 10.04
CA GLY C 183 20.69 -7.81 9.31
C GLY C 183 19.58 -8.44 8.46
N ARG C 184 19.38 -9.74 8.56
CA ARG C 184 18.41 -10.42 7.67
C ARG C 184 16.94 -10.27 8.12
N ALA C 185 16.73 -10.00 9.41
CA ALA C 185 15.39 -9.70 9.97
C ALA C 185 15.53 -8.73 11.14
N VAL C 186 14.52 -7.89 11.37
CA VAL C 186 14.56 -7.08 12.58
C VAL C 186 13.92 -7.85 13.71
N VAL C 187 14.09 -7.32 14.92
CA VAL C 187 13.69 -8.03 16.13
C VAL C 187 12.90 -7.14 17.07
N ARG C 188 11.86 -7.69 17.66
CA ARG C 188 11.07 -6.97 18.67
C ARG C 188 10.94 -7.94 19.83
N VAL C 189 10.97 -7.40 21.06
CA VAL C 189 10.99 -8.26 22.24
C VAL C 189 9.74 -8.10 23.09
N ASP C 190 9.40 -9.16 23.82
CA ASP C 190 8.20 -9.22 24.64
C ASP C 190 8.48 -9.89 25.99
N PRO C 191 8.89 -9.11 27.00
CA PRO C 191 9.18 -9.58 28.36
C PRO C 191 7.93 -10.00 29.08
N ASN C 192 6.79 -9.58 28.57
CA ASN C 192 5.51 -9.97 29.14
C ASN C 192 5.41 -9.76 30.66
N GLN C 193 5.54 -8.50 31.09
CA GLN C 193 5.36 -8.09 32.49
C GLN C 193 6.48 -8.50 33.44
N SER C 194 7.50 -9.20 32.95
CA SER C 194 8.49 -9.81 33.83
C SER C 194 9.64 -8.90 34.29
N TYR C 195 9.72 -7.67 33.81
CA TYR C 195 10.84 -6.80 34.21
C TYR C 195 10.53 -5.85 35.38
N ASP C 196 11.58 -5.19 35.84
CA ASP C 196 11.44 -4.17 36.88
C ASP C 196 12.12 -2.90 36.40
N ARG C 197 12.04 -1.87 37.22
CA ARG C 197 12.41 -0.53 36.78
C ARG C 197 13.87 -0.44 36.36
N ASP C 198 14.79 -0.91 37.21
CA ASP C 198 16.21 -0.84 36.88
C ASP C 198 16.50 -1.77 35.70
N GLY C 199 15.86 -2.94 35.69
CA GLY C 199 16.02 -3.91 34.63
C GLY C 199 15.74 -3.34 33.25
N LEU C 200 14.59 -2.69 33.11
CA LEU C 200 14.16 -2.17 31.82
C LEU C 200 15.11 -1.12 31.25
N LEU C 201 15.64 -0.25 32.10
CA LEU C 201 16.60 0.74 31.62
C LEU C 201 17.81 0.03 31.02
N ARG C 202 18.17 -1.10 31.60
CA ARG C 202 19.27 -1.90 31.09
C ARG C 202 18.89 -2.53 29.75
N LEU C 203 17.73 -3.17 29.71
CA LEU C 203 17.23 -3.81 28.50
C LEU C 203 17.06 -2.79 27.37
N ASP C 204 16.63 -1.59 27.72
CA ASP C 204 16.43 -0.56 26.72
C ASP C 204 17.78 -0.12 26.12
N ARG C 205 18.84 -0.13 26.93
CA ARG C 205 20.17 0.21 26.40
C ARG C 205 20.65 -0.83 25.37
N LEU C 206 20.48 -2.11 25.70
CA LEU C 206 20.74 -3.18 24.74
C LEU C 206 19.92 -2.95 23.47
N VAL C 207 18.62 -2.75 23.65
CA VAL C 207 17.70 -2.58 22.53
C VAL C 207 18.17 -1.50 21.56
N GLN C 208 18.61 -0.36 22.10
CA GLN C 208 19.18 0.68 21.24
C GLN C 208 20.45 0.19 20.52
N GLU C 209 21.35 -0.44 21.27
CA GLU C 209 22.59 -1.00 20.74
C GLU C 209 22.36 -2.01 19.61
N LEU C 210 21.45 -2.96 19.83
CA LEU C 210 21.16 -4.03 18.86
C LEU C 210 20.13 -3.67 17.79
N GLY C 211 19.61 -2.43 17.84
CA GLY C 211 18.57 -2.00 16.90
C GLY C 211 17.27 -2.79 16.94
N ILE C 212 16.92 -3.34 18.09
CA ILE C 212 15.62 -3.97 18.31
C ILE C 212 14.56 -2.88 18.22
N GLU C 213 13.42 -3.15 17.56
CA GLU C 213 12.49 -2.04 17.25
C GLU C 213 11.64 -1.48 18.41
N PHE C 214 11.15 -2.34 19.29
CA PHE C 214 10.41 -1.88 20.46
C PHE C 214 10.33 -2.98 21.52
N ILE C 215 9.93 -2.59 22.74
CA ILE C 215 9.77 -3.53 23.85
C ILE C 215 8.30 -3.60 24.23
N GLU C 216 7.77 -4.81 24.27
CA GLU C 216 6.34 -4.97 24.49
C GLU C 216 5.99 -5.32 25.94
N GLN C 217 5.24 -4.44 26.60
CA GLN C 217 4.76 -4.67 27.97
C GLN C 217 5.84 -5.13 28.95
N PRO C 218 6.81 -4.25 29.27
CA PRO C 218 7.87 -4.70 30.17
C PRO C 218 7.41 -4.92 31.61
N PHE C 219 6.53 -4.05 32.09
CA PHE C 219 6.11 -4.11 33.50
C PHE C 219 4.75 -4.75 33.66
N PRO C 220 4.32 -4.99 34.90
CA PRO C 220 2.97 -5.54 35.11
C PRO C 220 1.86 -4.61 34.59
N ALA C 221 0.74 -5.21 34.21
CA ALA C 221 -0.41 -4.49 33.65
C ALA C 221 -0.82 -3.25 34.47
N GLY C 222 -0.92 -3.40 35.78
CA GLY C 222 -1.35 -2.30 36.63
C GLY C 222 -0.31 -1.22 36.89
N ARG C 223 0.90 -1.47 36.44
CA ARG C 223 2.05 -0.63 36.74
C ARG C 223 2.29 0.54 35.77
N THR C 224 1.27 0.99 35.05
CA THR C 224 1.43 2.08 34.08
C THR C 224 2.07 3.32 34.69
N ASP C 225 1.98 3.52 36.00
CA ASP C 225 2.75 4.63 36.61
C ASP C 225 4.27 4.46 36.47
N TRP C 226 4.76 3.21 36.50
CA TRP C 226 6.16 2.94 36.18
C TRP C 226 6.54 3.41 34.76
N LEU C 227 5.62 3.27 33.80
CA LEU C 227 5.88 3.71 32.44
C LEU C 227 6.05 5.22 32.35
N ARG C 228 5.10 5.96 32.91
CA ARG C 228 5.13 7.42 32.83
C ARG C 228 6.37 8.00 33.51
N ALA C 229 6.94 7.25 34.44
CA ALA C 229 8.12 7.71 35.16
C ALA C 229 9.40 7.58 34.35
N LEU C 230 9.31 6.93 33.19
CA LEU C 230 10.45 6.80 32.28
C LEU C 230 10.59 8.02 31.39
N PRO C 231 11.81 8.29 30.90
CA PRO C 231 12.00 9.39 29.96
C PRO C 231 11.13 9.18 28.74
N LYS C 232 10.70 10.27 28.11
CA LYS C 232 9.77 10.19 27.01
C LYS C 232 10.29 9.33 25.84
N ALA C 233 11.57 9.44 25.52
CA ALA C 233 12.14 8.70 24.37
C ALA C 233 12.09 7.18 24.56
N ILE C 234 12.26 6.72 25.79
CA ILE C 234 12.17 5.31 26.09
C ILE C 234 10.72 4.84 26.02
N ARG C 235 9.81 5.69 26.46
CA ARG C 235 8.39 5.41 26.39
C ARG C 235 7.92 5.24 24.95
N ARG C 236 8.53 5.96 24.01
CA ARG C 236 8.14 5.83 22.59
C ARG C 236 8.46 4.45 22.01
N ARG C 237 9.42 3.76 22.62
CA ARG C 237 9.89 2.46 22.16
C ARG C 237 9.17 1.33 22.88
N ILE C 238 8.14 1.67 23.64
CA ILE C 238 7.44 0.63 24.39
C ILE C 238 5.99 0.45 23.98
N ALA C 239 5.55 -0.80 23.85
CA ALA C 239 4.17 -1.06 23.46
C ALA C 239 3.34 -1.58 24.65
N ALA C 240 2.07 -1.21 24.68
CA ALA C 240 1.18 -1.71 25.71
C ALA C 240 0.42 -2.89 25.16
N ASP C 241 0.39 -4.01 25.89
CA ASP C 241 -0.44 -5.12 25.45
C ASP C 241 -1.46 -5.45 26.53
N GLU C 242 -1.02 -6.14 27.57
CA GLU C 242 -1.91 -6.54 28.67
C GLU C 242 -2.49 -5.35 29.43
N SER C 243 -1.86 -4.18 29.30
CA SER C 243 -2.35 -2.93 29.89
C SER C 243 -3.50 -2.36 29.08
N LEU C 244 -3.64 -2.82 27.85
CA LEU C 244 -4.60 -2.26 26.92
C LEU C 244 -5.67 -3.26 26.51
N LEU C 245 -6.88 -3.12 27.04
CA LEU C 245 -7.96 -3.99 26.60
C LEU C 245 -8.86 -3.25 25.62
N GLY C 246 -9.61 -2.26 26.11
CA GLY C 246 -10.48 -1.47 25.26
C GLY C 246 -10.16 -0.01 25.07
N PRO C 247 -11.11 0.75 24.50
CA PRO C 247 -10.93 2.18 24.30
C PRO C 247 -10.69 2.93 25.60
N ALA C 248 -11.31 2.51 26.69
CA ALA C 248 -11.09 3.19 27.97
C ALA C 248 -9.61 3.11 28.38
N ASP C 249 -9.00 1.93 28.23
CA ASP C 249 -7.56 1.79 28.47
C ASP C 249 -6.74 2.67 27.53
N ALA C 250 -7.07 2.61 26.25
CA ALA C 250 -6.39 3.41 25.23
C ALA C 250 -6.33 4.86 25.65
N PHE C 251 -7.49 5.43 25.95
CA PHE C 251 -7.56 6.81 26.40
C PHE C 251 -6.70 7.06 27.64
N ALA C 252 -6.82 6.21 28.66
CA ALA C 252 -6.02 6.38 29.90
C ALA C 252 -4.49 6.36 29.66
N LEU C 253 -4.05 5.46 28.78
CA LEU C 253 -2.64 5.40 28.39
C LEU C 253 -2.22 6.56 27.50
N ALA C 254 -3.15 7.09 26.72
CA ALA C 254 -2.80 8.11 25.74
C ALA C 254 -2.73 9.50 26.36
N ALA C 255 -3.54 9.68 27.40
CA ALA C 255 -3.63 10.95 28.13
C ALA C 255 -2.27 11.41 28.59
N PRO C 256 -1.95 12.69 28.36
CA PRO C 256 -0.65 13.22 28.79
C PRO C 256 -0.48 13.18 30.30
N PRO C 257 0.73 12.85 30.77
CA PRO C 257 1.81 12.36 29.90
C PRO C 257 1.57 10.91 29.44
N ALA C 258 1.70 10.66 28.14
CA ALA C 258 1.36 9.36 27.57
C ALA C 258 2.23 8.25 28.15
N ALA C 259 1.63 7.10 28.40
CA ALA C 259 2.36 5.98 28.97
C ALA C 259 3.31 5.30 27.98
N CYS C 260 2.99 5.32 26.69
CA CYS C 260 3.83 4.59 25.74
C CYS C 260 3.57 5.02 24.29
N GLY C 261 4.32 4.48 23.34
CA GLY C 261 4.24 4.94 21.97
C GLY C 261 3.54 4.01 20.99
N ILE C 262 3.27 2.78 21.43
CA ILE C 262 2.65 1.76 20.60
C ILE C 262 1.57 1.02 21.39
N PHE C 263 0.43 0.80 20.73
CA PHE C 263 -0.67 -0.01 21.26
C PHE C 263 -0.74 -1.35 20.53
N ASN C 264 -0.87 -2.44 21.27
CA ASN C 264 -1.10 -3.72 20.63
C ASN C 264 -2.57 -4.07 20.77
N ILE C 265 -3.31 -3.95 19.67
CA ILE C 265 -4.74 -4.25 19.66
C ILE C 265 -4.96 -5.72 19.35
N LYS C 266 -5.78 -6.37 20.16
CA LYS C 266 -6.24 -7.72 19.86
C LYS C 266 -7.75 -7.79 19.98
N LEU C 267 -8.39 -8.25 18.91
CA LEU C 267 -9.83 -8.49 18.90
C LEU C 267 -10.31 -9.27 20.14
N MET C 268 -9.55 -10.26 20.57
CA MET C 268 -9.98 -11.05 21.72
C MET C 268 -9.89 -10.26 23.04
N LYS C 269 -9.10 -9.18 23.04
CA LYS C 269 -9.07 -8.30 24.19
C LYS C 269 -10.19 -7.25 24.21
N CYS C 270 -10.44 -6.61 23.07
CA CYS C 270 -11.40 -5.51 23.04
C CYS C 270 -12.84 -5.89 22.66
N GLY C 271 -13.04 -7.09 22.12
CA GLY C 271 -14.36 -7.52 21.70
C GLY C 271 -14.86 -7.25 20.29
N GLY C 272 -13.96 -7.25 19.31
CA GLY C 272 -14.36 -7.08 17.91
C GLY C 272 -13.93 -5.80 17.22
N LEU C 273 -14.12 -5.75 15.90
CA LEU C 273 -13.69 -4.62 15.07
C LEU C 273 -14.24 -3.27 15.51
N ALA C 274 -15.47 -3.25 16.01
CA ALA C 274 -16.03 -1.97 16.42
C ALA C 274 -15.25 -1.31 17.59
N PRO C 275 -15.03 -2.05 18.68
CA PRO C 275 -14.19 -1.43 19.71
C PRO C 275 -12.74 -1.19 19.28
N ALA C 276 -12.17 -2.09 18.48
CA ALA C 276 -10.83 -1.91 17.95
C ALA C 276 -10.73 -0.62 17.16
N ARG C 277 -11.78 -0.28 16.45
CA ARG C 277 -11.73 0.96 15.65
C ARG C 277 -11.79 2.20 16.53
N ARG C 278 -12.43 2.09 17.68
CA ARG C 278 -12.45 3.22 18.61
C ARG C 278 -11.06 3.44 19.21
N ILE C 279 -10.39 2.34 19.56
CA ILE C 279 -8.99 2.40 19.97
C ILE C 279 -8.14 3.13 18.93
N ALA C 280 -8.34 2.80 17.66
CA ALA C 280 -7.50 3.40 16.62
C ALA C 280 -7.69 4.91 16.50
N THR C 281 -8.92 5.37 16.67
CA THR C 281 -9.18 6.80 16.62
C THR C 281 -8.44 7.51 17.73
N ILE C 282 -8.51 6.95 18.94
CA ILE C 282 -7.82 7.55 20.05
C ILE C 282 -6.31 7.55 19.80
N ALA C 283 -5.77 6.41 19.39
CA ALA C 283 -4.34 6.31 19.14
C ALA C 283 -3.88 7.32 18.09
N GLU C 284 -4.58 7.34 16.96
CA GLU C 284 -4.16 8.26 15.90
C GLU C 284 -4.16 9.70 16.36
N THR C 285 -5.18 10.08 17.12
CA THR C 285 -5.25 11.45 17.58
C THR C 285 -4.08 11.74 18.52
N ALA C 286 -3.70 10.76 19.33
CA ALA C 286 -2.63 10.94 20.30
C ALA C 286 -1.21 10.75 19.74
N GLY C 287 -1.12 10.39 18.45
CA GLY C 287 0.17 10.16 17.81
C GLY C 287 0.82 8.91 18.35
N ILE C 288 0.03 7.84 18.43
CA ILE C 288 0.49 6.57 18.93
C ILE C 288 0.35 5.53 17.83
N ASP C 289 1.35 4.68 17.68
CA ASP C 289 1.37 3.72 16.59
C ASP C 289 0.64 2.45 16.98
N LEU C 290 -0.04 1.87 16.01
CA LEU C 290 -0.84 0.67 16.20
C LEU C 290 -0.07 -0.59 15.79
N MET C 291 -0.18 -1.62 16.63
CA MET C 291 0.33 -2.95 16.32
C MET C 291 -0.85 -3.89 16.48
N TRP C 292 -1.08 -4.75 15.49
CA TRP C 292 -2.20 -5.69 15.54
C TRP C 292 -1.72 -7.08 15.87
N GLY C 293 -2.04 -7.55 17.07
CA GLY C 293 -1.56 -8.83 17.54
C GLY C 293 -2.64 -9.89 17.64
N CYS C 294 -2.34 -11.00 18.31
CA CYS C 294 -3.29 -12.09 18.37
C CYS C 294 -3.02 -13.11 19.46
N MET C 295 -3.94 -14.05 19.55
CA MET C 295 -3.87 -15.20 20.41
C MET C 295 -3.53 -16.34 19.46
N ASP C 296 -3.45 -17.58 19.92
CA ASP C 296 -3.46 -18.71 18.99
C ASP C 296 -4.88 -18.81 18.43
N GLU C 297 -5.03 -18.71 17.11
CA GLU C 297 -6.36 -18.52 16.55
C GLU C 297 -6.46 -19.09 15.15
N SER C 298 -7.68 -19.44 14.76
CA SER C 298 -8.00 -19.89 13.43
C SER C 298 -7.73 -18.77 12.45
N ARG C 299 -7.48 -19.12 11.17
CA ARG C 299 -7.31 -18.11 10.12
C ARG C 299 -8.48 -17.12 10.12
N ILE C 300 -9.64 -17.56 10.58
CA ILE C 300 -10.83 -16.73 10.52
C ILE C 300 -10.63 -15.39 11.22
N SER C 301 -10.24 -15.43 12.49
CA SER C 301 -10.07 -14.21 13.24
C SER C 301 -8.75 -13.48 12.90
N ILE C 302 -7.74 -14.22 12.50
CA ILE C 302 -6.56 -13.56 11.98
C ILE C 302 -6.95 -12.67 10.80
N ALA C 303 -7.80 -13.19 9.93
CA ALA C 303 -8.17 -12.47 8.72
C ALA C 303 -8.95 -11.25 9.11
N ALA C 304 -9.83 -11.41 10.09
CA ALA C 304 -10.62 -10.29 10.55
C ALA C 304 -9.68 -9.20 11.04
N ALA C 305 -8.68 -9.59 11.81
CA ALA C 305 -7.74 -8.60 12.36
C ALA C 305 -6.93 -7.93 11.26
N LEU C 306 -6.62 -8.68 10.21
CA LEU C 306 -5.82 -8.13 9.13
C LEU C 306 -6.59 -7.06 8.37
N HIS C 307 -7.86 -7.33 8.07
CA HIS C 307 -8.70 -6.41 7.35
C HIS C 307 -8.82 -5.10 8.15
N ALA C 308 -9.06 -5.23 9.45
CA ALA C 308 -9.15 -4.06 10.31
C ALA C 308 -7.82 -3.27 10.25
N ALA C 309 -6.72 -4.01 10.40
CA ALA C 309 -5.39 -3.43 10.44
C ALA C 309 -5.10 -2.61 9.20
N LEU C 310 -5.43 -3.17 8.04
CA LEU C 310 -5.08 -2.51 6.79
C LEU C 310 -5.98 -1.31 6.49
N ALA C 311 -7.01 -1.14 7.31
CA ALA C 311 -7.94 -0.02 7.17
C ALA C 311 -7.64 1.17 8.10
N CYS C 312 -6.60 1.04 8.93
CA CYS C 312 -6.21 2.13 9.86
C CYS C 312 -4.92 2.80 9.46
N PRO C 313 -4.99 4.09 9.15
CA PRO C 313 -3.75 4.80 8.81
C PRO C 313 -2.69 4.68 9.92
N ALA C 314 -3.08 4.55 11.17
CA ALA C 314 -2.13 4.48 12.28
C ALA C 314 -1.43 3.11 12.40
N THR C 315 -1.89 2.13 11.63
CA THR C 315 -1.29 0.82 11.68
C THR C 315 0.15 0.89 11.19
N ARG C 316 1.04 0.28 11.96
CA ARG C 316 2.47 0.35 11.71
C ARG C 316 3.10 -1.04 11.75
N TYR C 317 2.79 -1.81 12.79
CA TYR C 317 3.23 -3.20 12.89
C TYR C 317 2.11 -4.26 12.88
N LEU C 318 2.45 -5.47 12.43
CA LEU C 318 1.56 -6.63 12.54
C LEU C 318 2.24 -7.78 13.30
N ASP C 319 1.58 -8.31 14.33
CA ASP C 319 2.03 -9.60 14.84
C ASP C 319 0.86 -10.57 14.69
N LEU C 320 0.75 -11.11 13.48
CA LEU C 320 -0.41 -11.88 13.05
C LEU C 320 -0.25 -13.39 12.89
N ASP C 321 0.77 -13.94 13.54
CA ASP C 321 1.19 -15.32 13.30
C ASP C 321 0.35 -16.40 14.00
N GLY C 322 -0.69 -15.99 14.71
CA GLY C 322 -1.46 -16.90 15.54
C GLY C 322 -2.02 -18.17 14.93
N SER C 323 -2.23 -18.20 13.61
CA SER C 323 -2.75 -19.39 12.94
C SER C 323 -1.72 -20.28 12.25
N PHE C 324 -0.46 -19.86 12.22
CA PHE C 324 0.56 -20.59 11.43
C PHE C 324 0.86 -21.98 11.97
N ASP C 325 0.96 -22.09 13.29
CA ASP C 325 1.42 -23.29 13.96
C ASP C 325 0.27 -24.23 14.32
N LEU C 326 -0.92 -23.90 13.83
CA LEU C 326 -2.06 -24.79 13.99
C LEU C 326 -1.89 -26.08 13.19
N ALA C 327 -2.20 -27.20 13.83
CA ALA C 327 -2.11 -28.51 13.18
C ALA C 327 -3.19 -28.71 12.10
N ARG C 328 -4.39 -28.18 12.35
CA ARG C 328 -5.41 -28.07 11.32
C ARG C 328 -6.22 -26.81 11.52
N ASP C 329 -7.17 -26.55 10.62
CA ASP C 329 -8.00 -25.36 10.71
C ASP C 329 -9.32 -25.68 10.04
N VAL C 330 -10.33 -24.86 10.29
CA VAL C 330 -11.64 -25.07 9.70
C VAL C 330 -11.93 -24.18 8.49
N ALA C 331 -10.96 -23.37 8.08
CA ALA C 331 -11.19 -22.51 6.92
C ALA C 331 -9.92 -22.23 6.14
N GLU C 332 -10.07 -21.80 4.89
CA GLU C 332 -8.93 -21.45 4.03
C GLU C 332 -9.15 -20.05 3.53
N GLY C 333 -8.08 -19.43 3.04
CA GLY C 333 -8.18 -18.08 2.52
C GLY C 333 -8.06 -16.96 3.54
N GLY C 334 -8.72 -15.85 3.24
CA GLY C 334 -8.92 -14.73 4.14
C GLY C 334 -7.71 -13.81 4.15
N PHE C 335 -6.51 -14.38 4.03
CA PHE C 335 -5.28 -13.60 3.85
C PHE C 335 -4.29 -14.40 3.04
N ILE C 336 -3.29 -13.70 2.51
CA ILE C 336 -2.22 -14.37 1.78
C ILE C 336 -0.87 -13.99 2.37
N LEU C 337 -0.06 -15.01 2.67
CA LEU C 337 1.31 -14.78 3.12
C LEU C 337 2.30 -14.95 1.97
N GLU C 338 3.06 -13.89 1.71
CA GLU C 338 4.13 -13.93 0.70
C GLU C 338 5.37 -13.18 1.18
N ASP C 339 6.51 -13.87 1.25
CA ASP C 339 7.74 -13.24 1.69
C ASP C 339 7.57 -12.44 2.97
N GLY C 340 6.87 -13.02 3.95
CA GLY C 340 6.77 -12.44 5.27
C GLY C 340 5.71 -11.36 5.42
N ARG C 341 5.09 -10.99 4.30
CA ARG C 341 4.05 -9.96 4.28
C ARG C 341 2.64 -10.56 4.24
N LEU C 342 1.70 -9.87 4.87
CA LEU C 342 0.30 -10.28 4.92
C LEU C 342 -0.58 -9.37 4.07
N ARG C 343 -1.55 -9.96 3.40
CA ARG C 343 -2.33 -9.31 2.36
C ARG C 343 -3.76 -9.89 2.41
N VAL C 344 -4.75 -9.18 1.89
CA VAL C 344 -6.05 -9.84 1.76
C VAL C 344 -6.29 -10.30 0.32
N THR C 345 -7.36 -11.06 0.12
CA THR C 345 -7.69 -11.55 -1.22
C THR C 345 -8.61 -10.52 -1.83
N GLU C 346 -9.00 -10.71 -3.09
CA GLU C 346 -9.92 -9.78 -3.77
C GLU C 346 -11.39 -10.21 -3.58
N ARG C 347 -11.59 -11.32 -2.85
CA ARG C 347 -12.93 -11.78 -2.52
C ARG C 347 -13.65 -10.87 -1.50
N PRO C 348 -14.97 -10.69 -1.68
CA PRO C 348 -15.82 -9.86 -0.80
C PRO C 348 -15.89 -10.38 0.66
N GLY C 349 -16.08 -9.47 1.60
CA GLY C 349 -16.16 -9.83 3.00
C GLY C 349 -14.80 -10.18 3.57
N LEU C 350 -14.76 -11.22 4.39
CA LEU C 350 -13.49 -11.65 4.96
C LEU C 350 -12.65 -12.40 3.92
N GLY C 351 -13.32 -12.95 2.90
CA GLY C 351 -12.64 -13.71 1.85
C GLY C 351 -12.25 -15.11 2.29
N LEU C 352 -13.05 -15.69 3.16
CA LEU C 352 -12.77 -17.01 3.69
C LEU C 352 -13.49 -18.07 2.87
N VAL C 353 -12.84 -19.23 2.73
CA VAL C 353 -13.39 -20.35 1.96
C VAL C 353 -13.61 -21.58 2.86
N TYR C 354 -14.85 -22.08 2.90
CA TYR C 354 -15.27 -23.16 3.79
C TYR C 354 -15.26 -24.53 3.12
N MET D 1 -14.68 -26.26 -26.22
CA MET D 1 -15.05 -24.86 -26.04
C MET D 1 -15.53 -24.12 -27.31
N LYS D 2 -14.86 -24.30 -28.45
CA LYS D 2 -15.43 -23.87 -29.76
C LYS D 2 -15.55 -22.37 -30.11
N ILE D 3 -14.46 -21.78 -30.62
CA ILE D 3 -14.45 -20.39 -31.05
C ILE D 3 -15.64 -20.08 -31.94
N ALA D 4 -16.22 -18.90 -31.73
CA ALA D 4 -17.37 -18.46 -32.51
C ALA D 4 -17.03 -17.22 -33.33
N ASP D 5 -16.69 -16.12 -32.65
CA ASP D 5 -16.44 -14.86 -33.35
C ASP D 5 -15.06 -14.23 -33.05
N ILE D 6 -14.56 -13.40 -33.98
CA ILE D 6 -13.31 -12.66 -33.77
C ILE D 6 -13.37 -11.20 -34.27
N GLN D 7 -13.18 -10.24 -33.37
CA GLN D 7 -13.15 -8.81 -33.72
C GLN D 7 -11.73 -8.25 -33.66
N VAL D 8 -11.43 -7.27 -34.48
CA VAL D 8 -10.11 -6.63 -34.45
C VAL D 8 -10.22 -5.12 -34.68
N ARG D 9 -9.46 -4.35 -33.91
CA ARG D 9 -9.53 -2.88 -34.00
C ARG D 9 -8.21 -2.20 -33.71
N THR D 10 -8.03 -0.99 -34.23
CA THR D 10 -6.85 -0.21 -33.92
C THR D 10 -7.12 0.74 -32.78
N GLU D 11 -6.11 0.94 -31.94
CA GLU D 11 -6.19 1.90 -30.85
C GLU D 11 -4.97 2.81 -30.87
N HIS D 12 -5.21 4.11 -30.75
CA HIS D 12 -4.11 5.04 -30.61
C HIS D 12 -3.94 5.39 -29.12
N PHE D 13 -2.76 5.10 -28.57
CA PHE D 13 -2.42 5.46 -27.19
C PHE D 13 -1.33 6.52 -27.17
N PRO D 14 -1.66 7.73 -26.73
CA PRO D 14 -0.58 8.71 -26.56
C PRO D 14 0.19 8.42 -25.27
N LEU D 15 1.44 8.86 -25.19
CA LEU D 15 2.25 8.64 -23.99
C LEU D 15 2.31 9.86 -23.07
N THR D 16 2.05 9.63 -21.78
CA THR D 16 2.20 10.67 -20.77
C THR D 16 3.67 11.15 -20.67
N ARG D 17 4.60 10.24 -20.89
CA ARG D 17 6.03 10.55 -20.87
C ARG D 17 6.77 10.09 -22.12
N PRO D 18 6.93 10.98 -23.11
CA PRO D 18 7.74 10.70 -24.29
C PRO D 18 9.21 10.48 -23.93
N TYR D 19 9.84 9.51 -24.59
CA TYR D 19 11.23 9.13 -24.29
C TYR D 19 11.95 8.85 -25.59
N ARG D 20 13.28 8.73 -25.53
CA ARG D 20 14.05 8.47 -26.74
C ARG D 20 15.03 7.30 -26.57
N ILE D 21 15.06 6.43 -27.57
CA ILE D 21 15.98 5.30 -27.59
C ILE D 21 16.92 5.50 -28.76
N ALA D 22 18.05 4.79 -28.75
CA ALA D 22 19.13 5.10 -29.69
C ALA D 22 18.64 5.18 -31.15
N PHE D 23 18.96 6.31 -31.79
CA PHE D 23 18.61 6.53 -33.20
C PHE D 23 17.12 6.41 -33.55
N ARG D 24 16.23 6.70 -32.60
CA ARG D 24 14.77 6.61 -32.82
C ARG D 24 13.94 7.87 -32.33
N SER D 25 13.92 8.04 -31.01
CA SER D 25 12.87 8.68 -30.16
C SER D 25 11.46 8.03 -30.18
N ILE D 26 10.42 8.73 -29.72
CA ILE D 26 9.04 8.17 -29.57
C ILE D 26 8.07 9.14 -28.86
N GLU D 27 6.78 9.06 -29.19
CA GLU D 27 5.75 10.00 -28.72
C GLU D 27 4.45 9.31 -28.31
N GLU D 28 3.86 8.62 -29.28
CA GLU D 28 2.61 7.88 -29.13
C GLU D 28 2.82 6.45 -29.64
N ILE D 29 1.90 5.55 -29.32
CA ILE D 29 2.01 4.17 -29.80
C ILE D 29 0.66 3.63 -30.29
N ASP D 30 0.69 2.84 -31.37
CA ASP D 30 -0.51 2.21 -31.89
C ASP D 30 -0.51 0.73 -31.59
N ASN D 31 -1.65 0.21 -31.15
CA ASN D 31 -1.81 -1.21 -30.84
C ASN D 31 -3.00 -1.82 -31.56
N LEU D 32 -2.95 -3.12 -31.81
CA LEU D 32 -4.11 -3.82 -32.32
C LEU D 32 -4.69 -4.67 -31.20
N ILE D 33 -5.99 -4.58 -30.98
CA ILE D 33 -6.66 -5.37 -29.95
C ILE D 33 -7.45 -6.50 -30.59
N VAL D 34 -7.44 -7.67 -29.96
CA VAL D 34 -8.16 -8.84 -30.47
C VAL D 34 -9.17 -9.36 -29.45
N GLU D 35 -10.42 -9.54 -29.89
CA GLU D 35 -11.43 -10.12 -29.02
C GLU D 35 -11.92 -11.44 -29.61
N ILE D 36 -11.65 -12.54 -28.92
CA ILE D 36 -12.08 -13.84 -29.38
C ILE D 36 -13.21 -14.32 -28.50
N ARG D 37 -14.34 -14.65 -29.11
CA ARG D 37 -15.49 -15.10 -28.34
C ARG D 37 -15.91 -16.52 -28.64
N THR D 38 -16.32 -17.19 -27.58
CA THR D 38 -16.57 -18.61 -27.61
C THR D 38 -18.06 -18.88 -27.86
N ALA D 39 -18.40 -20.16 -27.99
CA ALA D 39 -19.78 -20.56 -28.15
C ALA D 39 -20.67 -20.01 -27.03
N ASP D 40 -20.37 -20.43 -25.80
CA ASP D 40 -21.20 -20.09 -24.65
C ASP D 40 -20.90 -18.70 -24.08
N GLY D 41 -20.07 -17.95 -24.79
CA GLY D 41 -19.94 -16.54 -24.51
C GLY D 41 -18.66 -16.02 -23.85
N LEU D 42 -17.77 -16.90 -23.44
CA LEU D 42 -16.49 -16.47 -22.83
C LEU D 42 -15.65 -15.59 -23.77
N LEU D 43 -14.91 -14.66 -23.19
CA LEU D 43 -14.09 -13.72 -23.96
C LEU D 43 -12.61 -13.81 -23.62
N GLY D 44 -11.78 -14.10 -24.62
CA GLY D 44 -10.34 -13.94 -24.52
C GLY D 44 -9.89 -12.63 -25.14
N LEU D 45 -8.79 -12.06 -24.65
CA LEU D 45 -8.25 -10.85 -25.26
C LEU D 45 -6.78 -11.02 -25.62
N GLY D 46 -6.34 -10.25 -26.61
CA GLY D 46 -4.96 -10.26 -27.02
C GLY D 46 -4.66 -8.88 -27.53
N ALA D 47 -3.38 -8.57 -27.68
CA ALA D 47 -2.98 -7.26 -28.15
C ALA D 47 -1.63 -7.41 -28.81
N ALA D 48 -1.34 -6.49 -29.72
CA ALA D 48 -0.20 -6.62 -30.61
C ALA D 48 0.48 -5.28 -30.73
N SER D 49 1.80 -5.29 -30.53
CA SER D 49 2.61 -4.10 -30.69
C SER D 49 3.86 -4.46 -31.50
N PRO D 50 3.73 -4.40 -32.82
CA PRO D 50 4.76 -4.79 -33.79
C PRO D 50 5.98 -3.87 -33.73
N GLU D 51 7.17 -4.47 -33.74
CA GLU D 51 8.41 -3.71 -33.79
C GLU D 51 9.11 -4.02 -35.11
N ARG D 52 9.07 -3.08 -36.05
CA ARG D 52 9.47 -3.37 -37.41
C ARG D 52 10.98 -3.46 -37.53
N HIS D 53 11.69 -2.58 -36.84
CA HIS D 53 13.15 -2.55 -36.86
C HIS D 53 13.76 -3.83 -36.30
N VAL D 54 12.97 -4.54 -35.50
CA VAL D 54 13.43 -5.75 -34.85
C VAL D 54 12.97 -7.02 -35.56
N THR D 55 11.66 -7.17 -35.71
CA THR D 55 11.09 -8.35 -36.36
C THR D 55 10.79 -8.23 -37.86
N GLY D 56 10.81 -7.00 -38.38
CA GLY D 56 10.46 -6.76 -39.76
C GLY D 56 8.95 -6.66 -40.00
N GLU D 57 8.18 -6.75 -38.93
CA GLU D 57 6.73 -6.69 -39.00
C GLU D 57 6.23 -5.25 -38.82
N THR D 58 5.67 -4.67 -39.88
CA THR D 58 5.07 -3.32 -39.83
C THR D 58 3.65 -3.32 -39.27
N LEU D 59 3.21 -2.16 -38.77
CA LEU D 59 1.83 -2.03 -38.29
C LEU D 59 0.84 -2.38 -39.40
N GLU D 60 1.11 -1.86 -40.60
CA GLU D 60 0.30 -2.13 -41.77
C GLU D 60 0.15 -3.65 -41.97
N ALA D 61 1.28 -4.35 -41.97
CA ALA D 61 1.29 -5.78 -42.25
C ALA D 61 0.69 -6.59 -41.12
N CYS D 62 0.76 -6.01 -39.92
CA CYS D 62 0.22 -6.67 -38.74
C CYS D 62 -1.31 -6.65 -38.83
N HIS D 63 -1.85 -5.47 -39.14
CA HIS D 63 -3.28 -5.29 -39.38
C HIS D 63 -3.74 -6.26 -40.46
N ALA D 64 -3.01 -6.25 -41.57
CA ALA D 64 -3.32 -7.12 -42.68
C ALA D 64 -3.37 -8.57 -42.23
N ALA D 65 -2.42 -8.98 -41.41
CA ALA D 65 -2.36 -10.36 -40.98
C ALA D 65 -3.59 -10.73 -40.16
N LEU D 66 -4.16 -9.73 -39.49
CA LEU D 66 -5.31 -9.90 -38.59
C LEU D 66 -6.67 -9.56 -39.19
N ASP D 67 -6.69 -9.22 -40.48
CA ASP D 67 -7.92 -8.97 -41.24
C ASP D 67 -8.90 -10.13 -41.13
N HIS D 68 -10.18 -9.81 -40.98
CA HIS D 68 -11.24 -10.80 -40.80
C HIS D 68 -11.29 -11.93 -41.85
N ASP D 69 -10.98 -11.59 -43.10
CA ASP D 69 -10.93 -12.55 -44.20
C ASP D 69 -9.97 -13.73 -43.96
N ARG D 70 -8.76 -13.40 -43.53
CA ARG D 70 -7.70 -14.39 -43.35
C ARG D 70 -7.84 -15.21 -42.07
N LEU D 71 -8.78 -14.83 -41.20
CA LEU D 71 -8.97 -15.55 -39.94
C LEU D 71 -10.11 -16.56 -39.92
N GLY D 72 -10.82 -16.68 -41.04
CA GLY D 72 -11.96 -17.58 -41.10
C GLY D 72 -11.64 -19.01 -40.67
N TRP D 73 -10.41 -19.44 -40.91
CA TRP D 73 -10.02 -20.81 -40.62
C TRP D 73 -10.08 -21.18 -39.14
N LEU D 74 -10.21 -20.17 -38.29
CA LEU D 74 -10.32 -20.38 -36.85
C LEU D 74 -11.72 -20.73 -36.35
N MET D 75 -12.73 -20.21 -37.03
CA MET D 75 -14.12 -20.37 -36.60
C MET D 75 -14.47 -21.82 -36.34
N GLY D 76 -15.16 -22.05 -35.22
CA GLY D 76 -15.57 -23.38 -34.85
C GLY D 76 -14.42 -24.29 -34.45
N ARG D 77 -13.22 -23.72 -34.26
CA ARG D 77 -12.11 -24.52 -33.74
C ARG D 77 -12.21 -24.69 -32.22
N ASP D 78 -11.73 -25.83 -31.72
CA ASP D 78 -11.84 -26.18 -30.30
C ASP D 78 -10.59 -25.74 -29.53
N ILE D 79 -10.75 -24.81 -28.59
CA ILE D 79 -9.57 -24.24 -27.93
C ILE D 79 -8.87 -25.20 -26.97
N ARG D 80 -9.53 -26.31 -26.63
CA ARG D 80 -8.85 -27.35 -25.86
C ARG D 80 -7.74 -28.00 -26.69
N THR D 81 -7.68 -27.68 -27.98
CA THR D 81 -6.61 -28.15 -28.86
C THR D 81 -5.48 -27.13 -29.00
N LEU D 82 -5.44 -26.15 -28.10
CA LEU D 82 -4.57 -24.98 -28.20
C LEU D 82 -3.15 -25.25 -28.75
N PRO D 83 -2.45 -26.29 -28.26
CA PRO D 83 -1.13 -26.54 -28.87
C PRO D 83 -1.17 -26.68 -30.40
N ARG D 84 -2.09 -27.51 -30.92
CA ARG D 84 -2.28 -27.61 -32.37
C ARG D 84 -2.60 -26.25 -32.99
N LEU D 85 -3.50 -25.50 -32.37
CA LEU D 85 -3.86 -24.20 -32.93
C LEU D 85 -2.65 -23.29 -33.03
N CYS D 86 -1.80 -23.32 -32.02
CA CYS D 86 -0.63 -22.45 -32.00
C CYS D 86 0.36 -22.83 -33.10
N ARG D 87 0.53 -24.14 -33.29
CA ARG D 87 1.29 -24.65 -34.43
C ARG D 87 0.78 -24.04 -35.73
N GLU D 88 -0.54 -23.94 -35.86
CA GLU D 88 -1.14 -23.42 -37.08
C GLU D 88 -0.98 -21.91 -37.22
N LEU D 89 -1.12 -21.17 -36.12
CA LEU D 89 -0.81 -19.73 -36.13
C LEU D 89 0.57 -19.51 -36.76
N ALA D 90 1.53 -20.35 -36.37
CA ALA D 90 2.89 -20.31 -36.90
C ALA D 90 2.96 -20.51 -38.42
N GLU D 91 2.22 -21.49 -38.94
CA GLU D 91 2.19 -21.77 -40.38
C GLU D 91 1.59 -20.60 -41.16
N ARG D 92 0.44 -20.12 -40.69
CA ARG D 92 -0.34 -19.12 -41.42
C ARG D 92 0.02 -17.66 -41.15
N LEU D 93 0.73 -17.39 -40.07
CA LEU D 93 1.21 -16.02 -39.80
C LEU D 93 2.69 -16.04 -39.49
N PRO D 94 3.48 -16.54 -40.45
CA PRO D 94 4.93 -16.76 -40.27
C PRO D 94 5.77 -15.48 -40.25
N ALA D 95 5.30 -14.42 -40.90
CA ALA D 95 6.00 -13.14 -40.94
C ALA D 95 5.43 -12.05 -40.00
N ALA D 96 4.43 -12.39 -39.19
CA ALA D 96 3.82 -11.41 -38.30
C ALA D 96 3.75 -11.89 -36.83
N PRO D 97 4.88 -11.79 -36.10
CA PRO D 97 4.96 -12.28 -34.72
C PRO D 97 3.99 -11.55 -33.77
N ALA D 98 3.86 -10.24 -33.94
CA ALA D 98 3.00 -9.47 -33.05
C ALA D 98 1.53 -9.90 -33.20
N ALA D 99 1.09 -9.98 -34.45
CA ALA D 99 -0.27 -10.42 -34.73
C ALA D 99 -0.47 -11.83 -34.21
N ARG D 100 0.48 -12.70 -34.51
CA ARG D 100 0.40 -14.09 -34.09
C ARG D 100 0.27 -14.18 -32.56
N ALA D 101 1.12 -13.43 -31.86
CA ALA D 101 1.06 -13.35 -30.40
C ALA D 101 -0.28 -12.83 -29.86
N ALA D 102 -0.82 -11.79 -30.50
CA ALA D 102 -2.14 -11.27 -30.09
C ALA D 102 -3.17 -12.39 -29.99
N LEU D 103 -3.23 -13.24 -31.01
CA LEU D 103 -4.17 -14.37 -31.03
C LEU D 103 -3.77 -15.47 -30.04
N ASP D 104 -2.47 -15.76 -29.96
CA ASP D 104 -1.93 -16.73 -29.01
C ASP D 104 -2.36 -16.38 -27.58
N MET D 105 -2.19 -15.12 -27.18
CA MET D 105 -2.62 -14.67 -25.87
C MET D 105 -4.08 -15.04 -25.63
N ALA D 106 -4.94 -14.58 -26.53
CA ALA D 106 -6.38 -14.70 -26.35
C ALA D 106 -6.83 -16.15 -26.25
N LEU D 107 -6.17 -17.03 -26.99
CA LEU D 107 -6.50 -18.44 -26.91
C LEU D 107 -6.12 -19.02 -25.55
N HIS D 108 -4.94 -18.65 -25.06
CA HIS D 108 -4.51 -19.04 -23.72
C HIS D 108 -5.48 -18.50 -22.67
N ASP D 109 -5.90 -17.24 -22.82
CA ASP D 109 -6.90 -16.62 -21.95
C ASP D 109 -8.13 -17.53 -21.84
N LEU D 110 -8.65 -17.98 -22.98
CA LEU D 110 -9.84 -18.82 -22.99
C LEU D 110 -9.60 -20.21 -22.40
N VAL D 111 -8.53 -20.88 -22.81
CA VAL D 111 -8.24 -22.21 -22.26
C VAL D 111 -8.28 -22.21 -20.73
N ALA D 112 -7.65 -21.22 -20.13
CA ALA D 112 -7.58 -21.14 -18.67
C ALA D 112 -8.93 -20.82 -18.06
N GLN D 113 -9.67 -19.88 -18.67
CA GLN D 113 -11.05 -19.62 -18.27
C GLN D 113 -11.88 -20.89 -18.34
N CYS D 114 -11.68 -21.67 -19.39
CA CYS D 114 -12.31 -22.97 -19.55
C CYS D 114 -11.97 -23.87 -18.37
N LEU D 115 -10.69 -23.91 -18.03
CA LEU D 115 -10.23 -24.79 -16.96
C LEU D 115 -10.63 -24.27 -15.57
N GLY D 116 -10.84 -22.96 -15.47
CA GLY D 116 -11.32 -22.33 -14.24
C GLY D 116 -10.29 -21.64 -13.36
N LEU D 117 -9.07 -21.44 -13.87
CA LEU D 117 -7.96 -20.90 -13.07
C LEU D 117 -7.29 -19.72 -13.74
N PRO D 118 -6.45 -18.99 -12.98
CA PRO D 118 -5.58 -17.97 -13.57
C PRO D 118 -4.59 -18.62 -14.52
N LEU D 119 -4.23 -17.92 -15.60
CA LEU D 119 -3.41 -18.53 -16.63
C LEU D 119 -2.11 -19.12 -16.09
N VAL D 120 -1.42 -18.35 -15.24
CA VAL D 120 -0.16 -18.79 -14.64
C VAL D 120 -0.24 -20.17 -13.96
N GLU D 121 -1.39 -20.50 -13.36
CA GLU D 121 -1.52 -21.76 -12.65
C GLU D 121 -1.64 -22.93 -13.60
N ILE D 122 -2.13 -22.64 -14.81
CA ILE D 122 -2.40 -23.65 -15.82
C ILE D 122 -1.08 -24.04 -16.45
N LEU D 123 -0.25 -23.02 -16.69
CA LEU D 123 1.11 -23.22 -17.17
C LEU D 123 2.01 -23.82 -16.08
N GLY D 124 1.54 -23.79 -14.85
CA GLY D 124 2.21 -24.28 -13.65
C GLY D 124 3.01 -23.14 -13.03
N ARG D 125 2.90 -22.95 -11.73
CA ARG D 125 3.39 -21.70 -11.14
C ARG D 125 4.80 -21.81 -10.59
N ALA D 126 5.73 -21.04 -11.15
CA ALA D 126 7.07 -21.02 -10.60
C ALA D 126 7.36 -19.87 -9.62
N HIS D 127 6.52 -18.84 -9.62
CA HIS D 127 6.79 -17.62 -8.84
C HIS D 127 5.50 -16.91 -8.45
N ASP D 128 5.51 -16.35 -7.24
CA ASP D 128 4.40 -15.54 -6.78
C ASP D 128 4.50 -14.10 -7.31
N SER D 129 5.72 -13.60 -7.44
CA SER D 129 5.93 -12.25 -7.95
C SER D 129 7.39 -11.88 -8.07
N LEU D 130 7.67 -10.82 -8.83
CA LEU D 130 9.03 -10.32 -9.00
C LEU D 130 9.03 -8.82 -9.18
N PRO D 131 10.13 -8.17 -8.79
CA PRO D 131 10.27 -6.75 -9.12
C PRO D 131 10.37 -6.55 -10.63
N THR D 132 9.91 -5.41 -11.13
CA THR D 132 10.10 -5.06 -12.54
C THR D 132 10.91 -3.79 -12.64
N SER D 133 11.73 -3.67 -13.67
CA SER D 133 12.37 -2.37 -13.91
C SER D 133 11.33 -1.42 -14.45
N VAL D 134 11.63 -0.13 -14.36
CA VAL D 134 10.95 0.88 -15.15
C VAL D 134 12.07 1.55 -15.91
N THR D 135 11.75 2.14 -17.06
CA THR D 135 12.79 2.52 -18.00
C THR D 135 13.03 4.02 -18.02
N ILE D 136 14.31 4.39 -18.02
CA ILE D 136 14.72 5.78 -18.31
C ILE D 136 15.37 5.86 -19.68
N GLY D 137 14.80 6.71 -20.53
CA GLY D 137 15.32 6.85 -21.89
C GLY D 137 16.65 7.58 -21.90
N ILE D 138 17.14 7.89 -23.09
CA ILE D 138 18.35 8.69 -23.22
C ILE D 138 18.04 10.16 -22.98
N LYS D 139 18.72 10.74 -22.00
CA LYS D 139 18.60 12.17 -21.74
C LYS D 139 19.81 12.57 -20.92
N PRO D 140 19.97 13.89 -20.65
CA PRO D 140 21.14 14.37 -19.91
C PRO D 140 21.06 14.04 -18.42
N VAL D 141 22.12 14.36 -17.69
CA VAL D 141 22.23 13.90 -16.32
C VAL D 141 21.14 14.41 -15.39
N GLU D 142 20.98 15.72 -15.28
CA GLU D 142 19.97 16.26 -14.38
C GLU D 142 18.58 15.66 -14.63
N GLU D 143 18.20 15.54 -15.90
CA GLU D 143 16.93 14.92 -16.26
C GLU D 143 16.89 13.45 -15.83
N THR D 144 18.00 12.75 -16.05
CA THR D 144 18.07 11.35 -15.68
C THR D 144 17.80 11.16 -14.19
N LEU D 145 18.41 12.01 -13.37
CA LEU D 145 18.19 11.97 -11.93
C LEU D 145 16.74 12.29 -11.54
N ALA D 146 16.17 13.32 -12.17
CA ALA D 146 14.82 13.75 -11.81
C ALA D 146 13.83 12.62 -12.01
N GLU D 147 13.91 11.96 -13.17
CA GLU D 147 13.04 10.84 -13.45
C GLU D 147 13.31 9.66 -12.50
N ALA D 148 14.59 9.44 -12.18
CA ALA D 148 14.91 8.40 -11.21
C ALA D 148 14.13 8.66 -9.93
N ARG D 149 14.21 9.90 -9.45
CA ARG D 149 13.56 10.26 -8.20
C ARG D 149 12.05 10.00 -8.24
N GLU D 150 11.41 10.39 -9.34
CA GLU D 150 10.00 10.09 -9.55
C GLU D 150 9.70 8.59 -9.47
N HIS D 151 10.50 7.78 -10.14
CA HIS D 151 10.24 6.35 -10.10
C HIS D 151 10.41 5.83 -8.70
N LEU D 152 11.44 6.30 -7.99
CA LEU D 152 11.66 5.89 -6.61
C LEU D 152 10.42 6.20 -5.78
N ALA D 153 9.89 7.41 -5.98
CA ALA D 153 8.69 7.85 -5.29
C ALA D 153 7.53 6.88 -5.50
N LEU D 154 7.43 6.33 -6.71
CA LEU D 154 6.30 5.46 -7.03
C LEU D 154 6.52 4.02 -6.58
N GLY D 155 7.64 3.76 -5.92
CA GLY D 155 7.88 2.47 -5.30
C GLY D 155 8.80 1.50 -6.04
N PHE D 156 9.32 1.91 -7.19
CA PHE D 156 10.16 1.03 -7.99
C PHE D 156 11.56 0.87 -7.40
N ARG D 157 11.97 -0.38 -7.24
CA ARG D 157 13.30 -0.75 -6.74
C ARG D 157 14.32 -1.20 -7.81
N VAL D 158 13.92 -1.15 -9.08
CA VAL D 158 14.82 -1.49 -10.20
C VAL D 158 14.63 -0.52 -11.37
N LEU D 159 15.73 0.05 -11.87
CA LEU D 159 15.67 0.98 -12.99
C LEU D 159 16.46 0.48 -14.21
N LYS D 160 15.87 0.58 -15.39
CA LYS D 160 16.55 0.27 -16.64
C LYS D 160 16.95 1.55 -17.38
N VAL D 161 18.24 1.73 -17.63
CA VAL D 161 18.76 2.97 -18.23
C VAL D 161 19.29 2.80 -19.66
N LYS D 162 18.67 3.46 -20.63
CA LYS D 162 19.16 3.42 -22.00
C LYS D 162 20.48 4.19 -22.14
N LEU D 163 21.46 3.58 -22.80
CA LEU D 163 22.72 4.24 -23.15
C LEU D 163 22.80 4.50 -24.68
N CYS D 164 23.48 5.56 -25.08
CA CYS D 164 23.62 5.90 -26.49
C CYS D 164 24.96 5.53 -27.17
N GLY D 165 25.92 5.06 -26.38
CA GLY D 165 27.20 4.72 -26.96
C GLY D 165 28.24 5.84 -26.97
N ASP D 166 27.87 7.03 -26.50
CA ASP D 166 28.91 8.03 -26.24
C ASP D 166 29.33 7.82 -24.81
N GLU D 167 30.54 7.31 -24.60
CA GLU D 167 30.96 6.89 -23.27
C GLU D 167 31.02 8.01 -22.24
N GLU D 168 31.45 9.20 -22.67
CA GLU D 168 31.53 10.30 -21.72
C GLU D 168 30.16 10.54 -21.06
N GLN D 169 29.12 10.73 -21.87
CA GLN D 169 27.78 10.91 -21.31
C GLN D 169 27.26 9.64 -20.59
N ASP D 170 27.39 8.48 -21.22
CA ASP D 170 26.97 7.23 -20.61
C ASP D 170 27.56 7.04 -19.20
N PHE D 171 28.87 7.13 -19.07
CA PHE D 171 29.49 6.79 -17.79
C PHE D 171 29.13 7.83 -16.72
N GLU D 172 28.97 9.08 -17.13
CA GLU D 172 28.67 10.13 -16.16
C GLU D 172 27.28 9.90 -15.61
N ARG D 173 26.33 9.63 -16.51
CA ARG D 173 24.97 9.36 -16.09
C ARG D 173 24.97 8.23 -15.07
N LEU D 174 25.76 7.19 -15.33
CA LEU D 174 25.73 6.01 -14.48
C LEU D 174 26.29 6.29 -13.09
N ARG D 175 27.38 7.06 -13.04
CA ARG D 175 28.04 7.37 -11.77
C ARG D 175 27.19 8.29 -10.92
N ARG D 176 26.64 9.32 -11.56
CA ARG D 176 25.80 10.30 -10.87
C ARG D 176 24.55 9.64 -10.33
N LEU D 177 23.92 8.81 -11.15
CA LEU D 177 22.78 7.99 -10.73
C LEU D 177 23.08 7.11 -9.52
N HIS D 178 24.21 6.41 -9.56
CA HIS D 178 24.58 5.48 -8.51
C HIS D 178 24.75 6.24 -7.20
N GLU D 179 25.31 7.44 -7.33
CA GLU D 179 25.54 8.32 -6.20
C GLU D 179 24.22 8.81 -5.60
N THR D 180 23.29 9.24 -6.45
CA THR D 180 21.99 9.77 -6.04
C THR D 180 21.04 8.74 -5.44
N LEU D 181 21.07 7.51 -5.92
CA LEU D 181 20.33 6.45 -5.26
C LEU D 181 21.12 6.23 -4.00
N ALA D 182 20.71 5.37 -3.09
CA ALA D 182 21.77 5.02 -2.15
C ALA D 182 22.03 3.58 -2.44
N GLY D 183 21.26 2.73 -1.79
CA GLY D 183 21.10 1.34 -2.17
C GLY D 183 19.67 1.24 -2.60
N ARG D 184 19.06 2.40 -2.84
CA ARG D 184 17.61 2.47 -2.97
C ARG D 184 17.03 1.64 -4.12
N ALA D 185 17.75 1.57 -5.24
CA ALA D 185 17.37 0.72 -6.36
C ALA D 185 18.59 0.19 -7.13
N VAL D 186 18.52 -1.04 -7.64
CA VAL D 186 19.56 -1.52 -8.54
C VAL D 186 19.31 -1.02 -9.95
N VAL D 187 20.39 -0.96 -10.73
CA VAL D 187 20.35 -0.42 -12.08
C VAL D 187 20.76 -1.46 -13.13
N ARG D 188 19.97 -1.57 -14.19
CA ARG D 188 20.36 -2.36 -15.34
C ARG D 188 20.46 -1.44 -16.56
N VAL D 189 21.43 -1.70 -17.42
CA VAL D 189 21.68 -0.81 -18.55
C VAL D 189 21.42 -1.47 -19.91
N ASP D 190 20.99 -0.65 -20.88
CA ASP D 190 20.62 -1.10 -22.22
C ASP D 190 21.13 -0.16 -23.33
N PRO D 191 22.36 -0.38 -23.81
CA PRO D 191 23.07 0.41 -24.83
C PRO D 191 22.46 0.24 -26.23
N ASN D 192 21.59 -0.74 -26.35
CA ASN D 192 20.90 -1.04 -27.60
C ASN D 192 21.76 -1.00 -28.84
N GLN D 193 22.81 -1.83 -28.85
CA GLN D 193 23.67 -2.05 -30.02
C GLN D 193 24.73 -1.00 -30.31
N SER D 194 24.79 0.06 -29.52
CA SER D 194 25.68 1.20 -29.82
C SER D 194 27.16 1.06 -29.41
N TYR D 195 27.53 -0.06 -28.78
CA TYR D 195 28.90 -0.22 -28.30
C TYR D 195 29.77 -1.08 -29.19
N ASP D 196 31.07 -0.77 -29.21
CA ASP D 196 32.04 -1.60 -29.90
C ASP D 196 32.84 -2.42 -28.90
N ARG D 197 33.79 -3.21 -29.38
CA ARG D 197 34.44 -4.21 -28.54
C ARG D 197 35.26 -3.60 -27.41
N ASP D 198 36.12 -2.65 -27.74
CA ASP D 198 36.92 -1.97 -26.70
C ASP D 198 36.01 -1.27 -25.70
N GLY D 199 35.01 -0.57 -26.24
CA GLY D 199 34.05 0.19 -25.47
C GLY D 199 33.30 -0.63 -24.44
N LEU D 200 32.86 -1.82 -24.83
CA LEU D 200 32.11 -2.67 -23.92
C LEU D 200 32.96 -3.12 -22.73
N LEU D 201 34.23 -3.40 -22.97
CA LEU D 201 35.11 -3.81 -21.87
C LEU D 201 35.22 -2.71 -20.82
N ARG D 202 35.23 -1.45 -21.25
CA ARG D 202 35.23 -0.33 -20.34
C ARG D 202 33.91 -0.22 -19.59
N LEU D 203 32.80 -0.28 -20.33
CA LEU D 203 31.49 -0.28 -19.71
C LEU D 203 31.36 -1.41 -18.67
N ASP D 204 31.95 -2.57 -18.98
CA ASP D 204 31.82 -3.71 -18.08
C ASP D 204 32.58 -3.51 -16.77
N ARG D 205 33.72 -2.83 -16.83
CA ARG D 205 34.44 -2.54 -15.61
C ARG D 205 33.67 -1.54 -14.74
N LEU D 206 33.07 -0.54 -15.37
CA LEU D 206 32.20 0.38 -14.65
C LEU D 206 31.04 -0.37 -13.98
N VAL D 207 30.39 -1.21 -14.77
CA VAL D 207 29.28 -2.01 -14.29
C VAL D 207 29.66 -2.79 -13.04
N GLN D 208 30.84 -3.42 -13.06
CA GLN D 208 31.29 -4.19 -11.91
C GLN D 208 31.49 -3.29 -10.68
N GLU D 209 32.08 -2.12 -10.92
CA GLU D 209 32.38 -1.12 -9.91
C GLU D 209 31.11 -0.57 -9.23
N LEU D 210 30.09 -0.28 -10.04
CA LEU D 210 28.85 0.35 -9.59
C LEU D 210 27.76 -0.64 -9.16
N GLY D 211 28.06 -1.93 -9.22
CA GLY D 211 27.08 -2.93 -8.85
C GLY D 211 25.90 -2.99 -9.79
N ILE D 212 26.11 -2.58 -11.05
CA ILE D 212 25.07 -2.69 -12.06
C ILE D 212 24.75 -4.14 -12.42
N GLU D 213 23.45 -4.44 -12.57
CA GLU D 213 22.96 -5.82 -12.67
C GLU D 213 23.45 -6.58 -13.91
N PHE D 214 23.19 -6.06 -15.10
CA PHE D 214 23.70 -6.67 -16.33
C PHE D 214 23.70 -5.67 -17.46
N ILE D 215 24.20 -6.09 -18.63
CA ILE D 215 24.24 -5.22 -19.80
C ILE D 215 23.42 -5.86 -20.90
N GLU D 216 22.44 -5.13 -21.41
CA GLU D 216 21.52 -5.67 -22.40
C GLU D 216 21.95 -5.28 -23.82
N GLN D 217 22.31 -6.28 -24.63
CA GLN D 217 22.59 -6.09 -26.06
C GLN D 217 23.61 -4.97 -26.37
N PRO D 218 24.87 -5.15 -25.96
CA PRO D 218 25.85 -4.11 -26.24
C PRO D 218 26.20 -3.97 -27.73
N PHE D 219 26.03 -5.04 -28.49
CA PHE D 219 26.53 -5.11 -29.85
C PHE D 219 25.40 -5.27 -30.85
N PRO D 220 25.66 -5.00 -32.13
CA PRO D 220 24.61 -5.17 -33.15
C PRO D 220 24.07 -6.60 -33.16
N ALA D 221 22.81 -6.74 -33.57
CA ALA D 221 22.12 -8.03 -33.56
C ALA D 221 22.90 -9.19 -34.22
N GLY D 222 23.56 -8.91 -35.34
CA GLY D 222 24.26 -9.96 -36.08
C GLY D 222 25.67 -10.25 -35.61
N ARG D 223 26.10 -9.52 -34.60
CA ARG D 223 27.47 -9.55 -34.10
C ARG D 223 27.72 -10.58 -32.99
N THR D 224 26.86 -11.58 -32.94
CA THR D 224 27.00 -12.67 -31.99
C THR D 224 28.44 -13.19 -31.83
N ASP D 225 29.25 -13.15 -32.89
CA ASP D 225 30.64 -13.58 -32.74
C ASP D 225 31.45 -12.68 -31.78
N TRP D 226 31.15 -11.38 -31.77
CA TRP D 226 31.77 -10.46 -30.82
C TRP D 226 31.54 -10.87 -29.37
N LEU D 227 30.33 -11.33 -29.07
CA LEU D 227 29.98 -11.82 -27.75
C LEU D 227 30.85 -12.99 -27.36
N ARG D 228 30.92 -14.00 -28.21
CA ARG D 228 31.63 -15.21 -27.84
C ARG D 228 33.11 -14.97 -27.64
N ALA D 229 33.60 -13.83 -28.11
CA ALA D 229 35.02 -13.54 -28.02
C ALA D 229 35.37 -12.82 -26.70
N LEU D 230 34.33 -12.47 -25.93
CA LEU D 230 34.46 -11.96 -24.57
C LEU D 230 34.73 -13.08 -23.59
N PRO D 231 35.46 -12.79 -22.50
CA PRO D 231 35.64 -13.80 -21.46
C PRO D 231 34.27 -14.27 -20.95
N LYS D 232 34.18 -15.51 -20.51
CA LYS D 232 32.92 -16.10 -20.09
C LYS D 232 32.19 -15.28 -19.00
N ALA D 233 32.92 -14.88 -17.96
CA ALA D 233 32.29 -14.16 -16.86
C ALA D 233 31.62 -12.85 -17.30
N ILE D 234 32.13 -12.24 -18.36
CA ILE D 234 31.49 -11.04 -18.90
C ILE D 234 30.25 -11.34 -19.72
N ARG D 235 30.31 -12.41 -20.52
CA ARG D 235 29.14 -12.88 -21.26
C ARG D 235 28.00 -13.14 -20.29
N ARG D 236 28.36 -13.65 -19.13
CA ARG D 236 27.38 -14.11 -18.16
C ARG D 236 26.48 -12.98 -17.66
N ARG D 237 27.01 -11.76 -17.63
CA ARG D 237 26.23 -10.56 -17.30
C ARG D 237 25.71 -9.74 -18.50
N ILE D 238 25.83 -10.30 -19.69
CA ILE D 238 25.20 -9.71 -20.86
C ILE D 238 23.87 -10.39 -21.20
N ALA D 239 22.86 -9.61 -21.56
CA ALA D 239 21.56 -10.16 -21.95
C ALA D 239 21.33 -9.92 -23.43
N ALA D 240 20.70 -10.87 -24.10
CA ALA D 240 20.41 -10.75 -25.53
C ALA D 240 18.98 -10.27 -25.72
N ASP D 241 18.79 -9.26 -26.55
CA ASP D 241 17.44 -8.81 -26.90
C ASP D 241 17.20 -8.84 -28.42
N GLU D 242 17.77 -7.88 -29.14
CA GLU D 242 17.61 -7.82 -30.59
C GLU D 242 18.18 -9.06 -31.30
N SER D 243 19.13 -9.73 -30.66
CA SER D 243 19.69 -10.99 -31.18
C SER D 243 18.79 -12.21 -30.96
N LEU D 244 17.78 -12.07 -30.12
CA LEU D 244 16.87 -13.17 -29.85
C LEU D 244 15.43 -12.87 -30.30
N LEU D 245 15.01 -13.56 -31.35
CA LEU D 245 13.63 -13.50 -31.81
C LEU D 245 12.87 -14.69 -31.25
N GLY D 246 13.31 -15.90 -31.57
CA GLY D 246 12.55 -17.10 -31.27
C GLY D 246 13.47 -18.25 -30.94
N PRO D 247 12.89 -19.45 -30.75
CA PRO D 247 13.61 -20.64 -30.29
C PRO D 247 14.88 -20.94 -31.08
N ALA D 248 14.83 -20.73 -32.38
CA ALA D 248 15.99 -20.96 -33.22
C ALA D 248 17.14 -20.08 -32.77
N ASP D 249 16.87 -18.79 -32.53
CA ASP D 249 17.89 -17.89 -31.99
C ASP D 249 18.35 -18.39 -30.62
N ALA D 250 17.40 -18.70 -29.75
CA ALA D 250 17.71 -19.23 -28.44
C ALA D 250 18.71 -20.39 -28.51
N PHE D 251 18.38 -21.42 -29.30
CA PHE D 251 19.31 -22.52 -29.49
C PHE D 251 20.69 -22.04 -29.93
N ALA D 252 20.73 -21.15 -30.91
CA ALA D 252 22.00 -20.70 -31.46
C ALA D 252 22.86 -19.94 -30.42
N LEU D 253 22.25 -19.01 -29.71
CA LEU D 253 22.92 -18.29 -28.64
C LEU D 253 23.34 -19.19 -27.46
N ALA D 254 22.57 -20.24 -27.18
CA ALA D 254 22.87 -21.08 -26.01
C ALA D 254 23.92 -22.15 -26.25
N ALA D 255 24.12 -22.50 -27.52
CA ALA D 255 25.02 -23.60 -27.88
C ALA D 255 26.46 -23.26 -27.55
N PRO D 256 27.16 -24.20 -26.90
CA PRO D 256 28.55 -23.97 -26.47
C PRO D 256 29.48 -23.63 -27.63
N PRO D 257 30.25 -22.53 -27.51
CA PRO D 257 30.23 -21.60 -26.38
C PRO D 257 29.00 -20.67 -26.37
N ALA D 258 28.34 -20.57 -25.23
CA ALA D 258 27.16 -19.75 -25.13
C ALA D 258 27.54 -18.28 -25.29
N ALA D 259 26.71 -17.53 -26.01
CA ALA D 259 26.99 -16.15 -26.32
C ALA D 259 26.71 -15.17 -25.17
N CYS D 260 25.81 -15.55 -24.27
CA CYS D 260 25.44 -14.65 -23.19
C CYS D 260 24.81 -15.44 -22.04
N GLY D 261 24.46 -14.76 -20.95
CA GLY D 261 23.86 -15.42 -19.80
C GLY D 261 22.39 -15.13 -19.52
N ILE D 262 21.80 -14.22 -20.30
CA ILE D 262 20.42 -13.83 -20.07
C ILE D 262 19.74 -13.66 -21.42
N PHE D 263 18.53 -14.19 -21.55
CA PHE D 263 17.71 -13.97 -22.74
C PHE D 263 16.60 -13.02 -22.35
N ASN D 264 16.38 -12.00 -23.19
CA ASN D 264 15.22 -11.14 -22.99
C ASN D 264 14.12 -11.57 -23.95
N ILE D 265 13.08 -12.18 -23.41
CA ILE D 265 11.96 -12.68 -24.19
C ILE D 265 10.89 -11.61 -24.28
N LYS D 266 10.41 -11.35 -25.50
CA LYS D 266 9.25 -10.49 -25.71
C LYS D 266 8.24 -11.22 -26.59
N LEU D 267 6.99 -11.28 -26.13
CA LEU D 267 5.93 -11.86 -26.94
C LEU D 267 5.90 -11.31 -28.37
N MET D 268 6.00 -10.00 -28.52
CA MET D 268 5.95 -9.37 -29.85
C MET D 268 7.10 -9.79 -30.75
N LYS D 269 8.17 -10.33 -30.14
CA LYS D 269 9.30 -10.86 -30.93
C LYS D 269 9.13 -12.31 -31.40
N CYS D 270 8.66 -13.18 -30.51
CA CYS D 270 8.59 -14.60 -30.82
C CYS D 270 7.22 -15.11 -31.25
N GLY D 271 6.20 -14.26 -31.20
CA GLY D 271 4.85 -14.67 -31.61
C GLY D 271 3.99 -15.40 -30.59
N GLY D 272 4.16 -15.05 -29.32
CA GLY D 272 3.28 -15.55 -28.27
C GLY D 272 3.82 -16.57 -27.28
N LEU D 273 2.93 -17.01 -26.39
CA LEU D 273 3.32 -17.85 -25.27
C LEU D 273 3.88 -19.19 -25.73
N ALA D 274 3.31 -19.77 -26.78
CA ALA D 274 3.76 -21.10 -27.21
C ALA D 274 5.24 -21.13 -27.59
N PRO D 275 5.66 -20.23 -28.49
CA PRO D 275 7.10 -20.19 -28.80
C PRO D 275 7.92 -19.67 -27.62
N ALA D 276 7.39 -18.69 -26.88
CA ALA D 276 8.08 -18.20 -25.68
C ALA D 276 8.46 -19.36 -24.75
N ARG D 277 7.52 -20.27 -24.54
CA ARG D 277 7.79 -21.37 -23.66
C ARG D 277 8.87 -22.30 -24.21
N ARG D 278 9.03 -22.30 -25.52
CA ARG D 278 10.06 -23.13 -26.16
C ARG D 278 11.45 -22.56 -25.90
N ILE D 279 11.59 -21.25 -26.09
CA ILE D 279 12.79 -20.52 -25.66
C ILE D 279 13.11 -20.85 -24.21
N ALA D 280 12.09 -20.77 -23.36
CA ALA D 280 12.26 -21.02 -21.93
C ALA D 280 12.91 -22.37 -21.64
N THR D 281 12.45 -23.39 -22.35
CA THR D 281 12.97 -24.73 -22.17
C THR D 281 14.45 -24.83 -22.55
N ILE D 282 14.82 -24.15 -23.62
CA ILE D 282 16.19 -24.13 -24.07
C ILE D 282 17.07 -23.40 -23.05
N ALA D 283 16.65 -22.18 -22.69
CA ALA D 283 17.42 -21.38 -21.76
C ALA D 283 17.65 -22.18 -20.48
N GLU D 284 16.58 -22.70 -19.90
CA GLU D 284 16.69 -23.43 -18.63
C GLU D 284 17.72 -24.56 -18.67
N THR D 285 17.71 -25.31 -19.76
CA THR D 285 18.58 -26.46 -19.91
C THR D 285 20.01 -25.98 -20.09
N ALA D 286 20.16 -24.87 -20.80
CA ALA D 286 21.49 -24.31 -21.02
C ALA D 286 22.00 -23.52 -19.82
N GLY D 287 21.16 -23.34 -18.81
CA GLY D 287 21.52 -22.59 -17.63
C GLY D 287 21.58 -21.09 -17.88
N ILE D 288 20.61 -20.59 -18.63
CA ILE D 288 20.55 -19.19 -19.02
C ILE D 288 19.37 -18.55 -18.33
N ASP D 289 19.57 -17.38 -17.75
CA ASP D 289 18.50 -16.70 -17.02
C ASP D 289 17.53 -16.00 -17.97
N LEU D 290 16.29 -15.89 -17.52
CA LEU D 290 15.20 -15.35 -18.33
C LEU D 290 14.79 -13.97 -17.89
N MET D 291 14.63 -13.09 -18.85
CA MET D 291 14.10 -11.76 -18.59
C MET D 291 12.92 -11.53 -19.53
N TRP D 292 11.79 -11.11 -18.98
CA TRP D 292 10.61 -10.83 -19.80
C TRP D 292 10.39 -9.34 -19.97
N GLY D 293 10.68 -8.85 -21.16
CA GLY D 293 10.54 -7.43 -21.47
C GLY D 293 9.34 -7.19 -22.35
N CYS D 294 9.29 -6.03 -22.99
CA CYS D 294 8.11 -5.66 -23.75
C CYS D 294 8.36 -4.45 -24.66
N MET D 295 7.33 -4.10 -25.41
CA MET D 295 7.29 -2.84 -26.16
C MET D 295 6.32 -1.97 -25.40
N ASP D 296 6.04 -0.76 -25.89
CA ASP D 296 4.94 0.00 -25.31
C ASP D 296 3.64 -0.72 -25.69
N GLU D 297 2.88 -1.16 -24.69
CA GLU D 297 1.80 -2.13 -24.90
C GLU D 297 0.68 -1.94 -23.90
N SER D 298 -0.53 -2.35 -24.29
CA SER D 298 -1.68 -2.35 -23.39
C SER D 298 -1.47 -3.36 -22.25
N ARG D 299 -2.16 -3.14 -21.13
CA ARG D 299 -2.13 -4.10 -20.03
C ARG D 299 -2.38 -5.52 -20.49
N ILE D 300 -3.18 -5.66 -21.55
CA ILE D 300 -3.58 -6.98 -22.03
C ILE D 300 -2.37 -7.88 -22.28
N SER D 301 -1.44 -7.42 -23.11
CA SER D 301 -0.28 -8.22 -23.47
C SER D 301 0.74 -8.30 -22.34
N ILE D 302 0.90 -7.20 -21.61
CA ILE D 302 1.76 -7.15 -20.44
C ILE D 302 1.32 -8.23 -19.45
N ALA D 303 0.01 -8.32 -19.25
CA ALA D 303 -0.55 -9.36 -18.40
C ALA D 303 -0.18 -10.76 -18.88
N ALA D 304 -0.21 -10.95 -20.19
CA ALA D 304 0.03 -12.26 -20.77
C ALA D 304 1.49 -12.59 -20.56
N ALA D 305 2.35 -11.61 -20.85
CA ALA D 305 3.76 -11.74 -20.56
C ALA D 305 4.00 -12.11 -19.08
N LEU D 306 3.27 -11.46 -18.18
CA LEU D 306 3.46 -11.73 -16.75
C LEU D 306 3.09 -13.17 -16.34
N HIS D 307 1.95 -13.65 -16.84
CA HIS D 307 1.52 -15.02 -16.55
C HIS D 307 2.52 -16.07 -17.03
N ALA D 308 3.03 -15.91 -18.24
CA ALA D 308 4.07 -16.80 -18.77
C ALA D 308 5.32 -16.75 -17.90
N ALA D 309 5.77 -15.52 -17.59
CA ALA D 309 7.00 -15.35 -16.81
C ALA D 309 6.88 -16.05 -15.47
N LEU D 310 5.80 -15.78 -14.75
CA LEU D 310 5.60 -16.39 -13.43
C LEU D 310 5.44 -17.92 -13.51
N ALA D 311 5.29 -18.45 -14.71
CA ALA D 311 5.23 -19.91 -14.90
C ALA D 311 6.56 -20.61 -15.24
N CYS D 312 7.62 -19.85 -15.53
CA CYS D 312 8.91 -20.45 -15.88
C CYS D 312 9.89 -20.39 -14.72
N PRO D 313 10.34 -21.55 -14.24
CA PRO D 313 11.28 -21.61 -13.14
C PRO D 313 12.55 -20.80 -13.42
N ALA D 314 12.85 -20.56 -14.69
CA ALA D 314 14.11 -19.93 -15.07
C ALA D 314 13.97 -18.43 -15.19
N THR D 315 12.75 -17.93 -15.02
CA THR D 315 12.53 -16.50 -14.96
C THR D 315 13.31 -15.93 -13.78
N ARG D 316 13.98 -14.82 -14.05
CA ARG D 316 14.84 -14.18 -13.08
C ARG D 316 14.49 -12.69 -12.94
N TYR D 317 14.41 -12.00 -14.07
CA TYR D 317 14.03 -10.60 -14.12
C TYR D 317 12.74 -10.30 -14.88
N LEU D 318 12.12 -9.15 -14.58
CA LEU D 318 11.01 -8.63 -15.37
C LEU D 318 11.36 -7.22 -15.85
N ASP D 319 11.14 -6.93 -17.13
CA ASP D 319 11.01 -5.55 -17.54
C ASP D 319 9.64 -5.42 -18.19
N LEU D 320 8.64 -5.23 -17.35
CA LEU D 320 7.22 -5.19 -17.75
C LEU D 320 6.51 -3.84 -17.78
N ASP D 321 7.29 -2.76 -17.84
CA ASP D 321 6.77 -1.42 -17.63
C ASP D 321 6.01 -0.82 -18.82
N GLY D 322 5.83 -1.61 -19.88
CA GLY D 322 5.26 -1.11 -21.12
C GLY D 322 3.87 -0.50 -21.10
N SER D 323 3.06 -0.80 -20.09
CA SER D 323 1.71 -0.21 -20.00
C SER D 323 1.63 1.05 -19.15
N PHE D 324 2.70 1.36 -18.40
CA PHE D 324 2.62 2.38 -17.36
C PHE D 324 2.44 3.80 -17.86
N ASP D 325 3.13 4.15 -18.95
CA ASP D 325 3.12 5.54 -19.43
C ASP D 325 2.06 5.79 -20.50
N LEU D 326 1.21 4.81 -20.76
CA LEU D 326 0.05 4.99 -21.62
C LEU D 326 -0.93 6.01 -21.03
N ALA D 327 -1.36 6.98 -21.85
CA ALA D 327 -2.27 8.02 -21.38
C ALA D 327 -3.71 7.49 -21.27
N ARG D 328 -3.96 6.36 -21.94
CA ARG D 328 -5.21 5.63 -21.81
C ARG D 328 -5.02 4.16 -22.17
N ASP D 329 -5.91 3.30 -21.68
CA ASP D 329 -5.87 1.88 -22.03
C ASP D 329 -7.29 1.37 -22.29
N VAL D 330 -7.39 0.19 -22.89
CA VAL D 330 -8.70 -0.40 -23.15
C VAL D 330 -9.11 -1.49 -22.16
N ALA D 331 -8.28 -1.75 -21.14
CA ALA D 331 -8.59 -2.79 -20.15
C ALA D 331 -8.05 -2.46 -18.78
N GLU D 332 -8.57 -3.16 -17.77
CA GLU D 332 -8.12 -3.01 -16.39
C GLU D 332 -7.82 -4.38 -15.80
N GLY D 333 -7.06 -4.39 -14.71
CA GLY D 333 -6.70 -5.65 -14.08
C GLY D 333 -5.60 -6.37 -14.82
N GLY D 334 -5.59 -7.69 -14.67
CA GLY D 334 -4.67 -8.62 -15.30
C GLY D 334 -3.37 -8.78 -14.51
N PHE D 335 -2.90 -7.69 -13.92
CA PHE D 335 -1.74 -7.72 -13.05
C PHE D 335 -1.87 -6.62 -12.01
N ILE D 336 -1.30 -6.86 -10.83
CA ILE D 336 -1.27 -5.87 -9.76
C ILE D 336 0.15 -5.35 -9.48
N LEU D 337 0.28 -4.05 -9.31
CA LEU D 337 1.57 -3.46 -8.94
C LEU D 337 1.58 -3.06 -7.46
N GLU D 338 2.55 -3.59 -6.71
CA GLU D 338 2.76 -3.19 -5.32
C GLU D 338 4.26 -3.06 -4.98
N ASP D 339 4.69 -1.88 -4.54
CA ASP D 339 6.11 -1.67 -4.18
C ASP D 339 7.08 -2.18 -5.24
N GLY D 340 6.77 -1.88 -6.50
CA GLY D 340 7.61 -2.23 -7.63
C GLY D 340 7.56 -3.69 -8.04
N ARG D 341 6.66 -4.46 -7.43
CA ARG D 341 6.54 -5.86 -7.77
C ARG D 341 5.29 -6.16 -8.59
N LEU D 342 5.40 -7.11 -9.51
CA LEU D 342 4.29 -7.52 -10.35
C LEU D 342 3.74 -8.88 -9.93
N ARG D 343 2.42 -8.98 -10.00
CA ARG D 343 1.66 -10.08 -9.42
C ARG D 343 0.44 -10.23 -10.33
N VAL D 344 -0.02 -11.45 -10.59
CA VAL D 344 -1.32 -11.60 -11.23
C VAL D 344 -2.44 -11.59 -10.20
N THR D 345 -3.65 -11.22 -10.62
CA THR D 345 -4.85 -11.32 -9.79
C THR D 345 -5.31 -12.77 -9.61
N GLU D 346 -6.40 -12.99 -8.86
CA GLU D 346 -6.88 -14.36 -8.57
C GLU D 346 -7.96 -14.81 -9.53
N ARG D 347 -8.34 -13.93 -10.46
CA ARG D 347 -9.39 -14.23 -11.43
C ARG D 347 -8.92 -15.28 -12.44
N PRO D 348 -9.88 -16.00 -13.05
CA PRO D 348 -9.45 -17.02 -14.02
C PRO D 348 -9.04 -16.40 -15.37
N GLY D 349 -8.18 -17.11 -16.10
CA GLY D 349 -7.64 -16.63 -17.35
C GLY D 349 -6.59 -15.56 -17.15
N LEU D 350 -6.53 -14.61 -18.09
CA LEU D 350 -5.61 -13.49 -17.98
C LEU D 350 -6.00 -12.56 -16.83
N GLY D 351 -7.25 -12.67 -16.37
CA GLY D 351 -7.76 -11.86 -15.28
C GLY D 351 -8.04 -10.42 -15.67
N LEU D 352 -8.24 -10.17 -16.95
CA LEU D 352 -8.59 -8.83 -17.45
C LEU D 352 -10.06 -8.41 -17.23
N VAL D 353 -10.31 -7.11 -17.30
CA VAL D 353 -11.64 -6.53 -17.10
C VAL D 353 -11.94 -5.40 -18.09
N TYR D 354 -13.18 -5.30 -18.56
CA TYR D 354 -13.53 -4.37 -19.62
C TYR D 354 -14.20 -3.06 -19.20
N MET E 1 -8.76 -30.30 -9.80
CA MET E 1 -9.77 -31.33 -9.65
C MET E 1 -9.41 -32.37 -8.58
N LYS E 2 -8.42 -32.06 -7.75
CA LYS E 2 -8.27 -32.66 -6.39
C LYS E 2 -8.04 -34.17 -6.24
N ILE E 3 -6.81 -34.65 -6.46
CA ILE E 3 -6.49 -36.05 -6.25
C ILE E 3 -7.02 -36.47 -4.90
N ALA E 4 -7.88 -37.50 -4.87
CA ALA E 4 -8.37 -38.10 -3.64
C ALA E 4 -7.49 -39.20 -3.05
N ASP E 5 -7.03 -40.10 -3.92
CA ASP E 5 -6.36 -41.31 -3.46
C ASP E 5 -5.35 -41.85 -4.46
N ILE E 6 -4.36 -42.60 -3.97
CA ILE E 6 -3.36 -43.22 -4.82
C ILE E 6 -3.05 -44.63 -4.36
N GLN E 7 -3.18 -45.60 -5.27
CA GLN E 7 -2.87 -47.00 -4.97
C GLN E 7 -1.80 -47.50 -5.92
N VAL E 8 -0.98 -48.42 -5.42
CA VAL E 8 0.15 -48.95 -6.17
C VAL E 8 0.34 -50.44 -5.93
N ARG E 9 0.53 -51.21 -7.00
CA ARG E 9 0.78 -52.64 -6.87
C ARG E 9 1.81 -53.17 -7.86
N THR E 10 2.49 -54.24 -7.46
CA THR E 10 3.39 -54.95 -8.37
C THR E 10 2.54 -55.84 -9.27
N GLU E 11 3.07 -56.16 -10.44
CA GLU E 11 2.44 -57.10 -11.33
C GLU E 11 3.55 -57.89 -12.02
N HIS E 12 3.37 -59.20 -12.13
CA HIS E 12 4.36 -60.02 -12.84
C HIS E 12 3.81 -60.50 -14.19
N PHE E 13 4.50 -60.13 -15.27
CA PHE E 13 4.09 -60.46 -16.63
C PHE E 13 5.06 -61.42 -17.31
N PRO E 14 4.66 -62.69 -17.52
CA PRO E 14 5.57 -63.55 -18.29
C PRO E 14 5.48 -63.24 -19.79
N LEU E 15 6.55 -63.53 -20.53
CA LEU E 15 6.57 -63.27 -21.96
C LEU E 15 6.21 -64.52 -22.78
N THR E 16 5.25 -64.36 -23.70
CA THR E 16 4.90 -65.43 -24.62
C THR E 16 6.13 -65.77 -25.50
N ARG E 17 7.02 -64.80 -25.69
CA ARG E 17 8.25 -65.02 -26.45
C ARG E 17 9.53 -64.47 -25.80
N PRO E 18 10.21 -65.30 -24.99
CA PRO E 18 11.54 -64.94 -24.48
C PRO E 18 12.50 -64.50 -25.58
N TYR E 19 13.35 -63.52 -25.27
CA TYR E 19 14.28 -62.97 -26.25
C TYR E 19 15.59 -62.50 -25.63
N ARG E 20 16.59 -62.31 -26.48
CA ARG E 20 17.94 -62.05 -26.01
C ARG E 20 18.46 -60.72 -26.56
N ILE E 21 18.98 -59.86 -25.68
CA ILE E 21 19.57 -58.59 -26.10
C ILE E 21 21.07 -58.66 -25.87
N ALA E 22 21.80 -57.65 -26.31
CA ALA E 22 23.25 -57.70 -26.18
C ALA E 22 23.55 -57.79 -24.69
N PHE E 23 24.24 -58.86 -24.30
CA PHE E 23 24.62 -59.08 -22.90
C PHE E 23 23.50 -59.50 -21.91
N ARG E 24 22.23 -59.56 -22.31
CA ARG E 24 21.16 -59.66 -21.29
C ARG E 24 20.22 -60.90 -21.17
N SER E 25 19.45 -61.25 -22.21
CA SER E 25 18.54 -62.43 -22.14
C SER E 25 17.29 -62.45 -21.19
N ILE E 26 16.20 -61.79 -21.63
CA ILE E 26 14.93 -61.64 -20.87
C ILE E 26 13.82 -62.72 -21.02
N GLU E 27 13.46 -63.41 -19.93
CA GLU E 27 12.26 -64.29 -19.91
C GLU E 27 10.91 -63.64 -19.59
N GLU E 28 10.89 -62.78 -18.57
CA GLU E 28 9.65 -62.20 -18.02
C GLU E 28 9.95 -60.88 -17.31
N ILE E 29 8.94 -60.02 -17.12
CA ILE E 29 9.14 -58.68 -16.51
C ILE E 29 8.19 -58.29 -15.36
N ASP E 30 8.69 -57.49 -14.41
CA ASP E 30 7.80 -56.88 -13.41
C ASP E 30 7.53 -55.41 -13.76
N ASN E 31 6.27 -55.01 -13.64
CA ASN E 31 5.86 -53.61 -13.80
C ASN E 31 5.17 -53.11 -12.53
N LEU E 32 5.16 -51.81 -12.31
CA LEU E 32 4.36 -51.24 -11.23
C LEU E 32 3.17 -50.54 -11.85
N ILE E 33 2.01 -50.72 -11.23
CA ILE E 33 0.81 -50.12 -11.77
C ILE E 33 0.24 -49.09 -10.81
N VAL E 34 -0.07 -47.91 -11.35
CA VAL E 34 -0.49 -46.79 -10.53
C VAL E 34 -1.93 -46.35 -10.80
N GLU E 35 -2.74 -46.31 -9.75
CA GLU E 35 -4.11 -45.83 -9.86
C GLU E 35 -4.27 -44.53 -9.07
N ILE E 36 -4.50 -43.45 -9.79
CA ILE E 36 -4.75 -42.17 -9.16
C ILE E 36 -6.23 -41.85 -9.33
N ARG E 37 -6.94 -41.71 -8.23
CA ARG E 37 -8.37 -41.40 -8.31
C ARG E 37 -8.65 -39.98 -7.84
N THR E 38 -9.65 -39.38 -8.45
CA THR E 38 -10.00 -38.00 -8.18
C THR E 38 -11.14 -37.94 -7.16
N ALA E 39 -11.52 -36.75 -6.74
CA ALA E 39 -12.56 -36.59 -5.72
C ALA E 39 -13.92 -37.00 -6.24
N ASP E 40 -14.21 -36.62 -7.49
CA ASP E 40 -15.48 -36.93 -8.14
C ASP E 40 -15.48 -38.28 -8.89
N GLY E 41 -14.40 -39.06 -8.71
CA GLY E 41 -14.37 -40.45 -9.13
C GLY E 41 -13.51 -40.87 -10.31
N LEU E 42 -13.04 -39.91 -11.10
CA LEU E 42 -12.21 -40.20 -12.27
C LEU E 42 -10.91 -40.96 -11.92
N LEU E 43 -10.45 -41.81 -12.83
CA LEU E 43 -9.28 -42.63 -12.57
C LEU E 43 -8.18 -42.39 -13.61
N GLY E 44 -7.03 -41.89 -13.16
CA GLY E 44 -5.86 -41.85 -14.00
C GLY E 44 -5.03 -43.11 -13.84
N LEU E 45 -4.41 -43.57 -14.92
CA LEU E 45 -3.65 -44.81 -14.89
C LEU E 45 -2.20 -44.61 -15.31
N GLY E 46 -1.30 -45.36 -14.70
CA GLY E 46 0.08 -45.31 -15.11
C GLY E 46 0.81 -46.58 -14.77
N ALA E 47 1.85 -46.87 -15.54
CA ALA E 47 2.70 -48.03 -15.31
C ALA E 47 4.18 -47.62 -15.31
N ALA E 48 5.02 -48.44 -14.69
CA ALA E 48 6.45 -48.16 -14.63
C ALA E 48 7.23 -49.43 -14.91
N SER E 49 8.19 -49.34 -15.83
CA SER E 49 9.11 -50.45 -16.05
C SER E 49 10.54 -49.93 -15.93
N PRO E 50 11.09 -49.96 -14.71
CA PRO E 50 12.39 -49.35 -14.46
C PRO E 50 13.51 -50.11 -15.15
N GLU E 51 14.39 -49.43 -15.86
CA GLU E 51 15.51 -50.11 -16.52
C GLU E 51 16.81 -49.80 -15.77
N ARG E 52 17.30 -50.79 -15.04
CA ARG E 52 18.38 -50.60 -14.06
C ARG E 52 19.73 -50.32 -14.72
N HIS E 53 19.96 -50.94 -15.87
CA HIS E 53 21.26 -50.80 -16.51
C HIS E 53 21.38 -49.46 -17.24
N VAL E 54 20.26 -48.94 -17.73
CA VAL E 54 20.27 -47.61 -18.36
C VAL E 54 20.16 -46.39 -17.43
N THR E 55 19.18 -46.38 -16.52
CA THR E 55 18.97 -45.27 -15.58
C THR E 55 19.44 -45.45 -14.15
N GLY E 56 19.97 -46.61 -13.80
CA GLY E 56 20.30 -46.90 -12.41
C GLY E 56 19.13 -47.23 -11.47
N GLU E 57 17.90 -47.04 -11.95
CA GLU E 57 16.70 -47.34 -11.17
C GLU E 57 16.43 -48.84 -11.12
N THR E 58 16.33 -49.37 -9.90
CA THR E 58 16.02 -50.77 -9.67
C THR E 58 14.55 -50.92 -9.32
N LEU E 59 13.98 -52.07 -9.66
CA LEU E 59 12.61 -52.38 -9.28
C LEU E 59 12.38 -52.06 -7.81
N GLU E 60 13.32 -52.49 -6.98
CA GLU E 60 13.25 -52.25 -5.54
C GLU E 60 13.13 -50.75 -5.19
N ALA E 61 13.99 -49.94 -5.78
CA ALA E 61 14.01 -48.49 -5.54
C ALA E 61 12.79 -47.80 -6.12
N CYS E 62 12.32 -48.35 -7.23
CA CYS E 62 11.15 -47.85 -7.93
C CYS E 62 9.91 -48.07 -7.06
N HIS E 63 9.76 -49.27 -6.51
CA HIS E 63 8.66 -49.55 -5.58
C HIS E 63 8.78 -48.63 -4.36
N ALA E 64 9.99 -48.53 -3.81
CA ALA E 64 10.26 -47.69 -2.65
C ALA E 64 9.78 -46.26 -2.92
N ALA E 65 10.17 -45.73 -4.07
CA ALA E 65 9.81 -44.37 -4.45
C ALA E 65 8.29 -44.14 -4.47
N LEU E 66 7.53 -45.21 -4.71
CA LEU E 66 6.07 -45.11 -4.80
C LEU E 66 5.27 -45.46 -3.53
N ASP E 67 5.95 -45.74 -2.44
CA ASP E 67 5.26 -46.12 -1.19
C ASP E 67 4.20 -45.11 -0.77
N HIS E 68 3.07 -45.64 -0.28
CA HIS E 68 1.92 -44.84 0.14
C HIS E 68 2.37 -43.67 1.02
N ASP E 69 3.39 -43.90 1.84
CA ASP E 69 3.85 -42.90 2.81
C ASP E 69 4.59 -41.73 2.15
N ARG E 70 5.39 -42.05 1.13
CA ARG E 70 6.17 -41.06 0.41
C ARG E 70 5.34 -40.17 -0.54
N LEU E 71 4.13 -40.62 -0.86
CA LEU E 71 3.27 -39.92 -1.83
C LEU E 71 2.28 -38.96 -1.18
N GLY E 72 2.38 -38.81 0.12
CA GLY E 72 1.42 -38.03 0.88
C GLY E 72 1.21 -36.62 0.35
N TRP E 73 2.27 -36.01 -0.16
CA TRP E 73 2.26 -34.60 -0.57
C TRP E 73 1.33 -34.32 -1.73
N LEU E 74 1.01 -35.37 -2.47
CA LEU E 74 0.16 -35.28 -3.66
C LEU E 74 -1.34 -35.18 -3.34
N MET E 75 -1.75 -35.68 -2.17
CA MET E 75 -3.15 -35.70 -1.81
C MET E 75 -3.73 -34.28 -1.76
N GLY E 76 -4.89 -34.12 -2.37
CA GLY E 76 -5.58 -32.83 -2.34
C GLY E 76 -5.03 -31.83 -3.31
N ARG E 77 -4.08 -32.26 -4.14
CA ARG E 77 -3.51 -31.37 -5.14
C ARG E 77 -4.40 -31.29 -6.38
N ASP E 78 -4.47 -30.10 -6.97
CA ASP E 78 -5.35 -29.85 -8.12
C ASP E 78 -4.70 -30.26 -9.46
N ILE E 79 -5.30 -31.24 -10.14
CA ILE E 79 -4.72 -31.77 -11.39
C ILE E 79 -4.60 -30.72 -12.48
N ARG E 80 -5.39 -29.67 -12.39
CA ARG E 80 -5.32 -28.58 -13.36
C ARG E 80 -3.99 -27.83 -13.36
N THR E 81 -3.18 -28.04 -12.32
CA THR E 81 -1.88 -27.39 -12.15
C THR E 81 -0.76 -28.25 -12.70
N LEU E 82 -1.12 -29.20 -13.55
CA LEU E 82 -0.24 -30.29 -13.94
C LEU E 82 1.25 -29.94 -14.11
N PRO E 83 1.59 -28.89 -14.87
CA PRO E 83 3.03 -28.69 -15.10
C PRO E 83 3.81 -28.49 -13.79
N ARG E 84 3.26 -27.68 -12.89
CA ARG E 84 3.82 -27.54 -11.56
C ARG E 84 3.96 -28.89 -10.84
N LEU E 85 2.93 -29.73 -10.88
CA LEU E 85 3.03 -31.03 -10.23
C LEU E 85 4.15 -31.87 -10.82
N CYS E 86 4.39 -31.74 -12.11
CA CYS E 86 5.47 -32.51 -12.73
C CYS E 86 6.83 -32.03 -12.31
N ARG E 87 7.01 -30.71 -12.25
CA ARG E 87 8.22 -30.13 -11.67
C ARG E 87 8.52 -30.75 -10.30
N GLU E 88 7.46 -30.86 -9.47
CA GLU E 88 7.58 -31.39 -8.12
C GLU E 88 7.88 -32.88 -8.11
N LEU E 89 7.46 -33.58 -9.16
CA LEU E 89 7.79 -34.97 -9.30
C LEU E 89 9.29 -35.12 -9.52
N ALA E 90 9.84 -34.15 -10.23
CA ALA E 90 11.26 -34.17 -10.59
C ALA E 90 12.13 -33.86 -9.38
N GLU E 91 11.60 -33.06 -8.46
CA GLU E 91 12.30 -32.80 -7.21
C GLU E 91 12.22 -33.98 -6.23
N ARG E 92 11.04 -34.57 -6.07
CA ARG E 92 10.85 -35.59 -5.04
C ARG E 92 11.19 -37.01 -5.45
N LEU E 93 11.31 -37.25 -6.75
CA LEU E 93 11.72 -38.56 -7.26
C LEU E 93 12.81 -38.33 -8.29
N PRO E 94 13.91 -37.70 -7.86
CA PRO E 94 14.99 -37.30 -8.76
C PRO E 94 15.73 -38.50 -9.34
N ALA E 95 15.79 -39.60 -8.58
CA ALA E 95 16.55 -40.80 -8.95
C ALA E 95 15.73 -41.94 -9.56
N ALA E 96 14.43 -41.74 -9.73
CA ALA E 96 13.55 -42.81 -10.19
C ALA E 96 12.64 -42.42 -11.37
N PRO E 97 13.23 -42.28 -12.57
CA PRO E 97 12.47 -41.85 -13.75
C PRO E 97 11.22 -42.70 -14.03
N ALA E 98 11.31 -44.02 -13.89
CA ALA E 98 10.18 -44.91 -14.21
C ALA E 98 9.00 -44.66 -13.29
N ALA E 99 9.25 -44.64 -11.98
CA ALA E 99 8.20 -44.33 -11.02
C ALA E 99 7.60 -42.95 -11.35
N ARG E 100 8.49 -42.01 -11.65
CA ARG E 100 8.06 -40.65 -11.90
C ARG E 100 7.17 -40.65 -13.14
N ALA E 101 7.53 -41.48 -14.11
CA ALA E 101 6.81 -41.55 -15.39
C ALA E 101 5.41 -42.05 -15.18
N ALA E 102 5.28 -43.07 -14.32
CA ALA E 102 4.00 -43.64 -13.99
C ALA E 102 3.06 -42.56 -13.46
N LEU E 103 3.48 -41.86 -12.41
CA LEU E 103 2.67 -40.79 -11.82
C LEU E 103 2.39 -39.68 -12.84
N ASP E 104 3.37 -39.41 -13.69
CA ASP E 104 3.22 -38.39 -14.73
C ASP E 104 2.08 -38.75 -15.69
N MET E 105 2.17 -39.94 -16.28
CA MET E 105 1.14 -40.50 -17.17
C MET E 105 -0.24 -40.38 -16.55
N ALA E 106 -0.39 -41.04 -15.41
CA ALA E 106 -1.64 -41.08 -14.67
C ALA E 106 -2.28 -39.70 -14.53
N LEU E 107 -1.42 -38.70 -14.25
CA LEU E 107 -1.87 -37.32 -14.11
C LEU E 107 -2.32 -36.74 -15.44
N HIS E 108 -1.50 -36.91 -16.48
CA HIS E 108 -1.85 -36.42 -17.81
C HIS E 108 -3.19 -37.02 -18.25
N ASP E 109 -3.33 -38.32 -18.02
CA ASP E 109 -4.58 -39.03 -18.25
C ASP E 109 -5.79 -38.32 -17.62
N LEU E 110 -5.67 -37.94 -16.35
CA LEU E 110 -6.75 -37.25 -15.66
C LEU E 110 -7.02 -35.84 -16.17
N VAL E 111 -5.99 -35.14 -16.65
CA VAL E 111 -6.22 -33.77 -17.07
C VAL E 111 -6.97 -33.81 -18.38
N ALA E 112 -6.69 -34.85 -19.15
CA ALA E 112 -7.31 -35.02 -20.44
C ALA E 112 -8.80 -35.31 -20.24
N GLN E 113 -9.10 -36.30 -19.40
CA GLN E 113 -10.48 -36.58 -18.99
C GLN E 113 -11.22 -35.33 -18.49
N CYS E 114 -10.57 -34.56 -17.63
CA CYS E 114 -11.12 -33.31 -17.12
C CYS E 114 -11.56 -32.41 -18.28
N LEU E 115 -10.63 -32.12 -19.19
CA LEU E 115 -10.95 -31.34 -20.38
C LEU E 115 -11.92 -32.08 -21.32
N GLY E 116 -11.93 -33.40 -21.22
CA GLY E 116 -12.93 -34.22 -21.90
C GLY E 116 -12.60 -34.70 -23.31
N LEU E 117 -11.31 -34.77 -23.63
CA LEU E 117 -10.84 -35.16 -24.96
C LEU E 117 -9.79 -36.27 -24.84
N PRO E 118 -9.45 -36.92 -25.96
CA PRO E 118 -8.30 -37.85 -25.92
C PRO E 118 -7.02 -37.07 -25.61
N LEU E 119 -6.09 -37.69 -24.88
CA LEU E 119 -4.88 -36.99 -24.44
C LEU E 119 -4.14 -36.27 -25.57
N VAL E 120 -3.96 -36.96 -26.69
CA VAL E 120 -3.23 -36.40 -27.83
C VAL E 120 -3.84 -35.10 -28.36
N GLU E 121 -5.15 -34.95 -28.22
CA GLU E 121 -5.79 -33.75 -28.75
C GLU E 121 -5.45 -32.54 -27.89
N ILE E 122 -5.23 -32.81 -26.60
CA ILE E 122 -4.87 -31.81 -25.59
C ILE E 122 -3.44 -31.29 -25.78
N LEU E 123 -2.54 -32.21 -26.09
CA LEU E 123 -1.13 -31.88 -26.36
C LEU E 123 -0.96 -31.32 -27.76
N GLY E 124 -2.04 -31.38 -28.53
CA GLY E 124 -2.13 -30.88 -29.89
C GLY E 124 -1.73 -31.99 -30.85
N ARG E 125 -2.45 -32.11 -31.96
CA ARG E 125 -2.23 -33.29 -32.80
C ARG E 125 -1.28 -32.95 -33.92
N ALA E 126 -0.16 -33.67 -33.96
CA ALA E 126 0.71 -33.64 -35.13
C ALA E 126 0.54 -34.81 -36.12
N HIS E 127 -0.16 -35.87 -35.69
CA HIS E 127 -0.21 -37.11 -36.46
C HIS E 127 -1.49 -37.92 -36.24
N ASP E 128 -2.02 -38.53 -37.30
CA ASP E 128 -3.11 -39.50 -37.14
C ASP E 128 -2.61 -40.92 -36.79
N SER E 129 -1.55 -41.38 -37.46
CA SER E 129 -0.91 -42.63 -37.06
C SER E 129 0.47 -42.83 -37.66
N LEU E 130 1.17 -43.86 -37.18
CA LEU E 130 2.48 -44.24 -37.70
C LEU E 130 2.78 -45.74 -37.55
N PRO E 131 3.67 -46.26 -38.40
CA PRO E 131 4.15 -47.64 -38.30
C PRO E 131 4.98 -47.84 -37.05
N THR E 132 4.87 -48.99 -36.41
CA THR E 132 5.79 -49.32 -35.33
C THR E 132 6.64 -50.51 -35.74
N SER E 133 7.89 -50.51 -35.33
CA SER E 133 8.74 -51.67 -35.55
C SER E 133 8.31 -52.77 -34.58
N VAL E 134 8.72 -54.00 -34.87
CA VAL E 134 8.69 -55.07 -33.87
C VAL E 134 10.10 -55.64 -33.82
N THR E 135 10.41 -56.32 -32.73
CA THR E 135 11.79 -56.61 -32.44
C THR E 135 12.20 -58.07 -32.52
N ILE E 136 13.29 -58.30 -33.24
CA ILE E 136 13.90 -59.61 -33.33
C ILE E 136 15.17 -59.63 -32.49
N GLY E 137 15.19 -60.48 -31.47
CA GLY E 137 16.33 -60.55 -30.57
C GLY E 137 17.56 -61.15 -31.22
N ILE E 138 18.61 -61.32 -30.43
CA ILE E 138 19.79 -62.02 -30.92
C ILE E 138 19.50 -63.50 -31.01
N LYS E 139 19.79 -64.08 -32.17
CA LYS E 139 19.49 -65.46 -32.48
C LYS E 139 20.03 -65.79 -33.86
N PRO E 140 20.25 -67.09 -34.14
CA PRO E 140 20.96 -67.50 -35.36
C PRO E 140 20.20 -67.14 -36.62
N VAL E 141 20.78 -67.44 -37.77
CA VAL E 141 20.24 -67.00 -39.06
C VAL E 141 18.81 -67.49 -39.32
N GLU E 142 18.62 -68.79 -39.15
CA GLU E 142 17.33 -69.38 -39.50
C GLU E 142 16.17 -68.89 -38.63
N GLU E 143 16.30 -69.00 -37.31
CA GLU E 143 15.24 -68.51 -36.40
C GLU E 143 14.85 -67.08 -36.72
N THR E 144 15.84 -66.28 -37.08
CA THR E 144 15.66 -64.88 -37.44
C THR E 144 14.65 -64.73 -38.57
N LEU E 145 14.92 -65.42 -39.69
CA LEU E 145 13.97 -65.46 -40.79
C LEU E 145 12.63 -66.02 -40.32
N ALA E 146 12.71 -67.08 -39.51
CA ALA E 146 11.52 -67.68 -38.91
C ALA E 146 10.65 -66.61 -38.23
N GLU E 147 11.17 -66.01 -37.16
CA GLU E 147 10.44 -64.95 -36.45
C GLU E 147 10.02 -63.83 -37.40
N ALA E 148 10.90 -63.46 -38.32
CA ALA E 148 10.57 -62.43 -39.30
C ALA E 148 9.23 -62.76 -39.93
N ARG E 149 9.14 -63.96 -40.52
CA ARG E 149 7.96 -64.32 -41.30
C ARG E 149 6.65 -64.27 -40.49
N GLU E 150 6.71 -64.70 -39.22
CA GLU E 150 5.55 -64.63 -38.35
C GLU E 150 5.08 -63.20 -38.21
N HIS E 151 6.05 -62.28 -38.27
CA HIS E 151 5.78 -60.85 -38.08
C HIS E 151 5.19 -60.19 -39.31
N LEU E 152 5.69 -60.52 -40.51
CA LEU E 152 5.06 -59.98 -41.71
C LEU E 152 3.65 -60.51 -41.77
N ALA E 153 3.50 -61.77 -41.34
CA ALA E 153 2.22 -62.48 -41.27
C ALA E 153 1.20 -61.73 -40.41
N LEU E 154 1.66 -61.13 -39.33
CA LEU E 154 0.78 -60.39 -38.43
C LEU E 154 0.49 -58.96 -38.92
N GLY E 155 1.09 -58.58 -40.05
CA GLY E 155 0.77 -57.32 -40.71
C GLY E 155 1.78 -56.19 -40.53
N PHE E 156 2.91 -56.49 -39.90
CA PHE E 156 3.92 -55.47 -39.63
C PHE E 156 4.75 -55.11 -40.86
N ARG E 157 4.95 -53.81 -41.08
CA ARG E 157 5.78 -53.32 -42.19
C ARG E 157 7.24 -52.93 -41.82
N VAL E 158 7.59 -52.99 -40.53
CA VAL E 158 8.91 -52.55 -40.07
C VAL E 158 9.53 -53.51 -39.06
N LEU E 159 10.80 -53.86 -39.26
CA LEU E 159 11.46 -54.80 -38.35
C LEU E 159 12.69 -54.19 -37.67
N LYS E 160 12.78 -54.40 -36.36
CA LYS E 160 13.93 -53.94 -35.59
C LYS E 160 14.79 -55.13 -35.15
N VAL E 161 16.01 -55.20 -35.66
CA VAL E 161 16.89 -56.34 -35.42
C VAL E 161 18.07 -56.02 -34.50
N LYS E 162 18.15 -56.72 -33.38
CA LYS E 162 19.27 -56.53 -32.44
C LYS E 162 20.53 -57.20 -32.94
N LEU E 163 21.61 -56.44 -33.10
CA LEU E 163 22.85 -57.08 -33.47
C LEU E 163 23.67 -57.31 -32.20
N CYS E 164 24.69 -58.14 -32.31
CA CYS E 164 25.54 -58.51 -31.19
C CYS E 164 26.97 -57.95 -31.20
N GLY E 165 27.37 -57.29 -32.29
CA GLY E 165 28.74 -56.84 -32.41
C GLY E 165 29.74 -57.84 -32.97
N ASP E 166 29.29 -59.06 -33.27
CA ASP E 166 30.11 -60.00 -34.03
C ASP E 166 29.76 -59.79 -35.51
N GLU E 167 30.70 -59.24 -36.26
CA GLU E 167 30.41 -58.76 -37.60
C GLU E 167 30.07 -59.87 -38.60
N GLU E 168 30.63 -61.05 -38.38
CA GLU E 168 30.38 -62.16 -39.29
C GLU E 168 28.91 -62.57 -39.20
N GLN E 169 28.44 -62.87 -37.99
CA GLN E 169 27.05 -63.22 -37.79
C GLN E 169 26.11 -62.05 -38.05
N ASP E 170 26.45 -60.87 -37.55
CA ASP E 170 25.66 -59.66 -37.75
C ASP E 170 25.37 -59.43 -39.23
N PHE E 171 26.41 -59.45 -40.03
CA PHE E 171 26.25 -59.16 -41.45
C PHE E 171 25.47 -60.26 -42.19
N GLU E 172 25.76 -61.52 -41.87
CA GLU E 172 25.04 -62.63 -42.50
C GLU E 172 23.52 -62.46 -42.31
N ARG E 173 23.09 -62.37 -41.05
CA ARG E 173 21.68 -62.16 -40.72
C ARG E 173 21.00 -61.06 -41.53
N LEU E 174 21.70 -59.95 -41.77
CA LEU E 174 21.04 -58.81 -42.39
C LEU E 174 20.90 -59.00 -43.88
N ARG E 175 21.84 -59.73 -44.47
CA ARG E 175 21.82 -60.00 -45.89
C ARG E 175 20.77 -61.04 -46.26
N ARG E 176 20.74 -62.12 -45.47
CA ARG E 176 19.69 -63.13 -45.60
C ARG E 176 18.31 -62.51 -45.45
N LEU E 177 18.17 -61.63 -44.46
CA LEU E 177 16.88 -61.02 -44.15
C LEU E 177 16.43 -60.05 -45.24
N HIS E 178 17.38 -59.33 -45.82
CA HIS E 178 17.06 -58.44 -46.92
C HIS E 178 16.45 -59.22 -48.07
N GLU E 179 17.08 -60.34 -48.38
CA GLU E 179 16.64 -61.32 -49.37
C GLU E 179 15.22 -61.86 -49.09
N THR E 180 15.02 -62.41 -47.90
CA THR E 180 13.74 -62.99 -47.51
C THR E 180 12.58 -62.00 -47.60
N LEU E 181 12.79 -60.75 -47.19
CA LEU E 181 11.81 -59.72 -47.42
C LEU E 181 11.91 -59.44 -48.91
N ALA E 182 10.83 -59.03 -49.54
CA ALA E 182 10.92 -58.76 -50.97
C ALA E 182 11.17 -57.28 -51.16
N GLY E 183 11.33 -56.58 -50.04
CA GLY E 183 11.09 -55.16 -50.00
C GLY E 183 9.74 -55.03 -49.32
N ARG E 184 9.33 -56.14 -48.69
CA ARG E 184 8.06 -56.22 -47.96
C ARG E 184 8.10 -55.41 -46.67
N ALA E 185 9.30 -55.26 -46.09
CA ALA E 185 9.48 -54.51 -44.85
C ALA E 185 10.83 -53.76 -44.78
N VAL E 186 10.83 -52.60 -44.14
CA VAL E 186 12.07 -51.88 -43.83
C VAL E 186 12.71 -52.38 -42.53
N VAL E 187 14.04 -52.32 -42.47
CA VAL E 187 14.78 -52.79 -41.30
C VAL E 187 15.55 -51.67 -40.56
N ARG E 188 15.48 -51.71 -39.23
CA ARG E 188 16.26 -50.86 -38.30
C ARG E 188 17.19 -51.74 -37.52
N VAL E 189 18.47 -51.40 -37.43
CA VAL E 189 19.31 -52.20 -36.54
C VAL E 189 19.55 -51.56 -35.17
N ASP E 190 20.10 -52.36 -34.25
CA ASP E 190 20.38 -51.95 -32.87
C ASP E 190 21.56 -52.72 -32.23
N PRO E 191 22.80 -52.30 -32.51
CA PRO E 191 23.95 -53.01 -31.93
C PRO E 191 24.01 -52.90 -30.40
N ASN E 192 23.23 -51.97 -29.85
CA ASN E 192 23.20 -51.77 -28.39
C ASN E 192 24.59 -51.67 -27.76
N GLN E 193 25.41 -50.78 -28.31
CA GLN E 193 26.73 -50.40 -27.75
C GLN E 193 27.90 -51.33 -28.11
N SER E 194 27.62 -52.39 -28.87
CA SER E 194 28.58 -53.46 -29.08
C SER E 194 29.64 -53.18 -30.16
N TYR E 195 29.41 -52.18 -30.98
CA TYR E 195 30.36 -51.87 -32.07
C TYR E 195 31.56 -50.99 -31.68
N ASP E 196 32.62 -51.10 -32.46
CA ASP E 196 33.74 -50.17 -32.34
C ASP E 196 33.83 -49.28 -33.57
N ARG E 197 34.88 -48.46 -33.62
CA ARG E 197 34.92 -47.39 -34.62
C ARG E 197 35.10 -47.89 -36.04
N ASP E 198 36.04 -48.81 -36.23
CA ASP E 198 36.28 -49.41 -37.53
C ASP E 198 35.07 -50.24 -37.95
N GLY E 199 34.61 -51.10 -37.04
CA GLY E 199 33.46 -51.95 -37.28
C GLY E 199 32.18 -51.22 -37.65
N LEU E 200 32.01 -49.99 -37.20
CA LEU E 200 30.79 -49.27 -37.48
C LEU E 200 30.80 -48.72 -38.88
N LEU E 201 31.99 -48.33 -39.35
CA LEU E 201 32.11 -47.83 -40.71
C LEU E 201 31.64 -48.91 -41.68
N ARG E 202 32.09 -50.14 -41.43
CA ARG E 202 31.66 -51.32 -42.19
C ARG E 202 30.14 -51.51 -42.13
N LEU E 203 29.61 -51.60 -40.92
CA LEU E 203 28.17 -51.75 -40.72
C LEU E 203 27.38 -50.66 -41.44
N ASP E 204 28.00 -49.50 -41.63
CA ASP E 204 27.33 -48.40 -42.32
C ASP E 204 27.32 -48.59 -43.83
N ARG E 205 28.40 -49.15 -44.37
CA ARG E 205 28.43 -49.51 -45.78
C ARG E 205 27.34 -50.54 -46.07
N LEU E 206 27.27 -51.57 -45.23
CA LEU E 206 26.25 -52.59 -45.37
C LEU E 206 24.83 -52.02 -45.28
N VAL E 207 24.62 -51.11 -44.33
CA VAL E 207 23.32 -50.45 -44.17
C VAL E 207 22.88 -49.67 -45.41
N GLN E 208 23.77 -48.86 -45.94
CA GLN E 208 23.49 -48.11 -47.16
C GLN E 208 23.20 -49.05 -48.33
N GLU E 209 23.94 -50.15 -48.41
CA GLU E 209 23.75 -51.16 -49.45
C GLU E 209 22.38 -51.81 -49.33
N LEU E 210 22.03 -52.23 -48.11
CA LEU E 210 20.81 -52.99 -47.86
C LEU E 210 19.55 -52.14 -47.64
N GLY E 211 19.68 -50.83 -47.76
CA GLY E 211 18.55 -49.94 -47.56
C GLY E 211 17.97 -49.95 -46.14
N ILE E 212 18.83 -50.23 -45.16
CA ILE E 212 18.43 -50.13 -43.75
C ILE E 212 18.22 -48.67 -43.32
N GLU E 213 17.17 -48.47 -42.52
CA GLU E 213 16.70 -47.14 -42.10
C GLU E 213 17.71 -46.33 -41.28
N PHE E 214 18.30 -46.97 -40.27
CA PHE E 214 19.24 -46.32 -39.37
C PHE E 214 19.81 -47.27 -38.32
N ILE E 215 20.92 -46.84 -37.71
CA ILE E 215 21.62 -47.62 -36.69
C ILE E 215 21.38 -47.01 -35.32
N GLU E 216 21.02 -47.84 -34.35
CA GLU E 216 20.70 -47.34 -33.03
C GLU E 216 21.79 -47.67 -32.03
N GLN E 217 22.39 -46.63 -31.44
CA GLN E 217 23.40 -46.75 -30.39
C GLN E 217 24.55 -47.73 -30.72
N PRO E 218 25.29 -47.46 -31.79
CA PRO E 218 26.44 -48.32 -32.13
C PRO E 218 27.49 -48.40 -31.02
N PHE E 219 27.63 -47.31 -30.28
CA PHE E 219 28.74 -47.14 -29.36
C PHE E 219 28.29 -47.05 -27.91
N PRO E 220 29.22 -47.32 -26.98
CA PRO E 220 29.00 -47.18 -25.54
C PRO E 220 28.43 -45.81 -25.21
N ALA E 221 27.51 -45.76 -24.26
CA ALA E 221 26.76 -44.53 -23.98
C ALA E 221 27.64 -43.29 -23.78
N GLY E 222 28.76 -43.45 -23.07
CA GLY E 222 29.62 -42.34 -22.75
C GLY E 222 30.63 -41.98 -23.82
N ARG E 223 30.53 -42.67 -24.95
CA ARG E 223 31.44 -42.48 -26.08
C ARG E 223 31.00 -41.47 -27.15
N THR E 224 30.08 -40.58 -26.79
CA THR E 224 29.57 -39.60 -27.74
C THR E 224 30.66 -38.89 -28.56
N ASP E 225 31.89 -38.80 -28.07
CA ASP E 225 32.94 -38.23 -28.90
C ASP E 225 33.17 -39.02 -30.18
N TRP E 226 33.11 -40.35 -30.07
CA TRP E 226 33.22 -41.23 -31.22
C TRP E 226 32.15 -40.94 -32.25
N LEU E 227 30.97 -40.51 -31.79
CA LEU E 227 29.89 -40.16 -32.70
C LEU E 227 30.22 -38.91 -33.48
N ARG E 228 30.76 -37.91 -32.81
CA ARG E 228 31.04 -36.63 -33.45
C ARG E 228 32.22 -36.74 -34.39
N ALA E 229 33.03 -37.77 -34.19
CA ALA E 229 34.22 -37.97 -35.00
C ALA E 229 33.87 -38.60 -36.35
N LEU E 230 32.60 -38.98 -36.50
CA LEU E 230 32.08 -39.56 -37.72
C LEU E 230 31.68 -38.48 -38.72
N PRO E 231 31.72 -38.79 -40.03
CA PRO E 231 31.27 -37.80 -41.03
C PRO E 231 29.80 -37.50 -40.81
N LYS E 232 29.36 -36.30 -41.21
CA LYS E 232 28.02 -35.84 -40.87
C LYS E 232 26.90 -36.73 -41.42
N ALA E 233 27.11 -37.25 -42.62
CA ALA E 233 26.08 -38.06 -43.30
C ALA E 233 25.78 -39.35 -42.56
N ILE E 234 26.83 -40.02 -42.08
CA ILE E 234 26.70 -41.21 -41.24
C ILE E 234 26.05 -40.88 -39.89
N ARG E 235 26.42 -39.74 -39.32
CA ARG E 235 25.82 -39.27 -38.07
C ARG E 235 24.30 -39.07 -38.19
N ARG E 236 23.82 -38.78 -39.39
CA ARG E 236 22.41 -38.49 -39.61
C ARG E 236 21.56 -39.76 -39.58
N ARG E 237 22.18 -40.90 -39.88
CA ARG E 237 21.49 -42.20 -39.76
C ARG E 237 21.77 -42.94 -38.45
N ILE E 238 22.42 -42.30 -37.49
CA ILE E 238 22.56 -42.87 -36.15
C ILE E 238 21.55 -42.30 -35.16
N ALA E 239 20.95 -43.19 -34.38
CA ALA E 239 20.03 -42.77 -33.31
C ALA E 239 20.66 -42.98 -31.93
N ALA E 240 20.35 -42.08 -30.99
CA ALA E 240 20.87 -42.24 -29.65
C ALA E 240 19.78 -42.76 -28.74
N ASP E 241 20.15 -43.71 -27.89
CA ASP E 241 19.21 -44.31 -26.94
C ASP E 241 19.77 -44.30 -25.52
N GLU E 242 20.75 -45.16 -25.26
CA GLU E 242 21.37 -45.21 -23.93
C GLU E 242 22.15 -43.94 -23.65
N SER E 243 22.49 -43.23 -24.71
CA SER E 243 23.18 -41.96 -24.60
C SER E 243 22.22 -40.83 -24.24
N LEU E 244 20.92 -41.11 -24.29
CA LEU E 244 19.94 -40.06 -24.04
C LEU E 244 18.88 -40.36 -22.99
N LEU E 245 18.97 -39.70 -21.84
CA LEU E 245 18.01 -39.92 -20.77
C LEU E 245 16.99 -38.78 -20.69
N GLY E 246 17.43 -37.61 -20.24
CA GLY E 246 16.58 -36.42 -20.21
C GLY E 246 17.02 -35.32 -21.17
N PRO E 247 16.45 -34.12 -21.00
CA PRO E 247 16.73 -32.95 -21.84
C PRO E 247 18.19 -32.49 -21.77
N ALA E 248 18.85 -32.70 -20.62
CA ALA E 248 20.26 -32.30 -20.51
C ALA E 248 21.10 -33.06 -21.54
N ASP E 249 20.92 -34.38 -21.59
CA ASP E 249 21.55 -35.20 -22.63
C ASP E 249 21.12 -34.75 -24.03
N ALA E 250 19.84 -34.49 -24.21
CA ALA E 250 19.34 -34.05 -25.50
C ALA E 250 20.10 -32.82 -25.99
N PHE E 251 20.14 -31.79 -25.17
CA PHE E 251 20.87 -30.57 -25.54
C PHE E 251 22.33 -30.89 -25.85
N ALA E 252 22.97 -31.69 -25.02
CA ALA E 252 24.39 -31.98 -25.22
C ALA E 252 24.66 -32.68 -26.57
N LEU E 253 23.74 -33.54 -27.00
CA LEU E 253 23.91 -34.29 -28.24
C LEU E 253 23.56 -33.43 -29.45
N ALA E 254 22.62 -32.52 -29.27
CA ALA E 254 22.17 -31.66 -30.37
C ALA E 254 23.09 -30.48 -30.64
N ALA E 255 23.85 -30.08 -29.63
CA ALA E 255 24.71 -28.92 -29.74
C ALA E 255 25.82 -29.16 -30.77
N PRO E 256 25.97 -28.23 -31.71
CA PRO E 256 26.95 -28.31 -32.79
C PRO E 256 28.35 -28.60 -32.28
N PRO E 257 29.09 -29.52 -32.93
CA PRO E 257 28.60 -30.40 -34.00
C PRO E 257 27.72 -31.49 -33.39
N ALA E 258 26.54 -31.73 -33.95
CA ALA E 258 25.60 -32.68 -33.34
C ALA E 258 26.12 -34.11 -33.42
N ALA E 259 25.80 -34.90 -32.41
CA ALA E 259 26.30 -36.26 -32.31
C ALA E 259 25.52 -37.26 -33.16
N CYS E 260 24.28 -36.93 -33.51
CA CYS E 260 23.43 -37.85 -34.27
C CYS E 260 22.16 -37.22 -34.85
N GLY E 261 21.41 -38.00 -35.60
CA GLY E 261 20.24 -37.48 -36.30
C GLY E 261 18.89 -37.89 -35.73
N ILE E 262 18.91 -38.81 -34.78
CA ILE E 262 17.66 -39.36 -34.25
C ILE E 262 17.73 -39.58 -32.73
N PHE E 263 16.72 -39.12 -32.01
CA PHE E 263 16.64 -39.39 -30.57
C PHE E 263 15.62 -40.48 -30.29
N ASN E 264 15.99 -41.44 -29.45
CA ASN E 264 15.01 -42.39 -28.99
C ASN E 264 14.53 -42.02 -27.59
N ILE E 265 13.34 -41.46 -27.53
CA ILE E 265 12.73 -41.05 -26.28
C ILE E 265 11.97 -42.21 -25.69
N LYS E 266 12.26 -42.54 -24.43
CA LYS E 266 11.47 -43.51 -23.70
C LYS E 266 11.06 -42.95 -22.36
N LEU E 267 9.76 -42.99 -22.06
CA LEU E 267 9.25 -42.45 -20.81
C LEU E 267 9.99 -42.98 -19.59
N MET E 268 10.39 -44.25 -19.62
CA MET E 268 11.06 -44.85 -18.48
C MET E 268 12.49 -44.32 -18.30
N LYS E 269 13.01 -43.65 -19.35
CA LYS E 269 14.32 -42.99 -19.28
C LYS E 269 14.20 -41.56 -18.78
N CYS E 270 13.46 -40.74 -19.52
CA CYS E 270 13.32 -39.32 -19.19
C CYS E 270 12.48 -39.05 -17.95
N GLY E 271 11.57 -39.97 -17.61
CA GLY E 271 10.76 -39.83 -16.42
C GLY E 271 9.42 -39.11 -16.57
N GLY E 272 8.84 -39.10 -17.78
CA GLY E 272 7.49 -38.61 -17.94
C GLY E 272 7.21 -37.92 -19.26
N LEU E 273 5.97 -37.50 -19.46
CA LEU E 273 5.61 -36.83 -20.69
C LEU E 273 6.15 -35.41 -20.63
N ALA E 274 6.28 -34.89 -19.42
CA ALA E 274 6.79 -33.52 -19.25
C ALA E 274 8.27 -33.38 -19.65
N PRO E 275 9.15 -34.23 -19.11
CA PRO E 275 10.50 -34.20 -19.67
C PRO E 275 10.55 -34.60 -21.15
N ALA E 276 9.76 -35.58 -21.55
CA ALA E 276 9.73 -36.01 -22.94
C ALA E 276 9.48 -34.82 -23.86
N ARG E 277 8.53 -33.99 -23.49
CA ARG E 277 8.22 -32.82 -24.31
C ARG E 277 9.37 -31.82 -24.38
N ARG E 278 10.13 -31.69 -23.29
CA ARG E 278 11.27 -30.79 -23.28
C ARG E 278 12.30 -31.29 -24.30
N ILE E 279 12.51 -32.60 -24.34
CA ILE E 279 13.42 -33.18 -25.33
C ILE E 279 12.96 -32.88 -26.75
N ALA E 280 11.64 -32.99 -26.96
CA ALA E 280 11.05 -32.77 -28.28
C ALA E 280 11.35 -31.37 -28.82
N THR E 281 11.24 -30.37 -27.96
CA THR E 281 11.50 -28.98 -28.34
C THR E 281 12.94 -28.79 -28.77
N ILE E 282 13.84 -29.46 -28.06
CA ILE E 282 15.24 -29.32 -28.35
C ILE E 282 15.52 -30.00 -29.67
N ALA E 283 15.03 -31.23 -29.80
CA ALA E 283 15.22 -32.00 -31.03
C ALA E 283 14.71 -31.26 -32.28
N GLU E 284 13.50 -30.73 -32.19
CA GLU E 284 12.90 -30.04 -33.32
C GLU E 284 13.71 -28.83 -33.75
N THR E 285 14.09 -28.02 -32.77
CA THR E 285 14.82 -26.80 -33.07
C THR E 285 16.15 -27.16 -33.72
N ALA E 286 16.75 -28.25 -33.24
CA ALA E 286 18.03 -28.72 -33.71
C ALA E 286 17.93 -29.50 -35.02
N GLY E 287 16.69 -29.78 -35.44
CA GLY E 287 16.46 -30.53 -36.67
C GLY E 287 16.78 -32.01 -36.54
N ILE E 288 16.45 -32.57 -35.39
CA ILE E 288 16.72 -33.96 -35.09
C ILE E 288 15.40 -34.71 -35.07
N ASP E 289 15.37 -35.93 -35.58
CA ASP E 289 14.10 -36.67 -35.66
C ASP E 289 13.81 -37.46 -34.38
N LEU E 290 12.56 -37.45 -33.96
CA LEU E 290 12.11 -38.25 -32.81
C LEU E 290 11.77 -39.72 -33.12
N MET E 291 12.28 -40.62 -32.29
CA MET E 291 11.83 -42.01 -32.26
C MET E 291 11.27 -42.27 -30.88
N TRP E 292 10.07 -42.83 -30.80
CA TRP E 292 9.52 -43.15 -29.48
C TRP E 292 9.62 -44.64 -29.21
N GLY E 293 10.44 -45.01 -28.24
CA GLY E 293 10.71 -46.40 -27.91
C GLY E 293 10.08 -46.84 -26.62
N CYS E 294 10.52 -47.99 -26.11
CA CYS E 294 9.97 -48.49 -24.87
C CYS E 294 10.79 -49.65 -24.32
N MET E 295 10.40 -50.10 -23.13
CA MET E 295 10.86 -51.35 -22.57
C MET E 295 9.70 -52.33 -22.72
N ASP E 296 9.83 -53.53 -22.18
CA ASP E 296 8.67 -54.40 -22.10
C ASP E 296 7.74 -53.79 -21.06
N GLU E 297 6.53 -53.44 -21.50
CA GLU E 297 5.66 -52.61 -20.68
C GLU E 297 4.22 -52.94 -20.92
N SER E 298 3.40 -52.67 -19.91
CA SER E 298 1.95 -52.76 -20.04
C SER E 298 1.43 -51.84 -21.14
N ARG E 299 0.30 -52.20 -21.73
CA ARG E 299 -0.33 -51.35 -22.72
C ARG E 299 -0.50 -49.92 -22.19
N ILE E 300 -0.62 -49.78 -20.87
CA ILE E 300 -0.82 -48.47 -20.24
C ILE E 300 0.26 -47.45 -20.60
N SER E 301 1.52 -47.79 -20.34
CA SER E 301 2.62 -46.87 -20.63
C SER E 301 2.92 -46.79 -22.12
N ILE E 302 2.64 -47.85 -22.86
CA ILE E 302 2.74 -47.80 -24.32
C ILE E 302 1.75 -46.79 -24.88
N ALA E 303 0.55 -46.76 -24.31
CA ALA E 303 -0.48 -45.85 -24.78
C ALA E 303 -0.09 -44.42 -24.45
N ALA E 304 0.49 -44.24 -23.27
CA ALA E 304 0.97 -42.92 -22.86
C ALA E 304 2.05 -42.43 -23.82
N ALA E 305 3.05 -43.27 -24.09
CA ALA E 305 4.08 -42.91 -25.05
C ALA E 305 3.46 -42.51 -26.38
N LEU E 306 2.53 -43.32 -26.88
CA LEU E 306 1.97 -43.07 -28.20
C LEU E 306 1.25 -41.73 -28.28
N HIS E 307 0.41 -41.44 -27.28
CA HIS E 307 -0.31 -40.18 -27.24
C HIS E 307 0.68 -39.03 -27.38
N ALA E 308 1.67 -39.00 -26.49
CA ALA E 308 2.75 -38.01 -26.58
C ALA E 308 3.35 -37.94 -27.99
N ALA E 309 3.66 -39.10 -28.55
CA ALA E 309 4.37 -39.19 -29.84
C ALA E 309 3.54 -38.60 -30.96
N LEU E 310 2.24 -38.87 -30.96
CA LEU E 310 1.34 -38.38 -31.99
C LEU E 310 1.06 -36.89 -31.83
N ALA E 311 1.52 -36.33 -30.71
CA ALA E 311 1.36 -34.90 -30.49
C ALA E 311 2.60 -34.08 -30.86
N CYS E 312 3.68 -34.75 -31.25
CA CYS E 312 4.96 -34.07 -31.53
C CYS E 312 5.33 -34.06 -33.00
N PRO E 313 5.34 -32.86 -33.61
CA PRO E 313 5.67 -32.69 -35.01
C PRO E 313 6.96 -33.39 -35.41
N ALA E 314 7.97 -33.36 -34.55
CA ALA E 314 9.26 -33.92 -34.93
C ALA E 314 9.29 -35.44 -34.86
N THR E 315 8.20 -36.04 -34.38
CA THR E 315 8.07 -37.50 -34.41
C THR E 315 8.14 -38.04 -35.83
N ARG E 316 8.89 -39.12 -35.97
CA ARG E 316 9.18 -39.75 -37.24
C ARG E 316 8.97 -41.26 -37.17
N TYR E 317 9.59 -41.87 -36.17
CA TYR E 317 9.51 -43.31 -35.97
C TYR E 317 8.82 -43.74 -34.65
N LEU E 318 8.17 -44.91 -34.65
CA LEU E 318 7.74 -45.54 -33.40
C LEU E 318 8.37 -46.93 -33.26
N ASP E 319 8.99 -47.21 -32.12
CA ASP E 319 9.22 -48.60 -31.75
C ASP E 319 8.43 -48.84 -30.47
N LEU E 320 7.15 -49.14 -30.66
CA LEU E 320 6.17 -49.22 -29.58
C LEU E 320 5.68 -50.61 -29.14
N ASP E 321 6.45 -51.64 -29.52
CA ASP E 321 6.02 -53.04 -29.46
C ASP E 321 6.12 -53.71 -28.07
N GLY E 322 6.46 -52.93 -27.06
CA GLY E 322 6.71 -53.48 -25.73
C GLY E 322 5.62 -54.28 -25.05
N SER E 323 4.36 -54.01 -25.38
CA SER E 323 3.25 -54.73 -24.75
C SER E 323 2.76 -55.98 -25.51
N PHE E 324 3.22 -56.14 -26.76
CA PHE E 324 2.76 -57.23 -27.61
C PHE E 324 3.00 -58.65 -27.07
N ASP E 325 4.19 -58.88 -26.53
CA ASP E 325 4.58 -60.24 -26.12
C ASP E 325 4.20 -60.55 -24.67
N LEU E 326 3.47 -59.63 -24.04
CA LEU E 326 2.93 -59.86 -22.71
C LEU E 326 1.88 -60.96 -22.75
N ALA E 327 2.05 -61.96 -21.88
CA ALA E 327 1.07 -63.04 -21.75
C ALA E 327 -0.28 -62.49 -21.30
N ARG E 328 -0.23 -61.62 -20.29
CA ARG E 328 -1.43 -61.02 -19.73
C ARG E 328 -1.17 -59.54 -19.48
N ASP E 329 -2.23 -58.76 -19.41
CA ASP E 329 -2.08 -57.36 -19.05
C ASP E 329 -3.07 -57.02 -17.94
N VAL E 330 -2.98 -55.80 -17.42
CA VAL E 330 -3.98 -55.31 -16.47
C VAL E 330 -5.00 -54.36 -17.09
N ALA E 331 -4.85 -54.06 -18.37
CA ALA E 331 -5.81 -53.20 -19.02
C ALA E 331 -5.85 -53.39 -20.54
N GLU E 332 -6.90 -52.86 -21.16
CA GLU E 332 -7.06 -52.95 -22.60
C GLU E 332 -7.22 -51.59 -23.23
N GLY E 333 -7.27 -51.59 -24.56
CA GLY E 333 -7.47 -50.38 -25.32
C GLY E 333 -6.29 -49.43 -25.29
N GLY E 334 -6.61 -48.14 -25.41
CA GLY E 334 -5.67 -47.04 -25.34
C GLY E 334 -5.01 -46.82 -26.69
N PHE E 335 -4.81 -47.91 -27.43
CA PHE E 335 -4.28 -47.81 -28.78
C PHE E 335 -4.86 -48.93 -29.65
N ILE E 336 -4.74 -48.75 -30.96
CA ILE E 336 -5.29 -49.68 -31.91
C ILE E 336 -4.18 -50.11 -32.87
N LEU E 337 -3.84 -51.39 -32.85
CA LEU E 337 -2.88 -51.90 -33.82
C LEU E 337 -3.65 -52.40 -35.03
N GLU E 338 -3.51 -51.69 -36.16
CA GLU E 338 -4.09 -52.12 -37.42
C GLU E 338 -3.13 -51.96 -38.61
N ASP E 339 -2.70 -53.09 -39.17
CA ASP E 339 -1.80 -53.08 -40.33
C ASP E 339 -0.41 -52.55 -40.01
N GLY E 340 0.09 -52.93 -38.83
CA GLY E 340 1.38 -52.48 -38.36
C GLY E 340 1.42 -51.01 -37.98
N ARG E 341 0.25 -50.41 -37.82
CA ARG E 341 0.19 -49.00 -37.47
C ARG E 341 -0.48 -48.76 -36.11
N LEU E 342 0.03 -47.76 -35.38
CA LEU E 342 -0.56 -47.43 -34.10
C LEU E 342 -1.40 -46.15 -34.20
N ARG E 343 -2.54 -46.19 -33.52
CA ARG E 343 -3.55 -45.16 -33.61
C ARG E 343 -4.15 -45.04 -32.20
N VAL E 344 -4.77 -43.91 -31.89
CA VAL E 344 -5.46 -43.78 -30.61
C VAL E 344 -6.97 -43.76 -30.80
N THR E 345 -7.70 -44.21 -29.78
CA THR E 345 -9.16 -44.18 -29.82
C THR E 345 -9.74 -42.77 -29.66
N GLU E 346 -11.07 -42.68 -29.67
CA GLU E 346 -11.75 -41.39 -29.53
C GLU E 346 -12.23 -41.15 -28.10
N ARG E 347 -11.97 -42.13 -27.24
CA ARG E 347 -12.30 -42.02 -25.82
C ARG E 347 -11.46 -40.95 -25.12
N PRO E 348 -12.04 -40.26 -24.12
CA PRO E 348 -11.27 -39.19 -23.47
C PRO E 348 -10.12 -39.75 -22.63
N GLY E 349 -9.07 -38.95 -22.49
CA GLY E 349 -7.89 -39.34 -21.73
C GLY E 349 -6.92 -40.21 -22.51
N LEU E 350 -6.34 -41.18 -21.82
CA LEU E 350 -5.49 -42.16 -22.45
C LEU E 350 -6.32 -43.14 -23.25
N GLY E 351 -7.63 -43.17 -23.00
CA GLY E 351 -8.52 -44.08 -23.70
C GLY E 351 -8.32 -45.52 -23.28
N LEU E 352 -7.88 -45.71 -22.04
CA LEU E 352 -7.78 -47.04 -21.46
C LEU E 352 -9.10 -47.57 -20.88
N VAL E 353 -9.21 -48.91 -20.82
CA VAL E 353 -10.37 -49.62 -20.26
C VAL E 353 -9.95 -50.67 -19.23
N TYR E 354 -10.68 -50.78 -18.13
CA TYR E 354 -10.11 -51.35 -16.90
C TYR E 354 -11.12 -52.13 -16.05
S SO4 F . -13.05 20.48 42.76
O1 SO4 F . -14.38 20.68 43.33
O2 SO4 F . -12.95 21.18 41.50
O3 SO4 F . -12.05 20.95 43.70
O4 SO4 F . -12.78 19.07 42.49
S SO4 G . -8.05 17.95 13.37
O1 SO4 G . -8.42 18.39 14.72
O2 SO4 G . -8.76 18.77 12.38
O3 SO4 G . -6.60 18.13 13.17
O4 SO4 G . -8.39 16.53 13.26
S SO4 H . -7.99 19.14 40.08
O1 SO4 H . -9.29 19.75 40.40
O2 SO4 H . -7.97 18.74 38.67
O3 SO4 H . -6.98 20.16 40.30
O4 SO4 H . -7.75 17.99 40.96
S SO4 I . -10.65 5.44 9.00
O1 SO4 I . -11.96 5.74 9.63
O2 SO4 I . -10.38 6.43 7.95
O3 SO4 I . -9.62 5.50 10.05
O4 SO4 I . -10.65 4.10 8.38
S SO4 J . -11.66 3.20 -6.41
O1 SO4 J . -12.43 4.35 -5.93
O2 SO4 J . -10.77 3.68 -7.49
O3 SO4 J . -10.86 2.63 -5.31
O4 SO4 J . -12.55 2.15 -6.91
S SO4 K . -3.31 25.14 26.77
O1 SO4 K . -4.75 24.93 26.55
O2 SO4 K . -2.83 26.14 25.79
O3 SO4 K . -3.07 25.58 28.15
O4 SO4 K . -2.67 23.85 26.55
N ARG L . -27.68 27.93 16.34
CA ARG L . -26.43 28.68 16.28
C ARG L . -26.44 29.62 17.46
O ARG L . -27.51 29.87 17.98
CB ARG L . -26.36 29.47 14.99
CG ARG L . -27.61 29.40 14.14
CD ARG L . -28.66 30.36 14.64
NE ARG L . -29.45 30.84 13.52
CZ ARG L . -30.35 31.83 13.60
NH1 ARG L . -30.58 32.43 14.75
NH2 ARG L . -31.02 32.20 12.51
N DLY M . -25.29 30.15 17.91
CA DLY M . -23.93 29.91 17.37
C DLY M . -22.91 29.70 18.49
O DLY M . -23.08 28.80 19.35
CB DLY M . -23.50 31.18 16.60
CG DLY M . -23.66 31.10 15.07
CD DLY M . -22.47 31.72 14.35
CE DLY M . -21.14 31.14 14.83
NZ DLY M . -20.08 32.13 14.74
OXT DLY M . -21.89 30.45 18.53
MG MG N . -20.75 29.43 21.36
OH2 1PE O . -7.28 26.78 12.26
C12 1PE O . -6.72 27.75 11.36
C22 1PE O . -7.23 29.16 11.69
OH3 1PE O . -7.83 29.17 13.00
C13 1PE O . -8.69 31.33 12.40
C23 1PE O . -8.99 30.00 13.09
OH4 1PE O . -9.03 32.46 13.21
C14 1PE O . -8.10 34.57 13.88
C24 1PE O . -8.33 33.60 12.74
OH5 1PE O . -6.72 34.48 14.25
C15 1PE O . -7.23 34.51 16.63
C25 1PE O . -6.46 35.16 15.48
OH6 1PE O . -7.35 35.42 17.72
C16 1PE O . -8.73 37.24 18.56
C26 1PE O . -8.69 35.86 17.90
OH7 1PE O . -9.84 38.02 18.08
S SO4 P . -3.63 38.94 26.96
O1 SO4 P . -4.94 38.28 27.16
O2 SO4 P . -3.59 39.47 25.60
O3 SO4 P . -3.40 39.99 27.96
O4 SO4 P . -2.59 37.93 27.12
S SO4 Q . -4.43 62.80 34.09
O1 SO4 Q . -5.79 63.20 33.73
O2 SO4 Q . -3.83 62.14 32.93
O3 SO4 Q . -3.64 63.99 34.47
O4 SO4 Q . -4.48 61.85 35.22
S SO4 R . 0.55 48.15 35.93
O1 SO4 R . -0.63 48.45 35.13
O2 SO4 R . 1.75 48.12 35.05
O3 SO4 R . 0.65 49.17 36.99
O4 SO4 R . 0.39 46.82 36.54
S SO4 S . 33.66 36.36 16.21
O1 SO4 S . 32.71 37.47 16.02
O2 SO4 S . 34.05 35.78 14.92
O3 SO4 S . 34.86 36.87 16.86
O4 SO4 S . 33.04 35.32 17.05
N ARG T . 11.22 38.93 10.37
CA ARG T . 9.91 38.29 10.18
C ARG T . 10.18 36.86 9.77
O ARG T . 11.22 36.61 9.17
CB ARG T . 9.14 39.01 9.07
CG ARG T . 9.82 40.23 8.52
CD ARG T . 10.91 39.86 7.53
NE ARG T . 10.69 40.55 6.26
CZ ARG T . 11.57 40.56 5.26
NH1 ARG T . 12.74 39.93 5.40
NH2 ARG T . 11.30 41.20 4.14
N DLY U . 9.29 35.92 10.10
CA DLY U . 8.09 36.13 10.98
C DLY U . 7.60 34.78 11.56
O DLY U . 8.33 34.17 12.39
CB DLY U . 6.98 36.91 10.25
CG DLY U . 6.61 36.33 8.87
CD DLY U . 6.54 37.38 7.74
CE DLY U . 5.54 38.52 7.98
NZ DLY U . 4.20 38.00 8.21
OXT DLY U . 6.49 34.30 11.20
MG MG V . 6.75 31.56 12.99
S SO4 W . -13.99 -0.57 27.40
O1 SO4 W . -14.72 -0.29 28.64
O2 SO4 W . -14.74 -0.10 26.23
O3 SO4 W . -12.70 0.11 27.38
O4 SO4 W . -13.80 -2.02 27.28
S SO4 X . -21.55 4.15 17.08
O1 SO4 X . -22.16 4.87 15.96
O2 SO4 X . -20.31 3.46 16.66
O3 SO4 X . -21.15 5.17 18.08
O4 SO4 X . -22.56 3.23 17.62
S SO4 Y . -33.88 -4.11 12.97
O1 SO4 Y . -34.75 -4.66 14.02
O2 SO4 Y . -34.49 -4.31 11.64
O3 SO4 Y . -33.68 -2.67 13.19
O4 SO4 Y . -32.59 -4.82 13.02
S SO4 Z . -3.51 4.77 36.32
O1 SO4 Z . -4.18 5.78 35.50
O2 SO4 Z . -2.98 3.71 35.46
O3 SO4 Z . -2.44 5.37 37.09
O4 SO4 Z . -4.48 4.15 37.22
N ARG AA . 1.51 -13.82 18.43
CA ARG AA . 1.37 -13.96 19.87
C ARG AA . 2.65 -13.47 20.49
O ARG AA . 3.70 -13.59 19.85
CB ARG AA . 1.19 -15.42 20.25
CG ARG AA . 0.12 -16.15 19.50
CD ARG AA . 0.68 -16.68 18.19
NE ARG AA . 1.05 -18.09 18.24
CZ ARG AA . 2.28 -18.54 18.46
NH1 ARG AA . 3.26 -17.67 18.66
NH2 ARG AA . 2.53 -19.84 18.48
N DLY BA . 2.61 -12.88 21.68
CA DLY BA . 1.36 -12.39 22.36
C DLY BA . 1.72 -11.27 23.36
O DLY BA . 2.36 -10.26 22.94
CB DLY BA . 0.50 -13.50 22.98
CG DLY BA . 1.25 -14.82 23.22
CD DLY BA . 0.43 -15.85 24.01
CE DLY BA . -1.07 -15.80 23.72
NZ DLY BA . -1.83 -15.79 24.96
OXT DLY BA . 1.38 -11.37 24.58
MG MG CA . 2.91 -8.67 25.55
OH2 1PE DA . -0.49 -11.07 39.37
C12 1PE DA . -1.69 -10.76 38.66
C22 1PE DA . -2.64 -9.97 39.56
OH3 1PE DA . -3.90 -9.84 38.90
C13 1PE DA . -6.19 -9.76 39.59
C23 1PE DA . -4.84 -9.05 39.61
OH4 1PE DA . -6.13 -10.82 38.64
C14 1PE DA . -7.37 -10.41 36.70
C24 1PE DA . -7.41 -11.08 38.07
OH5 1PE DA . -7.85 -11.25 35.65
C15 1PE DA . -9.16 -9.49 34.66
C25 1PE DA . -7.99 -10.46 34.47
OH6 1PE DA . -9.12 -8.47 33.64
C16 1PE DA . -11.37 -7.94 34.35
C26 1PE DA . -10.01 -7.39 33.92
OH7 1PE DA . -12.41 -7.14 33.79
S SO4 EA . 11.84 -19.50 -34.89
O1 SO4 EA . 11.06 -18.26 -34.96
O2 SO4 EA . 12.35 -19.80 -36.24
O3 SO4 EA . 12.98 -19.30 -33.98
O4 SO4 EA . 11.05 -20.62 -34.36
S SO4 FA . 3.54 -28.64 -29.40
O1 SO4 FA . 3.44 -28.69 -27.94
O2 SO4 FA . 3.44 -27.24 -29.83
O3 SO4 FA . 4.84 -29.20 -29.78
O4 SO4 FA . 2.46 -29.42 -30.05
S SO4 GA . -11.24 -29.15 -34.21
O1 SO4 GA . -12.46 -29.00 -33.42
O2 SO4 GA . -11.57 -29.42 -35.60
O3 SO4 GA . -10.46 -27.91 -34.14
O4 SO4 GA . -10.46 -30.26 -33.66
S SO4 HA . 37.50 -17.46 -19.82
O1 SO4 HA . 36.89 -18.78 -19.61
O2 SO4 HA . 38.76 -17.62 -20.54
O3 SO4 HA . 36.59 -16.65 -20.61
O4 SO4 HA . 37.75 -16.83 -18.54
S SO4 IA . 36.31 -20.91 -24.75
O1 SO4 IA . 36.02 -21.74 -25.91
O2 SO4 IA . 37.31 -19.90 -25.10
O3 SO4 IA . 35.08 -20.24 -24.32
O4 SO4 IA . 36.82 -21.76 -23.66
S SO4 JA . 25.22 -17.49 -34.93
O1 SO4 JA . 23.86 -16.98 -34.68
O2 SO4 JA . 25.78 -16.78 -36.08
O3 SO4 JA . 26.07 -17.24 -33.77
O4 SO4 JA . 25.20 -18.93 -35.16
N ARG KA . 10.91 -1.78 -21.60
CA ARG KA . 11.31 -1.42 -22.97
C ARG KA . 12.73 -0.87 -22.97
O ARG KA . 13.08 -0.11 -22.07
CB ARG KA . 10.37 -0.34 -23.50
CG ARG KA . 9.12 -0.14 -22.67
CD ARG KA . 9.19 1.11 -21.82
NE ARG KA . 8.47 2.23 -22.42
CZ ARG KA . 8.12 3.35 -21.79
NH1 ARG KA . 8.43 3.52 -20.51
NH2 ARG KA . 7.46 4.31 -22.43
N DLY LA . 13.57 -1.26 -23.92
CA DLY LA . 13.35 -2.34 -24.93
C DLY LA . 14.67 -3.10 -25.06
O DLY LA . 14.86 -4.13 -24.34
CB DLY LA . 13.01 -1.75 -26.32
CG DLY LA . 11.58 -1.23 -26.43
CD DLY LA . 11.40 -0.27 -27.62
CE DLY LA . 11.94 -0.88 -28.92
NZ DLY LA . 11.74 0.04 -30.03
OXT DLY LA . 15.56 -2.67 -25.85
MG MG MA . 18.14 -3.88 -25.79
OH2 1PE NA . 10.76 -9.99 -42.73
C12 1PE NA . 11.29 -10.79 -41.68
C22 1PE NA . 12.81 -10.87 -41.81
OH3 1PE NA . 13.47 -9.67 -41.40
C13 1PE NA . 15.84 -9.34 -41.04
C23 1PE NA . 14.73 -9.58 -42.04
OH4 1PE NA . 16.26 -7.98 -41.18
C14 1PE NA . 16.23 -6.15 -42.88
C24 1PE NA . 16.18 -7.65 -42.58
OH5 1PE NA . 17.50 -5.63 -42.50
C15 1PE NA . 19.79 -6.42 -42.52
C25 1PE NA . 18.36 -6.68 -42.08
OH6 1PE NA . 20.45 -5.47 -41.69
C16 1PE NA . 21.73 -3.47 -41.80
C26 1PE NA . 21.55 -4.88 -42.36
OH7 1PE NA . 22.35 -3.53 -40.50
S SO4 OA . 17.61 -34.04 -16.96
O1 SO4 OA . 17.21 -32.67 -17.31
O2 SO4 OA . 18.18 -34.66 -18.15
O3 SO4 OA . 18.63 -34.03 -15.92
O4 SO4 OA . 16.43 -34.77 -16.47
S SO4 PA . 31.71 -34.16 -43.35
O1 SO4 PA . 31.39 -35.01 -44.49
O2 SO4 PA . 32.88 -33.36 -43.63
O3 SO4 PA . 30.58 -33.29 -43.05
O4 SO4 PA . 31.97 -35.01 -42.18
S SO4 QA . 7.12 -25.58 -16.87
O1 SO4 QA . 6.21 -24.44 -16.72
O2 SO4 QA . 6.68 -26.46 -17.96
O3 SO4 QA . 8.47 -25.10 -17.21
O4 SO4 QA . 7.16 -26.28 -15.58
S SO4 RA . -2.92 -26.89 -5.19
O1 SO4 RA . -4.32 -26.57 -5.44
O2 SO4 RA . -2.55 -28.15 -5.84
O3 SO4 RA . -2.08 -25.80 -5.71
O4 SO4 RA . -2.72 -27.03 -3.75
S SO4 SA . 32.73 -30.67 -38.41
O1 SO4 SA . 33.04 -29.84 -37.25
O2 SO4 SA . 32.37 -29.78 -39.53
O3 SO4 SA . 33.91 -31.45 -38.77
O4 SO4 SA . 31.61 -31.55 -38.09
N ARG TA . 11.23 -52.15 -28.07
CA ARG TA . 12.41 -52.48 -27.29
C ARG TA . 13.55 -52.95 -28.18
O ARG TA . 13.31 -53.63 -29.18
CB ARG TA . 12.08 -53.55 -26.24
CG ARG TA . 10.71 -54.21 -26.37
CD ARG TA . 10.66 -55.30 -27.44
NE ARG TA . 9.47 -56.14 -27.30
CZ ARG TA . 9.48 -57.41 -26.87
NH1 ARG TA . 10.62 -58.00 -26.56
NH2 ARG TA . 8.33 -58.07 -26.77
N DLY UA . 14.79 -52.57 -27.87
CA DLY UA . 15.13 -51.54 -26.84
C DLY UA . 16.39 -50.81 -27.26
O DLY UA . 16.26 -49.76 -27.95
CB DLY UA . 15.27 -52.11 -25.41
CG DLY UA . 15.41 -53.63 -25.31
CD DLY UA . 14.48 -54.22 -24.24
CE DLY UA . 14.72 -53.67 -22.83
NZ DLY UA . 16.13 -53.70 -22.47
OXT DLY UA . 17.52 -51.28 -26.94
MG MG VA . 19.15 -49.26 -28.14
OH2 1PE WA . 23.62 -41.75 -12.33
C12 1PE WA . 24.78 -42.54 -12.62
C22 1PE WA . 24.35 -43.94 -13.04
OH3 1PE WA . 24.04 -44.73 -11.90
C13 1PE WA . 24.73 -47.09 -12.14
C23 1PE WA . 23.61 -46.05 -12.26
OH4 1PE WA . 25.69 -46.88 -13.20
C14 1PE WA . 28.05 -47.18 -13.55
C24 1PE WA . 26.72 -47.87 -13.31
OH5 1PE WA . 28.81 -47.72 -14.65
C15 1PE WA . 30.80 -47.45 -16.00
C25 1PE WA . 29.72 -46.75 -15.18
OH6 1PE WA . 30.54 -47.42 -17.40
C16 1PE WA . 31.31 -48.35 -19.51
C26 1PE WA . 31.67 -47.96 -18.08
OH7 1PE WA . 31.13 -49.78 -19.61
#